data_6PSA
# 
_entry.id   6PSA 
# 
_audit_conform.dict_name       mmcif_pdbx.dic 
_audit_conform.dict_version    5.399 
_audit_conform.dict_location   http://mmcif.pdb.org/dictionaries/ascii/mmcif_pdbx.dic 
# 
loop_
_database_2.database_id 
_database_2.database_code 
_database_2.pdbx_database_accession 
_database_2.pdbx_DOI 
PDB   6PSA         pdb_00006psa 10.2210/pdb6psa/pdb 
WWPDB D_1000242979 ?            ?                   
# 
loop_
_pdbx_audit_revision_history.ordinal 
_pdbx_audit_revision_history.data_content_type 
_pdbx_audit_revision_history.major_revision 
_pdbx_audit_revision_history.minor_revision 
_pdbx_audit_revision_history.revision_date 
1 'Structure model' 1 0 2020-02-05 
2 'Structure model' 1 1 2024-11-20 
# 
_pdbx_audit_revision_details.ordinal             1 
_pdbx_audit_revision_details.revision_ordinal    1 
_pdbx_audit_revision_details.data_content_type   'Structure model' 
_pdbx_audit_revision_details.provider            repository 
_pdbx_audit_revision_details.type                'Initial release' 
_pdbx_audit_revision_details.description         ? 
_pdbx_audit_revision_details.details             ? 
# 
loop_
_pdbx_audit_revision_group.ordinal 
_pdbx_audit_revision_group.revision_ordinal 
_pdbx_audit_revision_group.data_content_type 
_pdbx_audit_revision_group.group 
1 2 'Structure model' 'Data collection'     
2 2 'Structure model' 'Database references' 
3 2 'Structure model' 'Structure summary'   
# 
loop_
_pdbx_audit_revision_category.ordinal 
_pdbx_audit_revision_category.revision_ordinal 
_pdbx_audit_revision_category.data_content_type 
_pdbx_audit_revision_category.category 
1 2 'Structure model' chem_comp_atom            
2 2 'Structure model' chem_comp_bond            
3 2 'Structure model' database_2                
4 2 'Structure model' pdbx_entry_details        
5 2 'Structure model' pdbx_modification_feature 
# 
loop_
_pdbx_audit_revision_item.ordinal 
_pdbx_audit_revision_item.revision_ordinal 
_pdbx_audit_revision_item.data_content_type 
_pdbx_audit_revision_item.item 
1 2 'Structure model' '_database_2.pdbx_DOI'                         
2 2 'Structure model' '_database_2.pdbx_database_accession'          
3 2 'Structure model' '_pdbx_entry_details.has_protein_modification' 
# 
_pdbx_database_status.status_code                     REL 
_pdbx_database_status.status_code_sf                  REL 
_pdbx_database_status.status_code_mr                  ? 
_pdbx_database_status.entry_id                        6PSA 
_pdbx_database_status.recvd_initial_deposition_date   2019-07-12 
_pdbx_database_status.SG_entry                        N 
_pdbx_database_status.deposit_site                    RCSB 
_pdbx_database_status.process_site                    RCSB 
_pdbx_database_status.status_code_cs                  ? 
_pdbx_database_status.methods_development_category    ? 
_pdbx_database_status.pdb_format_compatible           Y 
_pdbx_database_status.status_code_nmr_data            ? 
# 
loop_
_audit_author.name 
_audit_author.pdbx_ordinal 
_audit_author.identifier_ORCID 
'Hill, C.P.'    1 ? 
'Whitby, F.G.'  2 ? 
'Kay, M.'       3 ? 
'Weinstock, M.' 4 ? 
# 
_citation.abstract                  ? 
_citation.abstract_id_CAS           ? 
_citation.book_id_ISBN              ? 
_citation.book_publisher            ? 
_citation.book_publisher_city       ? 
_citation.book_title                ? 
_citation.coordinate_linkage        ? 
_citation.country                   UK 
_citation.database_id_Medline       ? 
_citation.details                   ? 
_citation.id                        primary 
_citation.journal_abbrev            Retrovirology 
_citation.journal_id_ASTM           ? 
_citation.journal_id_CSD            ? 
_citation.journal_id_ISSN           1742-4690 
_citation.journal_full              ? 
_citation.journal_issue             ? 
_citation.journal_volume            16 
_citation.language                  ? 
_citation.page_first                28 
_citation.page_last                 28 
_citation.title                     'Characterization of resistance to a potent D-peptide HIV entry inhibitor.' 
_citation.year                      2019 
_citation.database_id_CSD           ? 
_citation.pdbx_database_id_DOI      10.1186/s12977-019-0489-7 
_citation.pdbx_database_id_PubMed   31640718 
_citation.unpublished_flag          ? 
# 
loop_
_citation_author.citation_id 
_citation_author.name 
_citation_author.ordinal 
_citation_author.identifier_ORCID 
primary 'Smith, A.R.'     1 ?                   
primary 'Weinstock, M.T.' 2 ?                   
primary 'Siglin, A.E.'    3 ?                   
primary 'Whitby, F.G.'    4 ?                   
primary 'Francis, J.N.'   5 ?                   
primary 'Hill, C.P.'      6 ?                   
primary 'Eckert, D.M.'    7 ?                   
primary 'Root, M.J.'      8 ?                   
primary 'Kay, M.S.'       9 0000-0003-3186-9684 
# 
loop_
_entity.id 
_entity.type 
_entity.src_method 
_entity.pdbx_description 
_entity.formula_weight 
_entity.pdbx_number_of_molecules 
_entity.pdbx_ec 
_entity.pdbx_mutation 
_entity.pdbx_fragment 
_entity.details 
1 polymer     syn 'PIE12 D-peptide' 2029.301 1  ? ?     ?                                                                   ? 
2 polymer     syn IQN17             5542.534 1  ? Q577R 'GP41 HYDROPHOBIC POCKET, RESIDUES 565-581, GCN4, RESIDUES 249-276' ? 
3 non-polymer syn 'CHLORIDE ION'    35.453   2  ? ?     ?                                                                   ? 
4 water       nat water             18.015   74 ? ?     ?                                                                   ? 
# 
loop_
_entity_poly.entity_id 
_entity_poly.type 
_entity_poly.nstd_linkage 
_entity_poly.nstd_monomer 
_entity_poly.pdbx_seq_one_letter_code 
_entity_poly.pdbx_seq_one_letter_code_can 
_entity_poly.pdbx_strand_id 
_entity_poly.pdbx_target_identifier 
1 'polypeptide(D)' no yes 
;(ACE)(DLY)G(DHI)(DPR)(DCY)(DAS)(DTY)(DPR)(DGL)(DTR)(DGN)(DTR)(DLE)(DCY)(DGL)
(DLE)(NH2)
;
XKGHPCDYPEWQWLCELX                              H ? 
2 'polypeptide(L)' no yes '(ACE)R(MSE)KQIEDKIEEIESKQKKIENEIARIKKLLQLTVWGIKQLRARIL(NH2)'                             
XRMKQIEDKIEEIESKQKKIENEIARIKKLLQLTVWGIKQLRARILX A ? 
# 
loop_
_pdbx_entity_nonpoly.entity_id 
_pdbx_entity_nonpoly.name 
_pdbx_entity_nonpoly.comp_id 
3 'CHLORIDE ION' CL  
4 water          HOH 
# 
loop_
_entity_poly_seq.entity_id 
_entity_poly_seq.num 
_entity_poly_seq.mon_id 
_entity_poly_seq.hetero 
1 1  ACE n 
1 2  DLY n 
1 3  GLY n 
1 4  DHI n 
1 5  DPR n 
1 6  DCY n 
1 7  DAS n 
1 8  DTY n 
1 9  DPR n 
1 10 DGL n 
1 11 DTR n 
1 12 DGN n 
1 13 DTR n 
1 14 DLE n 
1 15 DCY n 
1 16 DGL n 
1 17 DLE n 
1 18 NH2 n 
2 1  ACE n 
2 2  ARG n 
2 3  MSE n 
2 4  LYS n 
2 5  GLN n 
2 6  ILE n 
2 7  GLU n 
2 8  ASP n 
2 9  LYS n 
2 10 ILE n 
2 11 GLU n 
2 12 GLU n 
2 13 ILE n 
2 14 GLU n 
2 15 SER n 
2 16 LYS n 
2 17 GLN n 
2 18 LYS n 
2 19 LYS n 
2 20 ILE n 
2 21 GLU n 
2 22 ASN n 
2 23 GLU n 
2 24 ILE n 
2 25 ALA n 
2 26 ARG n 
2 27 ILE n 
2 28 LYS n 
2 29 LYS n 
2 30 LEU n 
2 31 LEU n 
2 32 GLN n 
2 33 LEU n 
2 34 THR n 
2 35 VAL n 
2 36 TRP n 
2 37 GLY n 
2 38 ILE n 
2 39 LYS n 
2 40 GLN n 
2 41 LEU n 
2 42 ARG n 
2 43 ALA n 
2 44 ARG n 
2 45 ILE n 
2 46 LEU n 
2 47 NH2 n 
# 
loop_
_pdbx_entity_src_syn.entity_id 
_pdbx_entity_src_syn.pdbx_src_id 
_pdbx_entity_src_syn.pdbx_alt_source_flag 
_pdbx_entity_src_syn.pdbx_beg_seq_num 
_pdbx_entity_src_syn.pdbx_end_seq_num 
_pdbx_entity_src_syn.organism_scientific 
_pdbx_entity_src_syn.organism_common_name 
_pdbx_entity_src_syn.ncbi_taxonomy_id 
_pdbx_entity_src_syn.details 
1 1 sample 1  18 'synthetic construct'                 ? 32630 ? 
2 1 sample 1  29 'Saccharomyces cerevisiae'            ? 4932  ? 
2 2 sample 30 47 'Human immunodeficiency virus type 1' ? 11676 ? 
# 
loop_
_chem_comp.id 
_chem_comp.type 
_chem_comp.mon_nstd_flag 
_chem_comp.name 
_chem_comp.pdbx_synonyms 
_chem_comp.formula 
_chem_comp.formula_weight 
ACE non-polymer         . 'ACETYL GROUP'    ? 'C2 H4 O'        44.053  
ALA 'L-peptide linking' y ALANINE           ? 'C3 H7 N O2'     89.093  
ARG 'L-peptide linking' y ARGININE          ? 'C6 H15 N4 O2 1' 175.209 
ASN 'L-peptide linking' y ASPARAGINE        ? 'C4 H8 N2 O3'    132.118 
ASP 'L-peptide linking' y 'ASPARTIC ACID'   ? 'C4 H7 N O4'     133.103 
CL  non-polymer         . 'CHLORIDE ION'    ? 'Cl -1'          35.453  
DAS 'D-peptide linking' . 'D-ASPARTIC ACID' ? 'C4 H7 N O4'     133.103 
DCY 'D-peptide linking' . D-CYSTEINE        ? 'C3 H7 N O2 S'   121.158 
DGL 'D-peptide linking' . 'D-GLUTAMIC ACID' ? 'C5 H9 N O4'     147.129 
DGN 'D-peptide linking' . D-GLUTAMINE       ? 'C5 H10 N2 O3'   146.144 
DHI 'D-peptide linking' . D-HISTIDINE       ? 'C6 H10 N3 O2 1' 156.162 
DLE 'D-peptide linking' . D-LEUCINE         ? 'C6 H13 N O2'    131.173 
DLY 'D-peptide linking' . D-LYSINE          ? 'C6 H14 N2 O2'   146.188 
DPR 'D-peptide linking' . D-PROLINE         ? 'C5 H9 N O2'     115.130 
DTR 'D-peptide linking' . D-TRYPTOPHAN      ? 'C11 H12 N2 O2'  204.225 
DTY 'D-peptide linking' . D-TYROSINE        ? 'C9 H11 N O3'    181.189 
GLN 'L-peptide linking' y GLUTAMINE         ? 'C5 H10 N2 O3'   146.144 
GLU 'L-peptide linking' y 'GLUTAMIC ACID'   ? 'C5 H9 N O4'     147.129 
GLY 'peptide linking'   y GLYCINE           ? 'C2 H5 N O2'     75.067  
HIS 'L-peptide linking' y HISTIDINE         ? 'C6 H10 N3 O2 1' 156.162 
HOH non-polymer         . WATER             ? 'H2 O'           18.015  
ILE 'L-peptide linking' y ISOLEUCINE        ? 'C6 H13 N O2'    131.173 
LEU 'L-peptide linking' y LEUCINE           ? 'C6 H13 N O2'    131.173 
LYS 'L-peptide linking' y LYSINE            ? 'C6 H15 N2 O2 1' 147.195 
MSE 'L-peptide linking' n SELENOMETHIONINE  ? 'C5 H11 N O2 Se' 196.106 
NH2 non-polymer         . 'AMINO GROUP'     ? 'H2 N'           16.023  
SER 'L-peptide linking' y SERINE            ? 'C3 H7 N O3'     105.093 
THR 'L-peptide linking' y THREONINE         ? 'C4 H9 N O3'     119.119 
TRP 'L-peptide linking' y TRYPTOPHAN        ? 'C11 H12 N2 O2'  204.225 
TYR 'L-peptide linking' y TYROSINE          ? 'C9 H11 N O3'    181.189 
VAL 'L-peptide linking' y VALINE            ? 'C5 H11 N O2'    117.146 
# 
loop_
_pdbx_poly_seq_scheme.asym_id 
_pdbx_poly_seq_scheme.entity_id 
_pdbx_poly_seq_scheme.seq_id 
_pdbx_poly_seq_scheme.mon_id 
_pdbx_poly_seq_scheme.ndb_seq_num 
_pdbx_poly_seq_scheme.pdb_seq_num 
_pdbx_poly_seq_scheme.auth_seq_num 
_pdbx_poly_seq_scheme.pdb_mon_id 
_pdbx_poly_seq_scheme.auth_mon_id 
_pdbx_poly_seq_scheme.pdb_strand_id 
_pdbx_poly_seq_scheme.pdb_ins_code 
_pdbx_poly_seq_scheme.hetero 
A 1 1  ACE 1  0  0  ACE ACE H . n 
A 1 2  DLY 2  1  1  DLY DLY H . n 
A 1 3  GLY 3  2  2  GLY GLY H . n 
A 1 4  DHI 4  3  3  DHI DHI H . n 
A 1 5  DPR 5  4  4  DPR DPR H . n 
A 1 6  DCY 6  5  5  DCY DCY H . n 
A 1 7  DAS 7  6  6  DAS DAS H . n 
A 1 8  DTY 8  7  7  DTY DTY H . n 
A 1 9  DPR 9  8  8  DPR DPR H . n 
A 1 10 DGL 10 9  9  DGL DGL H . n 
A 1 11 DTR 11 10 10 DTR DTR H . n 
A 1 12 DGN 12 11 11 DGN DGN H . n 
A 1 13 DTR 13 12 12 DTR DTR H . n 
A 1 14 DLE 14 13 13 DLE DLE H . n 
A 1 15 DCY 15 14 14 DCY DCY H . n 
A 1 16 DGL 16 15 15 DGL DGL H . n 
A 1 17 DLE 17 16 16 DLE DLE H . n 
A 1 18 NH2 18 17 17 NH2 NH2 H . n 
B 2 1  ACE 1  0  0  ACE ACE A . n 
B 2 2  ARG 2  1  1  ARG ARG A . n 
B 2 3  MSE 3  2  2  MSE MSE A . n 
B 2 4  LYS 4  3  3  LYS LYS A . n 
B 2 5  GLN 5  4  4  GLN GLN A . n 
B 2 6  ILE 6  5  5  ILE ILE A . n 
B 2 7  GLU 7  6  6  GLU GLU A . n 
B 2 8  ASP 8  7  7  ASP ASP A . n 
B 2 9  LYS 9  8  8  LYS LYS A . n 
B 2 10 ILE 10 9  9  ILE ILE A . n 
B 2 11 GLU 11 10 10 GLU GLU A . n 
B 2 12 GLU 12 11 11 GLU GLU A . n 
B 2 13 ILE 13 12 12 ILE ILE A . n 
B 2 14 GLU 14 13 13 GLU GLU A . n 
B 2 15 SER 15 14 14 SER SER A . n 
B 2 16 LYS 16 15 15 LYS LYS A . n 
B 2 17 GLN 17 16 16 GLN GLN A . n 
B 2 18 LYS 18 17 17 LYS LYS A . n 
B 2 19 LYS 19 18 18 LYS LYS A . n 
B 2 20 ILE 20 19 19 ILE ILE A . n 
B 2 21 GLU 21 20 20 GLU GLU A . n 
B 2 22 ASN 22 21 21 ASN ASN A . n 
B 2 23 GLU 23 22 22 GLU GLU A . n 
B 2 24 ILE 24 23 23 ILE ILE A . n 
B 2 25 ALA 25 24 24 ALA ALA A . n 
B 2 26 ARG 26 25 25 ARG ARG A . n 
B 2 27 ILE 27 26 26 ILE ILE A . n 
B 2 28 LYS 28 27 27 LYS LYS A . n 
B 2 29 LYS 29 28 28 LYS LYS A . n 
B 2 30 LEU 30 29 29 LEU LEU A . n 
B 2 31 LEU 31 30 30 LEU LEU A . n 
B 2 32 GLN 32 31 31 GLN GLN A . n 
B 2 33 LEU 33 32 32 LEU LEU A . n 
B 2 34 THR 34 33 33 THR THR A . n 
B 2 35 VAL 35 34 34 VAL VAL A . n 
B 2 36 TRP 36 35 35 TRP TRP A . n 
B 2 37 GLY 37 36 36 GLY GLY A . n 
B 2 38 ILE 38 37 37 ILE ILE A . n 
B 2 39 LYS 39 38 38 LYS LYS A . n 
B 2 40 GLN 40 39 39 GLN GLN A . n 
B 2 41 LEU 41 40 40 LEU LEU A . n 
B 2 42 ARG 42 41 41 ARG ARG A . n 
B 2 43 ALA 43 42 42 ALA ALA A . n 
B 2 44 ARG 44 43 43 ARG ARG A . n 
B 2 45 ILE 45 44 44 ILE ILE A . n 
B 2 46 LEU 46 45 45 LEU LEU A . n 
B 2 47 NH2 47 46 46 NH2 NH2 A . n 
# 
loop_
_pdbx_nonpoly_scheme.asym_id 
_pdbx_nonpoly_scheme.entity_id 
_pdbx_nonpoly_scheme.mon_id 
_pdbx_nonpoly_scheme.ndb_seq_num 
_pdbx_nonpoly_scheme.pdb_seq_num 
_pdbx_nonpoly_scheme.auth_seq_num 
_pdbx_nonpoly_scheme.pdb_mon_id 
_pdbx_nonpoly_scheme.auth_mon_id 
_pdbx_nonpoly_scheme.pdb_strand_id 
_pdbx_nonpoly_scheme.pdb_ins_code 
C 3 CL  1  101 104 CL  CL  A . 
D 3 CL  1  102 105 CL  CL  A . 
E 4 HOH 1  201 201 HOH HOH H . 
E 4 HOH 2  202 202 HOH HOH H . 
E 4 HOH 3  203 203 HOH HOH H . 
E 4 HOH 4  204 204 HOH HOH H . 
E 4 HOH 5  205 205 HOH HOH H . 
E 4 HOH 6  206 206 HOH HOH H . 
E 4 HOH 7  207 217 HOH HOH H . 
E 4 HOH 8  208 207 HOH HOH H . 
E 4 HOH 9  209 208 HOH HOH H . 
E 4 HOH 10 210 209 HOH HOH H . 
E 4 HOH 11 211 210 HOH HOH H . 
E 4 HOH 12 212 211 HOH HOH H . 
E 4 HOH 13 213 212 HOH HOH H . 
E 4 HOH 14 214 213 HOH HOH H . 
E 4 HOH 15 215 214 HOH HOH H . 
E 4 HOH 16 216 215 HOH HOH H . 
E 4 HOH 17 217 216 HOH HOH H . 
E 4 HOH 18 218 217 HOH HOH H . 
E 4 HOH 19 219 218 HOH HOH H . 
E 4 HOH 20 220 219 HOH HOH H . 
E 4 HOH 21 221 220 HOH HOH H . 
F 4 HOH 1  201 201 HOH HOH A . 
F 4 HOH 2  202 202 HOH HOH A . 
F 4 HOH 3  203 203 HOH HOH A . 
F 4 HOH 4  204 204 HOH HOH A . 
F 4 HOH 5  205 205 HOH HOH A . 
F 4 HOH 6  206 206 HOH HOH A . 
F 4 HOH 7  207 207 HOH HOH A . 
F 4 HOH 8  208 208 HOH HOH A . 
F 4 HOH 9  209 209 HOH HOH A . 
F 4 HOH 10 210 210 HOH HOH A . 
F 4 HOH 11 211 211 HOH HOH A . 
F 4 HOH 12 212 212 HOH HOH A . 
F 4 HOH 13 213 213 HOH HOH A . 
F 4 HOH 14 214 214 HOH HOH A . 
F 4 HOH 15 215 215 HOH HOH A . 
F 4 HOH 16 216 216 HOH HOH A . 
F 4 HOH 17 217 218 HOH HOH A . 
F 4 HOH 18 218 219 HOH HOH A . 
F 4 HOH 19 219 220 HOH HOH A . 
F 4 HOH 20 220 221 HOH HOH A . 
F 4 HOH 21 221 222 HOH HOH A . 
F 4 HOH 22 222 223 HOH HOH A . 
F 4 HOH 23 223 224 HOH HOH A . 
F 4 HOH 24 224 225 HOH HOH A . 
F 4 HOH 25 225 226 HOH HOH A . 
F 4 HOH 26 226 227 HOH HOH A . 
F 4 HOH 27 227 228 HOH HOH A . 
F 4 HOH 28 228 229 HOH HOH A . 
F 4 HOH 29 229 230 HOH HOH A . 
F 4 HOH 30 230 231 HOH HOH A . 
F 4 HOH 31 231 232 HOH HOH A . 
F 4 HOH 32 232 233 HOH HOH A . 
F 4 HOH 33 233 234 HOH HOH A . 
F 4 HOH 34 234 235 HOH HOH A . 
F 4 HOH 35 235 236 HOH HOH A . 
F 4 HOH 36 236 237 HOH HOH A . 
F 4 HOH 37 237 238 HOH HOH A . 
F 4 HOH 38 238 239 HOH HOH A . 
F 4 HOH 39 239 240 HOH HOH A . 
F 4 HOH 40 240 241 HOH HOH A . 
F 4 HOH 41 241 242 HOH HOH A . 
F 4 HOH 42 242 243 HOH HOH A . 
F 4 HOH 43 243 244 HOH HOH A . 
F 4 HOH 44 244 245 HOH HOH A . 
F 4 HOH 45 245 246 HOH HOH A . 
F 4 HOH 46 246 247 HOH HOH A . 
F 4 HOH 47 247 248 HOH HOH A . 
F 4 HOH 48 248 249 HOH HOH A . 
F 4 HOH 49 249 250 HOH HOH A . 
F 4 HOH 50 250 251 HOH HOH A . 
F 4 HOH 51 251 252 HOH HOH A . 
F 4 HOH 52 252 253 HOH HOH A . 
F 4 HOH 53 253 254 HOH HOH A . 
# 
loop_
_software.citation_id 
_software.classification 
_software.compiler_name 
_software.compiler_version 
_software.contact_author 
_software.contact_author_email 
_software.date 
_software.description 
_software.dependencies 
_software.hardware 
_software.language 
_software.location 
_software.mods 
_software.name 
_software.os 
_software.os_version 
_software.type 
_software.version 
_software.pdbx_ordinal 
? refinement       ? ? ? ? ? ? ? ? ? ? ? PHENIX    ? ? ? 1.7.1_743 1 
? 'data reduction' ? ? ? ? ? ? ? ? ? ? ? HKL-2000  ? ? ? .         2 
? 'data scaling'   ? ? ? ? ? ? ? ? ? ? ? SCALEPACK ? ? ? .         3 
? phasing          ? ? ? ? ? ? ? ? ? ? ? PHASER    ? ? ? .         4 
# 
_cell.entry_id           6PSA 
_cell.length_a           48.843 
_cell.length_b           48.843 
_cell.length_c           67.634 
_cell.angle_alpha        90.00 
_cell.angle_beta         90.00 
_cell.angle_gamma        120.00 
_cell.Z_PDB              9 
_cell.pdbx_unique_axis   ? 
# 
_symmetry.entry_id                         6PSA 
_symmetry.space_group_name_H-M             'H 3' 
_symmetry.pdbx_full_space_group_name_H-M   ? 
_symmetry.cell_setting                     ? 
_symmetry.Int_Tables_number                146 
# 
_exptl.absorpt_coefficient_mu     ? 
_exptl.absorpt_correction_T_max   ? 
_exptl.absorpt_correction_T_min   ? 
_exptl.absorpt_correction_type    ? 
_exptl.absorpt_process_details    ? 
_exptl.entry_id                   6PSA 
_exptl.crystals_number            1 
_exptl.details                    ? 
_exptl.method                     'X-RAY DIFFRACTION' 
_exptl.method_details             ? 
# 
_exptl_crystal.colour                      ? 
_exptl_crystal.density_diffrn              ? 
_exptl_crystal.density_Matthews            2.05 
_exptl_crystal.density_method              ? 
_exptl_crystal.density_percent_sol         40.01 
_exptl_crystal.description                 ? 
_exptl_crystal.F_000                       ? 
_exptl_crystal.id                          1 
_exptl_crystal.preparation                 ? 
_exptl_crystal.size_max                    ? 
_exptl_crystal.size_mid                    ? 
_exptl_crystal.size_min                    ? 
_exptl_crystal.size_rad                    ? 
_exptl_crystal.colour_lustre               ? 
_exptl_crystal.colour_modifier             ? 
_exptl_crystal.colour_primary              ? 
_exptl_crystal.density_meas                ? 
_exptl_crystal.density_meas_esd            ? 
_exptl_crystal.density_meas_gt             ? 
_exptl_crystal.density_meas_lt             ? 
_exptl_crystal.density_meas_temp           ? 
_exptl_crystal.density_meas_temp_esd       ? 
_exptl_crystal.density_meas_temp_gt        ? 
_exptl_crystal.density_meas_temp_lt        ? 
_exptl_crystal.pdbx_crystal_image_url      ? 
_exptl_crystal.pdbx_crystal_image_format   ? 
_exptl_crystal.pdbx_mosaicity              ? 
_exptl_crystal.pdbx_mosaicity_esd          ? 
# 
_exptl_crystal_grow.apparatus       ? 
_exptl_crystal_grow.atmosphere      ? 
_exptl_crystal_grow.crystal_id      1 
_exptl_crystal_grow.details         ? 
_exptl_crystal_grow.method          'VAPOR DIFFUSION, SITTING DROP' 
_exptl_crystal_grow.method_ref      ? 
_exptl_crystal_grow.pH              4.6 
_exptl_crystal_grow.pressure        ? 
_exptl_crystal_grow.pressure_esd    ? 
_exptl_crystal_grow.seeding         ? 
_exptl_crystal_grow.seeding_ref     ? 
_exptl_crystal_grow.temp            294 
_exptl_crystal_grow.temp_details    K 
_exptl_crystal_grow.temp_esd        ? 
_exptl_crystal_grow.time            ? 
_exptl_crystal_grow.pdbx_details    
'HAMPTON RESEARCH SALT RX SCREEN, CONDITION B4 - 1.8M AMMONIUM CITRATE DIBASIC, 0.1 M SODIUM ACETATE TRIHYDRATE, PH 4.6' 
_exptl_crystal_grow.pdbx_pH_range   ? 
# 
_diffrn.ambient_environment              ? 
_diffrn.ambient_temp                     100 
_diffrn.ambient_temp_details             K 
_diffrn.ambient_temp_esd                 ? 
_diffrn.crystal_id                       1 
_diffrn.crystal_support                  ? 
_diffrn.crystal_treatment                ? 
_diffrn.details                          ? 
_diffrn.id                               1 
_diffrn.ambient_pressure                 ? 
_diffrn.ambient_pressure_esd             ? 
_diffrn.ambient_pressure_gt              ? 
_diffrn.ambient_pressure_lt              ? 
_diffrn.ambient_temp_gt                  ? 
_diffrn.ambient_temp_lt                  ? 
_diffrn.pdbx_serial_crystal_experiment   N 
# 
_diffrn_detector.details                      ? 
_diffrn_detector.detector                     CCD 
_diffrn_detector.diffrn_id                    1 
_diffrn_detector.type                         'ADSC QUANTUM 315' 
_diffrn_detector.area_resol_mean              ? 
_diffrn_detector.dtime                        ? 
_diffrn_detector.pdbx_frames_total            ? 
_diffrn_detector.pdbx_collection_time_total   ? 
_diffrn_detector.pdbx_collection_date         2011-11-19 
_diffrn_detector.pdbx_frequency               ? 
# 
_diffrn_radiation.collimation                      ? 
_diffrn_radiation.diffrn_id                        1 
_diffrn_radiation.filter_edge                      ? 
_diffrn_radiation.inhomogeneity                    ? 
_diffrn_radiation.monochromator                    M 
_diffrn_radiation.polarisn_norm                    ? 
_diffrn_radiation.polarisn_ratio                   ? 
_diffrn_radiation.probe                            ? 
_diffrn_radiation.type                             ? 
_diffrn_radiation.xray_symbol                      ? 
_diffrn_radiation.wavelength_id                    1 
_diffrn_radiation.pdbx_monochromatic_or_laue_m_l   M 
_diffrn_radiation.pdbx_wavelength_list             ? 
_diffrn_radiation.pdbx_wavelength                  ? 
_diffrn_radiation.pdbx_diffrn_protocol             'SINGLE WAVELENGTH' 
_diffrn_radiation.pdbx_analyzer                    ? 
_diffrn_radiation.pdbx_scattering_type             x-ray 
# 
_diffrn_radiation_wavelength.id           1 
_diffrn_radiation_wavelength.wavelength   0.97591 
_diffrn_radiation_wavelength.wt           1.0 
# 
_diffrn_source.current                     ? 
_diffrn_source.details                     ? 
_diffrn_source.diffrn_id                   1 
_diffrn_source.power                       ? 
_diffrn_source.size                        ? 
_diffrn_source.source                      SYNCHROTRON 
_diffrn_source.target                      ? 
_diffrn_source.type                        'SSRL BEAMLINE BL7-1' 
_diffrn_source.voltage                     ? 
_diffrn_source.take-off_angle              ? 
_diffrn_source.pdbx_wavelength_list        0.97591 
_diffrn_source.pdbx_wavelength             ? 
_diffrn_source.pdbx_synchrotron_beamline   BL7-1 
_diffrn_source.pdbx_synchrotron_site       SSRL 
# 
_reflns.pdbx_diffrn_id               1 
_reflns.pdbx_ordinal                 1 
_reflns.entry_id                     6PSA 
_reflns.observed_criterion_sigma_I   ? 
_reflns.observed_criterion_sigma_F   ? 
_reflns.d_resolution_low             50.000 
_reflns.d_resolution_high            1.300 
_reflns.number_obs                   14574 
_reflns.number_all                   ? 
_reflns.percent_possible_obs         98.5 
_reflns.pdbx_Rmerge_I_obs            0.07400 
_reflns.pdbx_Rsym_value              ? 
_reflns.pdbx_netI_over_sigmaI        26.2000 
_reflns.B_iso_Wilson_estimate        ? 
_reflns.pdbx_redundancy              10.10 
_reflns.pdbx_CC_half                 ? 
_reflns.pdbx_Rpim_I_all              ? 
_reflns.pdbx_Rrim_I_all              ? 
# 
_reflns_shell.pdbx_diffrn_id         1 
_reflns_shell.pdbx_ordinal           1 
_reflns_shell.d_res_high             1.30 
_reflns_shell.d_res_low              1.32 
_reflns_shell.percent_possible_all   99.9 
_reflns_shell.Rmerge_I_obs           0.37500 
_reflns_shell.pdbx_Rsym_value        ? 
_reflns_shell.meanI_over_sigI_obs    ? 
_reflns_shell.pdbx_redundancy        7.10 
_reflns_shell.number_measured_obs    ? 
_reflns_shell.number_unique_all      ? 
_reflns_shell.number_unique_obs      ? 
_reflns_shell.pdbx_CC_half           ? 
_reflns_shell.pdbx_Rpim_I_all        ? 
_reflns_shell.pdbx_Rrim_I_all        ? 
# 
_refine.pdbx_refine_id                           'X-RAY DIFFRACTION' 
_refine.entry_id                                 6PSA 
_refine.pdbx_diffrn_id                           1 
_refine.pdbx_TLS_residual_ADP_flag               ? 
_refine.ls_number_reflns_obs                     14513 
_refine.ls_number_reflns_all                     ? 
_refine.pdbx_ls_sigma_I                          ? 
_refine.pdbx_ls_sigma_F                          1.970 
_refine.pdbx_data_cutoff_high_absF               ? 
_refine.pdbx_data_cutoff_low_absF                ? 
_refine.pdbx_data_cutoff_high_rms_absF           ? 
_refine.ls_d_res_low                             13.21 
_refine.ls_d_res_high                            1.30 
_refine.ls_percent_reflns_obs                    98.1 
_refine.ls_R_factor_obs                          0.180 
_refine.ls_R_factor_all                          ? 
_refine.ls_R_factor_R_work                       0.176 
_refine.ls_R_factor_R_free                       0.217 
_refine.ls_R_factor_R_free_error                 ? 
_refine.ls_R_factor_R_free_error_details         ? 
_refine.ls_percent_reflns_R_free                 10.020 
_refine.ls_number_reflns_R_free                  1454 
_refine.ls_number_parameters                     ? 
_refine.ls_number_restraints                     ? 
_refine.occupancy_min                            ? 
_refine.occupancy_max                            ? 
_refine.correlation_coeff_Fo_to_Fc               ? 
_refine.correlation_coeff_Fo_to_Fc_free          ? 
_refine.B_iso_mean                               26.18 
_refine.aniso_B[1][1]                            2.76980 
_refine.aniso_B[2][2]                            2.76980 
_refine.aniso_B[3][3]                            -5.53960 
_refine.aniso_B[1][2]                            0.00000 
_refine.aniso_B[1][3]                            0.00000 
_refine.aniso_B[2][3]                            0.00000 
_refine.solvent_model_details                    ? 
_refine.solvent_model_param_ksol                 0.56 
_refine.solvent_model_param_bsol                 66.47 
_refine.pdbx_solvent_vdw_probe_radii             1.20 
_refine.pdbx_solvent_ion_probe_radii             ? 
_refine.pdbx_solvent_shrinkage_radii             1.13 
_refine.pdbx_ls_cross_valid_method               'FREE R-VALUE' 
_refine.details                                  ? 
_refine.pdbx_starting_model                      ? 
_refine.pdbx_method_to_determine_struct          'MOLECULAR REPLACEMENT' 
_refine.pdbx_isotropic_thermal_model             ? 
_refine.pdbx_stereochemistry_target_values       ? 
_refine.pdbx_stereochem_target_val_spec_case     ? 
_refine.pdbx_R_Free_selection_details            ? 
_refine.pdbx_overall_ESU_R                       ? 
_refine.pdbx_overall_ESU_R_Free                  ? 
_refine.overall_SU_ML                            0.290 
_refine.pdbx_overall_phase_error                 23.070 
_refine.overall_SU_B                             ? 
_refine.overall_SU_R_Cruickshank_DPI             ? 
_refine.pdbx_overall_SU_R_free_Cruickshank_DPI   ? 
_refine.pdbx_overall_SU_R_Blow_DPI               ? 
_refine.pdbx_overall_SU_R_free_Blow_DPI          ? 
# 
_refine_hist.pdbx_refine_id                   'X-RAY DIFFRACTION' 
_refine_hist.cycle_id                         LAST 
_refine_hist.pdbx_number_atoms_protein        530 
_refine_hist.pdbx_number_atoms_nucleic_acid   0 
_refine_hist.pdbx_number_atoms_ligand         2 
_refine_hist.number_atoms_solvent             74 
_refine_hist.number_atoms_total               606 
_refine_hist.d_res_high                       1.30 
_refine_hist.d_res_low                        13.21 
# 
loop_
_refine_ls_restr.type 
_refine_ls_restr.dev_ideal 
_refine_ls_restr.dev_ideal_target 
_refine_ls_restr.weight 
_refine_ls_restr.number 
_refine_ls_restr.pdbx_refine_id 
_refine_ls_restr.pdbx_restraint_function 
f_bond_d           0.008  ? ? 539 'X-RAY DIFFRACTION' ? 
f_angle_d          1.123  ? ? 713 'X-RAY DIFFRACTION' ? 
f_dihedral_angle_d 14.871 ? ? 215 'X-RAY DIFFRACTION' ? 
f_chiral_restr     0.050  ? ? 76  'X-RAY DIFFRACTION' ? 
f_plane_restr      0.005  ? ? 88  'X-RAY DIFFRACTION' ? 
# 
loop_
_refine_ls_shell.pdbx_refine_id 
_refine_ls_shell.pdbx_total_number_of_bins_used 
_refine_ls_shell.d_res_high 
_refine_ls_shell.d_res_low 
_refine_ls_shell.number_reflns_R_work 
_refine_ls_shell.R_factor_R_work 
_refine_ls_shell.percent_reflns_obs 
_refine_ls_shell.R_factor_R_free 
_refine_ls_shell.R_factor_R_free_error 
_refine_ls_shell.percent_reflns_R_free 
_refine_ls_shell.number_reflns_R_free 
_refine_ls_shell.number_reflns_all 
_refine_ls_shell.R_factor_all 
_refine_ls_shell.R_factor_obs 
_refine_ls_shell.number_reflns_obs 
'X-RAY DIFFRACTION' . 1.3001 1.3465  1299 0.3117 99.00  0.3046 . . 161 . . . . 
'X-RAY DIFFRACTION' . 1.3465 1.4004  1330 0.2292 99.00  0.2599 . . 142 . . . . 
'X-RAY DIFFRACTION' . 1.4004 1.4640  1300 0.1776 100.00 0.2384 . . 159 . . . . 
'X-RAY DIFFRACTION' . 1.4640 1.5411  1294 0.1409 97.00  0.2261 . . 140 . . . . 
'X-RAY DIFFRACTION' . 1.5411 1.6375  1361 0.1488 100.00 0.1872 . . 149 . . . . 
'X-RAY DIFFRACTION' . 1.6375 1.7637  1334 0.1563 100.00 0.2127 . . 128 . . . . 
'X-RAY DIFFRACTION' . 1.7637 1.9406  1322 0.1524 100.00 0.2278 . . 153 . . . . 
'X-RAY DIFFRACTION' . 1.9406 2.2203  1346 0.1545 100.00 0.1921 . . 143 . . . . 
'X-RAY DIFFRACTION' . 2.2203 2.7930  1328 0.1579 100.00 0.2216 . . 152 . . . . 
'X-RAY DIFFRACTION' . 2.7930 13.2070 1145 0.2040 86.00  0.2139 . . 127 . . . . 
# 
_struct.entry_id                     6PSA 
_struct.title                        'PIE12 D-PEPTIDE AGAINST HIV ENTRY (IN COMPLEX WITH IQN17 Q577R RESISTANCE MUTANT)' 
_struct.pdbx_model_details           ? 
_struct.pdbx_formula_weight          ? 
_struct.pdbx_formula_weight_method   ? 
_struct.pdbx_model_type_details      ? 
_struct.pdbx_CASP_flag               N 
# 
_struct_keywords.entry_id        6PSA 
_struct_keywords.text            
'HIV, HELIX, HIV ENTRY INHIBITOR, IQN17 PIE12, D-PEPTIDE INHIBITOR, VIRAL PROTEIN-INHIBITOR complex' 
_struct_keywords.pdbx_keywords   'VIRAL PROTEIN/INHIBITOR' 
# 
loop_
_struct_asym.id 
_struct_asym.pdbx_blank_PDB_chainid_flag 
_struct_asym.pdbx_modified 
_struct_asym.entity_id 
_struct_asym.details 
A N N 1 ? 
B N N 2 ? 
C N N 3 ? 
D N N 3 ? 
E N N 4 ? 
F N N 4 ? 
# 
loop_
_struct_ref.id 
_struct_ref.db_name 
_struct_ref.db_code 
_struct_ref.pdbx_db_accession 
_struct_ref.pdbx_db_isoform 
_struct_ref.entity_id 
_struct_ref.pdbx_seq_one_letter_code 
_struct_ref.pdbx_align_begin 
1 PDB 6PSA       6PSA   ? 1 ?                            1   
2 UNP GCN4_YEAST P03069 ? 2 RMKQLEDKVEELLSKNYHLENEVARLKK 249 
3 UNP ENV_HV1H2  P04578 ? 2 LLQLTVWGIKQLQARIL            565 
# 
loop_
_struct_ref_seq.align_id 
_struct_ref_seq.ref_id 
_struct_ref_seq.pdbx_PDB_id_code 
_struct_ref_seq.pdbx_strand_id 
_struct_ref_seq.seq_align_beg 
_struct_ref_seq.pdbx_seq_align_beg_ins_code 
_struct_ref_seq.seq_align_end 
_struct_ref_seq.pdbx_seq_align_end_ins_code 
_struct_ref_seq.pdbx_db_accession 
_struct_ref_seq.db_align_beg 
_struct_ref_seq.pdbx_db_align_beg_ins_code 
_struct_ref_seq.db_align_end 
_struct_ref_seq.pdbx_db_align_end_ins_code 
_struct_ref_seq.pdbx_auth_seq_align_beg 
_struct_ref_seq.pdbx_auth_seq_align_end 
1 1 6PSA H 1  ? 18 ? 6PSA   0   ? 17  ? 0  17 
2 2 6PSA A 2  ? 29 ? P03069 249 ? 276 ? 1  28 
3 3 6PSA A 30 ? 46 ? P04578 565 ? 581 ? 29 45 
# 
loop_
_struct_ref_seq_dif.align_id 
_struct_ref_seq_dif.pdbx_pdb_id_code 
_struct_ref_seq_dif.mon_id 
_struct_ref_seq_dif.pdbx_pdb_strand_id 
_struct_ref_seq_dif.seq_num 
_struct_ref_seq_dif.pdbx_pdb_ins_code 
_struct_ref_seq_dif.pdbx_seq_db_name 
_struct_ref_seq_dif.pdbx_seq_db_accession_code 
_struct_ref_seq_dif.db_mon_id 
_struct_ref_seq_dif.pdbx_seq_db_seq_num 
_struct_ref_seq_dif.details 
_struct_ref_seq_dif.pdbx_auth_seq_num 
_struct_ref_seq_dif.pdbx_ordinal 
2 6PSA ACE A 1  ? UNP P03069 ?   ?   acetylation           0  1  
2 6PSA ILE A 6  ? UNP P03069 LEU 253 conflict              5  2  
2 6PSA ILE A 10 ? UNP P03069 VAL 257 conflict              9  3  
2 6PSA ILE A 13 ? UNP P03069 LEU 260 conflict              12 4  
2 6PSA GLU A 14 ? UNP P03069 LEU 261 conflict              13 5  
2 6PSA GLN A 17 ? UNP P03069 ASN 264 conflict              16 6  
2 6PSA LYS A 18 ? UNP P03069 TYR 265 conflict              17 7  
2 6PSA LYS A 19 ? UNP P03069 HIS 266 conflict              18 8  
2 6PSA ILE A 20 ? UNP P03069 LEU 267 conflict              19 9  
2 6PSA ILE A 24 ? UNP P03069 VAL 271 conflict              23 10 
2 6PSA ILE A 27 ? UNP P03069 LEU 274 conflict              26 11 
3 6PSA ARG A 42 ? UNP P04578 GLN 577 'engineered mutation' 41 12 
3 6PSA NH2 A 47 ? UNP P04578 ?   ?   amidation             46 13 
# 
_pdbx_struct_assembly.id                   1 
_pdbx_struct_assembly.details              author_and_software_defined_assembly 
_pdbx_struct_assembly.method_details       PISA 
_pdbx_struct_assembly.oligomeric_details   hexameric 
_pdbx_struct_assembly.oligomeric_count     6 
# 
loop_
_pdbx_struct_assembly_prop.biol_id 
_pdbx_struct_assembly_prop.type 
_pdbx_struct_assembly_prop.value 
_pdbx_struct_assembly_prop.details 
1 'ABSA (A^2)' 10350 ? 
1 MORE         -83   ? 
1 'SSA (A^2)'  11340 ? 
# 
_pdbx_struct_assembly_gen.assembly_id       1 
_pdbx_struct_assembly_gen.oper_expression   1,2,3 
_pdbx_struct_assembly_gen.asym_id_list      A,B,C,D,E,F 
# 
_pdbx_struct_assembly_auth_evidence.id                     1 
_pdbx_struct_assembly_auth_evidence.assembly_id            1 
_pdbx_struct_assembly_auth_evidence.experimental_support   'assay for oligomerization' 
_pdbx_struct_assembly_auth_evidence.details                ? 
# 
loop_
_pdbx_struct_oper_list.id 
_pdbx_struct_oper_list.type 
_pdbx_struct_oper_list.name 
_pdbx_struct_oper_list.symmetry_operation 
_pdbx_struct_oper_list.matrix[1][1] 
_pdbx_struct_oper_list.matrix[1][2] 
_pdbx_struct_oper_list.matrix[1][3] 
_pdbx_struct_oper_list.vector[1] 
_pdbx_struct_oper_list.matrix[2][1] 
_pdbx_struct_oper_list.matrix[2][2] 
_pdbx_struct_oper_list.matrix[2][3] 
_pdbx_struct_oper_list.vector[2] 
_pdbx_struct_oper_list.matrix[3][1] 
_pdbx_struct_oper_list.matrix[3][2] 
_pdbx_struct_oper_list.matrix[3][3] 
_pdbx_struct_oper_list.vector[3] 
1 'identity operation'         1_555 x,y,z     1.0000000000  0.0000000000  0.0000000000  0.0000000000  0.0000000000  1.0000000000 0.0000000000 0.0000000000  0.0000000000  0.0000000000 1.0000000000  0.0000000000  
2 'crystal symmetry operation' 2_555 -y,x-y,z  -0.4219657397 0.0372574381  -0.9058459018 12.3032358129 -0.6462945509 0.6883440789 0.3293717999 3.1695976327  0.6358052123  0.7244268855 -0.2663783392 -0.0379749393 
3 'crystal symmetry operation' 3_555 -x+y,-x,z -0.4219657397 -0.6462945509 0.6358052123  7.2641823431  0.0372574381  0.6883440789 0.7244268855 -2.6126507428 -0.9058459018 0.3293717999 -0.2663783392 10.0907439617 
# 
loop_
_struct_conf.conf_type_id 
_struct_conf.id 
_struct_conf.pdbx_PDB_helix_id 
_struct_conf.beg_label_comp_id 
_struct_conf.beg_label_asym_id 
_struct_conf.beg_label_seq_id 
_struct_conf.pdbx_beg_PDB_ins_code 
_struct_conf.end_label_comp_id 
_struct_conf.end_label_asym_id 
_struct_conf.end_label_seq_id 
_struct_conf.pdbx_end_PDB_ins_code 
_struct_conf.beg_auth_comp_id 
_struct_conf.beg_auth_asym_id 
_struct_conf.beg_auth_seq_id 
_struct_conf.end_auth_comp_id 
_struct_conf.end_auth_asym_id 
_struct_conf.end_auth_seq_id 
_struct_conf.pdbx_PDB_helix_class 
_struct_conf.details 
_struct_conf.pdbx_PDB_helix_length 
HELX_P HELX_P1 AA1 DHI A 4  ? DGL A 10 ? DHI H 3  DGL H 9  5 ? 7  
HELX_P HELX_P2 AA2 DTR A 11 ? DGL A 16 ? DTR H 10 DGL H 15 1 ? 6  
HELX_P HELX_P3 AA3 ARG B 2  ? LEU B 46 ? ARG A 1  LEU A 45 1 ? 45 
# 
_struct_conf_type.id          HELX_P 
_struct_conf_type.criteria    ? 
_struct_conf_type.reference   ? 
# 
loop_
_struct_conn.id 
_struct_conn.conn_type_id 
_struct_conn.pdbx_leaving_atom_flag 
_struct_conn.pdbx_PDB_id 
_struct_conn.ptnr1_label_asym_id 
_struct_conn.ptnr1_label_comp_id 
_struct_conn.ptnr1_label_seq_id 
_struct_conn.ptnr1_label_atom_id 
_struct_conn.pdbx_ptnr1_label_alt_id 
_struct_conn.pdbx_ptnr1_PDB_ins_code 
_struct_conn.pdbx_ptnr1_standard_comp_id 
_struct_conn.ptnr1_symmetry 
_struct_conn.ptnr2_label_asym_id 
_struct_conn.ptnr2_label_comp_id 
_struct_conn.ptnr2_label_seq_id 
_struct_conn.ptnr2_label_atom_id 
_struct_conn.pdbx_ptnr2_label_alt_id 
_struct_conn.pdbx_ptnr2_PDB_ins_code 
_struct_conn.ptnr1_auth_asym_id 
_struct_conn.ptnr1_auth_comp_id 
_struct_conn.ptnr1_auth_seq_id 
_struct_conn.ptnr2_auth_asym_id 
_struct_conn.ptnr2_auth_comp_id 
_struct_conn.ptnr2_auth_seq_id 
_struct_conn.ptnr2_symmetry 
_struct_conn.pdbx_ptnr3_label_atom_id 
_struct_conn.pdbx_ptnr3_label_seq_id 
_struct_conn.pdbx_ptnr3_label_comp_id 
_struct_conn.pdbx_ptnr3_label_asym_id 
_struct_conn.pdbx_ptnr3_label_alt_id 
_struct_conn.pdbx_ptnr3_PDB_ins_code 
_struct_conn.details 
_struct_conn.pdbx_dist_value 
_struct_conn.pdbx_value_order 
_struct_conn.pdbx_role 
disulf1  disulf ?    ? A DCY 6  SG ? ? ? 1_555 A DCY 15 SG ? ? H DCY 5  H DCY 14 1_555 ? ? ? ? ? ? ? 2.033 ? ? 
covale1  covale both ? A ACE 1  C  ? ? ? 1_555 A DLY 2  N  ? ? H ACE 0  H DLY 1  1_555 ? ? ? ? ? ? ? 1.333 ? ? 
covale2  covale both ? A DLY 2  C  ? ? ? 1_555 A GLY 3  N  ? ? H DLY 1  H GLY 2  1_555 ? ? ? ? ? ? ? 1.329 ? ? 
covale3  covale both ? A GLY 3  C  ? ? ? 1_555 A DHI 4  N  ? ? H GLY 2  H DHI 3  1_555 ? ? ? ? ? ? ? 1.329 ? ? 
covale4  covale both ? A DHI 4  C  ? ? ? 1_555 A DPR 5  N  ? ? H DHI 3  H DPR 4  1_555 ? ? ? ? ? ? ? 1.340 ? ? 
covale5  covale both ? A DPR 5  C  ? ? ? 1_555 A DCY 6  N  ? ? H DPR 4  H DCY 5  1_555 ? ? ? ? ? ? ? 1.330 ? ? 
covale6  covale both ? A DCY 6  C  ? ? ? 1_555 A DAS 7  N  ? ? H DCY 5  H DAS 6  1_555 ? ? ? ? ? ? ? 1.334 ? ? 
covale7  covale both ? A DAS 7  C  ? ? ? 1_555 A DTY 8  N  ? ? H DAS 6  H DTY 7  1_555 ? ? ? ? ? ? ? 1.326 ? ? 
covale8  covale both ? A DTY 8  C  ? ? ? 1_555 A DPR 9  N  ? ? H DTY 7  H DPR 8  1_555 ? ? ? ? ? ? ? 1.336 ? ? 
covale9  covale both ? A DPR 9  C  ? ? ? 1_555 A DGL 10 N  ? ? H DPR 8  H DGL 9  1_555 ? ? ? ? ? ? ? 1.330 ? ? 
covale10 covale both ? A DGL 10 C  ? ? ? 1_555 A DTR 11 N  ? ? H DGL 9  H DTR 10 1_555 ? ? ? ? ? ? ? 1.333 ? ? 
covale11 covale both ? A DTR 11 C  ? ? ? 1_555 A DGN 12 N  ? ? H DTR 10 H DGN 11 1_555 ? ? ? ? ? ? ? 1.326 ? ? 
covale12 covale both ? A DGN 12 C  ? ? ? 1_555 A DTR 13 N  ? ? H DGN 11 H DTR 12 1_555 ? ? ? ? ? ? ? 1.329 ? ? 
covale13 covale both ? A DTR 13 C  ? ? ? 1_555 A DLE 14 N  ? ? H DTR 12 H DLE 13 1_555 ? ? ? ? ? ? ? 1.333 ? ? 
covale14 covale both ? A DLE 14 C  ? ? ? 1_555 A DCY 15 N  ? ? H DLE 13 H DCY 14 1_555 ? ? ? ? ? ? ? 1.332 ? ? 
covale15 covale both ? A DCY 15 C  ? ? ? 1_555 A DGL 16 N  ? ? H DCY 14 H DGL 15 1_555 ? ? ? ? ? ? ? 1.331 ? ? 
covale16 covale both ? A DGL 16 C  ? ? ? 1_555 A DLE 17 N  ? ? H DGL 15 H DLE 16 1_555 ? ? ? ? ? ? ? 1.325 ? ? 
covale17 covale both ? A DLE 17 C  ? ? ? 1_555 A NH2 18 N  ? ? H DLE 16 H NH2 17 1_555 ? ? ? ? ? ? ? 1.324 ? ? 
covale18 covale both ? B ACE 1  C  ? ? ? 1_555 B ARG 2  N  ? ? A ACE 0  A ARG 1  1_555 ? ? ? ? ? ? ? 1.330 ? ? 
covale19 covale both ? B ARG 2  C  ? ? ? 1_555 B MSE 3  N  ? ? A ARG 1  A MSE 2  1_555 ? ? ? ? ? ? ? 1.330 ? ? 
covale20 covale both ? B MSE 3  C  ? ? ? 1_555 B LYS 4  N  ? ? A MSE 2  A LYS 3  1_555 ? ? ? ? ? ? ? 1.330 ? ? 
covale21 covale both ? B LEU 46 C  ? ? ? 1_555 B NH2 47 N  ? ? A LEU 45 A NH2 46 1_555 ? ? ? ? ? ? ? 1.327 ? ? 
# 
loop_
_struct_conn_type.id 
_struct_conn_type.criteria 
_struct_conn_type.reference 
disulf ? ? 
covale ? ? 
# 
loop_
_pdbx_modification_feature.ordinal 
_pdbx_modification_feature.label_comp_id 
_pdbx_modification_feature.label_asym_id 
_pdbx_modification_feature.label_seq_id 
_pdbx_modification_feature.label_alt_id 
_pdbx_modification_feature.modified_residue_label_comp_id 
_pdbx_modification_feature.modified_residue_label_asym_id 
_pdbx_modification_feature.modified_residue_label_seq_id 
_pdbx_modification_feature.modified_residue_label_alt_id 
_pdbx_modification_feature.auth_comp_id 
_pdbx_modification_feature.auth_asym_id 
_pdbx_modification_feature.auth_seq_id 
_pdbx_modification_feature.PDB_ins_code 
_pdbx_modification_feature.symmetry 
_pdbx_modification_feature.modified_residue_auth_comp_id 
_pdbx_modification_feature.modified_residue_auth_asym_id 
_pdbx_modification_feature.modified_residue_auth_seq_id 
_pdbx_modification_feature.modified_residue_PDB_ins_code 
_pdbx_modification_feature.modified_residue_symmetry 
_pdbx_modification_feature.comp_id_linking_atom 
_pdbx_modification_feature.modified_residue_id_linking_atom 
_pdbx_modification_feature.modified_residue_id 
_pdbx_modification_feature.ref_pcm_id 
_pdbx_modification_feature.ref_comp_id 
_pdbx_modification_feature.type 
_pdbx_modification_feature.category 
1 MSE B 3  ? .   . .  . MSE A 2  ? 1_555 .   . .  . .     .  .  MET 1  MSE Selenomethionine 'Named protein modification' 
2 ACE A 1  ? DLY A 2  ? ACE H 0  ? 1_555 DLY H 1  ? 1_555 .  .  DLY 35 ACE None             'Terminal acetylation'       
3 ACE B 1  ? ARG B 2  ? ACE A 0  ? 1_555 ARG A 1  ? 1_555 .  .  ARG 8  ACE None             'Terminal acetylation'       
4 NH2 A 18 ? DLE A 17 ? NH2 H 17 ? 1_555 DLE H 16 ? 1_555 .  .  DLE 31 NH2 None             'Terminal amidation'         
5 NH2 B 47 ? LEU B 46 ? NH2 A 46 ? 1_555 LEU A 45 ? 1_555 .  .  LEU 14 NH2 None             'Terminal amidation'         
6 DCY A 6  ? DCY A 15 ? DCY H 5  ? 1_555 DCY H 14 ? 1_555 SG SG .   .  .   None             'Disulfide bridge'           
# 
loop_
_struct_site.id 
_struct_site.pdbx_evidence_code 
_struct_site.pdbx_auth_asym_id 
_struct_site.pdbx_auth_comp_id 
_struct_site.pdbx_auth_seq_id 
_struct_site.pdbx_auth_ins_code 
_struct_site.pdbx_num_residues 
_struct_site.details 
AC1 Software A CL 101 ? 6 'binding site for residue CL A 101' 
AC2 Software A CL 102 ? 5 'binding site for residue CL A 102' 
# 
loop_
_struct_site_gen.id 
_struct_site_gen.site_id 
_struct_site_gen.pdbx_num_res 
_struct_site_gen.label_comp_id 
_struct_site_gen.label_asym_id 
_struct_site_gen.label_seq_id 
_struct_site_gen.pdbx_auth_ins_code 
_struct_site_gen.auth_comp_id 
_struct_site_gen.auth_asym_id 
_struct_site_gen.auth_seq_id 
_struct_site_gen.label_atom_id 
_struct_site_gen.label_alt_id 
_struct_site_gen.symmetry 
_struct_site_gen.details 
1  AC1 6 LEU B 31 ? LEU A 30  . ? 1_555 ? 
2  AC1 6 LEU B 31 ? LEU A 30  . ? 3_555 ? 
3  AC1 6 LEU B 31 ? LEU A 30  . ? 2_555 ? 
4  AC1 6 THR B 34 ? THR A 33  . ? 2_555 ? 
5  AC1 6 THR B 34 ? THR A 33  . ? 1_555 ? 
6  AC1 6 THR B 34 ? THR A 33  . ? 3_555 ? 
7  AC2 5 GLN B 17 ? GLN A 16  . ? 2_555 ? 
8  AC2 5 GLN B 17 ? GLN A 16  . ? 1_555 ? 
9  AC2 5 ILE B 20 ? ILE A 19  . ? 1_555 ? 
10 AC2 5 HOH F .  ? HOH A 203 . ? 2_555 ? 
11 AC2 5 HOH F .  ? HOH A 203 . ? 1_555 ? 
# 
_pdbx_entry_details.entry_id                   6PSA 
_pdbx_entry_details.has_ligand_of_interest     N 
_pdbx_entry_details.compound_details           ? 
_pdbx_entry_details.source_details             ? 
_pdbx_entry_details.nonpolymer_details         ? 
_pdbx_entry_details.sequence_details           ? 
_pdbx_entry_details.has_protein_modification   Y 
# 
loop_
_pdbx_validate_close_contact.id 
_pdbx_validate_close_contact.PDB_model_num 
_pdbx_validate_close_contact.auth_atom_id_1 
_pdbx_validate_close_contact.auth_asym_id_1 
_pdbx_validate_close_contact.auth_comp_id_1 
_pdbx_validate_close_contact.auth_seq_id_1 
_pdbx_validate_close_contact.PDB_ins_code_1 
_pdbx_validate_close_contact.label_alt_id_1 
_pdbx_validate_close_contact.auth_atom_id_2 
_pdbx_validate_close_contact.auth_asym_id_2 
_pdbx_validate_close_contact.auth_comp_id_2 
_pdbx_validate_close_contact.auth_seq_id_2 
_pdbx_validate_close_contact.PDB_ins_code_2 
_pdbx_validate_close_contact.label_alt_id_2 
_pdbx_validate_close_contact.dist 
1 1 OE1 A GLN 4   ? ? O A HOH 201 ? ? 1.92 
2 1 O   H HOH 201 ? ? O H HOH 218 ? ? 2.01 
3 1 O   H HOH 211 ? ? O H HOH 220 ? ? 2.11 
4 1 O   A HOH 207 ? ? O A HOH 247 ? ? 2.12 
5 1 O   A HOH 215 ? ? O A HOH 242 ? ? 2.16 
# 
loop_
_pdbx_validate_symm_contact.id 
_pdbx_validate_symm_contact.PDB_model_num 
_pdbx_validate_symm_contact.auth_atom_id_1 
_pdbx_validate_symm_contact.auth_asym_id_1 
_pdbx_validate_symm_contact.auth_comp_id_1 
_pdbx_validate_symm_contact.auth_seq_id_1 
_pdbx_validate_symm_contact.PDB_ins_code_1 
_pdbx_validate_symm_contact.label_alt_id_1 
_pdbx_validate_symm_contact.site_symmetry_1 
_pdbx_validate_symm_contact.auth_atom_id_2 
_pdbx_validate_symm_contact.auth_asym_id_2 
_pdbx_validate_symm_contact.auth_comp_id_2 
_pdbx_validate_symm_contact.auth_seq_id_2 
_pdbx_validate_symm_contact.PDB_ins_code_2 
_pdbx_validate_symm_contact.label_alt_id_2 
_pdbx_validate_symm_contact.site_symmetry_2 
_pdbx_validate_symm_contact.dist 
1 1 O H HOH 221 ? ? 1_555 O A HOH 248 ? ? 6_555 1.82 
2 1 O H HOH 217 ? ? 1_555 O A HOH 243 ? ? 6_555 1.92 
3 1 O A HOH 203 ? ? 1_555 O A HOH 203 ? ? 3_555 2.04 
# 
_pdbx_validate_rmsd_angle.id                         1 
_pdbx_validate_rmsd_angle.PDB_model_num              1 
_pdbx_validate_rmsd_angle.auth_atom_id_1             O 
_pdbx_validate_rmsd_angle.auth_asym_id_1             A 
_pdbx_validate_rmsd_angle.auth_comp_id_1             ACE 
_pdbx_validate_rmsd_angle.auth_seq_id_1              0 
_pdbx_validate_rmsd_angle.PDB_ins_code_1             ? 
_pdbx_validate_rmsd_angle.label_alt_id_1             ? 
_pdbx_validate_rmsd_angle.auth_atom_id_2             C 
_pdbx_validate_rmsd_angle.auth_asym_id_2             A 
_pdbx_validate_rmsd_angle.auth_comp_id_2             ACE 
_pdbx_validate_rmsd_angle.auth_seq_id_2              0 
_pdbx_validate_rmsd_angle.PDB_ins_code_2             ? 
_pdbx_validate_rmsd_angle.label_alt_id_2             ? 
_pdbx_validate_rmsd_angle.auth_atom_id_3             N 
_pdbx_validate_rmsd_angle.auth_asym_id_3             A 
_pdbx_validate_rmsd_angle.auth_comp_id_3             ARG 
_pdbx_validate_rmsd_angle.auth_seq_id_3              1 
_pdbx_validate_rmsd_angle.PDB_ins_code_3             ? 
_pdbx_validate_rmsd_angle.label_alt_id_3             ? 
_pdbx_validate_rmsd_angle.angle_value                110.71 
_pdbx_validate_rmsd_angle.angle_target_value         122.70 
_pdbx_validate_rmsd_angle.angle_deviation            -11.99 
_pdbx_validate_rmsd_angle.angle_standard_deviation   1.60 
_pdbx_validate_rmsd_angle.linker_flag                Y 
# 
_pdbx_struct_mod_residue.id               1 
_pdbx_struct_mod_residue.label_asym_id    B 
_pdbx_struct_mod_residue.label_comp_id    MSE 
_pdbx_struct_mod_residue.label_seq_id     3 
_pdbx_struct_mod_residue.auth_asym_id     A 
_pdbx_struct_mod_residue.auth_comp_id     MSE 
_pdbx_struct_mod_residue.auth_seq_id      2 
_pdbx_struct_mod_residue.PDB_ins_code     ? 
_pdbx_struct_mod_residue.parent_comp_id   MET 
_pdbx_struct_mod_residue.details          'modified residue' 
# 
loop_
_space_group_symop.id 
_space_group_symop.operation_xyz 
1 x,y,z                 
2 -y,x-y,z              
3 -x+y,-x,z             
4 x+1/3,y+2/3,z+2/3     
5 -y+1/3,x-y+2/3,z+2/3  
6 -x+y+1/3,-x+2/3,z+2/3 
7 x+2/3,y+1/3,z+1/3     
8 -y+2/3,x-y+1/3,z+1/3  
9 -x+y+2/3,-x+1/3,z+1/3 
# 
_pdbx_distant_solvent_atoms.id                                1 
_pdbx_distant_solvent_atoms.PDB_model_num                     1 
_pdbx_distant_solvent_atoms.auth_atom_id                      O 
_pdbx_distant_solvent_atoms.label_alt_id                      ? 
_pdbx_distant_solvent_atoms.auth_asym_id                      A 
_pdbx_distant_solvent_atoms.auth_comp_id                      HOH 
_pdbx_distant_solvent_atoms.auth_seq_id                       253 
_pdbx_distant_solvent_atoms.PDB_ins_code                      ? 
_pdbx_distant_solvent_atoms.neighbor_macromolecule_distance   7.12 
_pdbx_distant_solvent_atoms.neighbor_ligand_distance          . 
# 
loop_
_chem_comp_atom.comp_id 
_chem_comp_atom.atom_id 
_chem_comp_atom.type_symbol 
_chem_comp_atom.pdbx_aromatic_flag 
_chem_comp_atom.pdbx_stereo_config 
_chem_comp_atom.pdbx_ordinal 
ACE C    C  N N 1   
ACE O    O  N N 2   
ACE CH3  C  N N 3   
ACE H    H  N N 4   
ACE H1   H  N N 5   
ACE H2   H  N N 6   
ACE H3   H  N N 7   
ALA N    N  N N 8   
ALA CA   C  N S 9   
ALA C    C  N N 10  
ALA O    O  N N 11  
ALA CB   C  N N 12  
ALA OXT  O  N N 13  
ALA H    H  N N 14  
ALA H2   H  N N 15  
ALA HA   H  N N 16  
ALA HB1  H  N N 17  
ALA HB2  H  N N 18  
ALA HB3  H  N N 19  
ALA HXT  H  N N 20  
ARG N    N  N N 21  
ARG CA   C  N S 22  
ARG C    C  N N 23  
ARG O    O  N N 24  
ARG CB   C  N N 25  
ARG CG   C  N N 26  
ARG CD   C  N N 27  
ARG NE   N  N N 28  
ARG CZ   C  N N 29  
ARG NH1  N  N N 30  
ARG NH2  N  N N 31  
ARG OXT  O  N N 32  
ARG H    H  N N 33  
ARG H2   H  N N 34  
ARG HA   H  N N 35  
ARG HB2  H  N N 36  
ARG HB3  H  N N 37  
ARG HG2  H  N N 38  
ARG HG3  H  N N 39  
ARG HD2  H  N N 40  
ARG HD3  H  N N 41  
ARG HE   H  N N 42  
ARG HH11 H  N N 43  
ARG HH12 H  N N 44  
ARG HH21 H  N N 45  
ARG HH22 H  N N 46  
ARG HXT  H  N N 47  
ASN N    N  N N 48  
ASN CA   C  N S 49  
ASN C    C  N N 50  
ASN O    O  N N 51  
ASN CB   C  N N 52  
ASN CG   C  N N 53  
ASN OD1  O  N N 54  
ASN ND2  N  N N 55  
ASN OXT  O  N N 56  
ASN H    H  N N 57  
ASN H2   H  N N 58  
ASN HA   H  N N 59  
ASN HB2  H  N N 60  
ASN HB3  H  N N 61  
ASN HD21 H  N N 62  
ASN HD22 H  N N 63  
ASN HXT  H  N N 64  
ASP N    N  N N 65  
ASP CA   C  N S 66  
ASP C    C  N N 67  
ASP O    O  N N 68  
ASP CB   C  N N 69  
ASP CG   C  N N 70  
ASP OD1  O  N N 71  
ASP OD2  O  N N 72  
ASP OXT  O  N N 73  
ASP H    H  N N 74  
ASP H2   H  N N 75  
ASP HA   H  N N 76  
ASP HB2  H  N N 77  
ASP HB3  H  N N 78  
ASP HD2  H  N N 79  
ASP HXT  H  N N 80  
CL  CL   CL N N 81  
DAS N    N  N N 82  
DAS CA   C  N R 83  
DAS C    C  N N 84  
DAS O    O  N N 85  
DAS CB   C  N N 86  
DAS CG   C  N N 87  
DAS OD1  O  N N 88  
DAS OD2  O  N N 89  
DAS OXT  O  N N 90  
DAS H    H  N N 91  
DAS H2   H  N N 92  
DAS HA   H  N N 93  
DAS HB2  H  N N 94  
DAS HB3  H  N N 95  
DAS HD2  H  N N 96  
DAS HXT  H  N N 97  
DCY N    N  N N 98  
DCY CA   C  N S 99  
DCY C    C  N N 100 
DCY O    O  N N 101 
DCY CB   C  N N 102 
DCY SG   S  N N 103 
DCY OXT  O  N N 104 
DCY H    H  N N 105 
DCY H2   H  N N 106 
DCY HA   H  N N 107 
DCY HB2  H  N N 108 
DCY HB3  H  N N 109 
DCY HG   H  N N 110 
DCY HXT  H  N N 111 
DGL N    N  N N 112 
DGL CA   C  N R 113 
DGL C    C  N N 114 
DGL O    O  N N 115 
DGL CB   C  N N 116 
DGL CG   C  N N 117 
DGL CD   C  N N 118 
DGL OE1  O  N N 119 
DGL OE2  O  N N 120 
DGL OXT  O  N N 121 
DGL H    H  N N 122 
DGL H2   H  N N 123 
DGL HA   H  N N 124 
DGL HB2  H  N N 125 
DGL HB3  H  N N 126 
DGL HG2  H  N N 127 
DGL HG3  H  N N 128 
DGL HE2  H  N N 129 
DGL HXT  H  N N 130 
DGN N    N  N N 131 
DGN CA   C  N R 132 
DGN C    C  N N 133 
DGN O    O  N N 134 
DGN OXT  O  N N 135 
DGN CB   C  N N 136 
DGN CG   C  N N 137 
DGN CD   C  N N 138 
DGN OE1  O  N N 139 
DGN NE2  N  N N 140 
DGN H    H  N N 141 
DGN H2   H  N N 142 
DGN HA   H  N N 143 
DGN HXT  H  N N 144 
DGN HB2  H  N N 145 
DGN HB3  H  N N 146 
DGN HG2  H  N N 147 
DGN HG3  H  N N 148 
DGN HE21 H  N N 149 
DGN HE22 H  N N 150 
DHI N    N  N N 151 
DHI CA   C  N R 152 
DHI C    C  N N 153 
DHI O    O  N N 154 
DHI CB   C  N N 155 
DHI CG   C  Y N 156 
DHI ND1  N  Y N 157 
DHI CD2  C  Y N 158 
DHI CE1  C  Y N 159 
DHI NE2  N  Y N 160 
DHI OXT  O  N N 161 
DHI H    H  N N 162 
DHI H2   H  N N 163 
DHI HA   H  N N 164 
DHI HB2  H  N N 165 
DHI HB3  H  N N 166 
DHI HD1  H  N N 167 
DHI HD2  H  N N 168 
DHI HE1  H  N N 169 
DHI HE2  H  N N 170 
DHI HXT  H  N N 171 
DLE N    N  N N 172 
DLE CA   C  N R 173 
DLE CB   C  N N 174 
DLE CG   C  N N 175 
DLE CD1  C  N N 176 
DLE CD2  C  N N 177 
DLE C    C  N N 178 
DLE O    O  N N 179 
DLE OXT  O  N N 180 
DLE H    H  N N 181 
DLE H2   H  N N 182 
DLE HA   H  N N 183 
DLE HB2  H  N N 184 
DLE HB3  H  N N 185 
DLE HG   H  N N 186 
DLE HD11 H  N N 187 
DLE HD12 H  N N 188 
DLE HD13 H  N N 189 
DLE HD21 H  N N 190 
DLE HD22 H  N N 191 
DLE HD23 H  N N 192 
DLE HXT  H  N N 193 
DLY N    N  N N 194 
DLY CA   C  N R 195 
DLY C    C  N N 196 
DLY O    O  N N 197 
DLY CB   C  N N 198 
DLY CG   C  N N 199 
DLY CD   C  N N 200 
DLY CE   C  N N 201 
DLY NZ   N  N N 202 
DLY OXT  O  N N 203 
DLY H    H  N N 204 
DLY H2   H  N N 205 
DLY HA   H  N N 206 
DLY HB2  H  N N 207 
DLY HB3  H  N N 208 
DLY HG2  H  N N 209 
DLY HG3  H  N N 210 
DLY HD2  H  N N 211 
DLY HD3  H  N N 212 
DLY HE2  H  N N 213 
DLY HE3  H  N N 214 
DLY HZ1  H  N N 215 
DLY HZ2  H  N N 216 
DLY HXT  H  N N 217 
DPR N    N  N N 218 
DPR CA   C  N R 219 
DPR CB   C  N N 220 
DPR CG   C  N N 221 
DPR CD   C  N N 222 
DPR C    C  N N 223 
DPR O    O  N N 224 
DPR OXT  O  N N 225 
DPR H    H  N N 226 
DPR HA   H  N N 227 
DPR HB2  H  N N 228 
DPR HB3  H  N N 229 
DPR HG2  H  N N 230 
DPR HG3  H  N N 231 
DPR HD2  H  N N 232 
DPR HD3  H  N N 233 
DPR HXT  H  N N 234 
DTR N    N  N N 235 
DTR CA   C  N R 236 
DTR CB   C  N N 237 
DTR CG   C  Y N 238 
DTR CD1  C  Y N 239 
DTR NE1  N  Y N 240 
DTR CE2  C  Y N 241 
DTR CZ2  C  Y N 242 
DTR CH2  C  Y N 243 
DTR CZ3  C  Y N 244 
DTR CE3  C  Y N 245 
DTR CD2  C  Y N 246 
DTR C    C  N N 247 
DTR O    O  N N 248 
DTR OXT  O  N N 249 
DTR H    H  N N 250 
DTR H2   H  N N 251 
DTR HA   H  N N 252 
DTR HB2  H  N N 253 
DTR HB3  H  N N 254 
DTR HD1  H  N N 255 
DTR HE1  H  N N 256 
DTR HZ2  H  N N 257 
DTR HH2  H  N N 258 
DTR HZ3  H  N N 259 
DTR HE3  H  N N 260 
DTR HXT  H  N N 261 
DTY N    N  N N 262 
DTY CA   C  N R 263 
DTY C    C  N N 264 
DTY O    O  N N 265 
DTY CB   C  N N 266 
DTY CG   C  Y N 267 
DTY CD1  C  Y N 268 
DTY CD2  C  Y N 269 
DTY CE1  C  Y N 270 
DTY CE2  C  Y N 271 
DTY CZ   C  Y N 272 
DTY OH   O  N N 273 
DTY OXT  O  N N 274 
DTY H    H  N N 275 
DTY H2   H  N N 276 
DTY HA   H  N N 277 
DTY HB2  H  N N 278 
DTY HB3  H  N N 279 
DTY HD1  H  N N 280 
DTY HD2  H  N N 281 
DTY HE1  H  N N 282 
DTY HE2  H  N N 283 
DTY HH   H  N N 284 
DTY HXT  H  N N 285 
GLN N    N  N N 286 
GLN CA   C  N S 287 
GLN C    C  N N 288 
GLN O    O  N N 289 
GLN CB   C  N N 290 
GLN CG   C  N N 291 
GLN CD   C  N N 292 
GLN OE1  O  N N 293 
GLN NE2  N  N N 294 
GLN OXT  O  N N 295 
GLN H    H  N N 296 
GLN H2   H  N N 297 
GLN HA   H  N N 298 
GLN HB2  H  N N 299 
GLN HB3  H  N N 300 
GLN HG2  H  N N 301 
GLN HG3  H  N N 302 
GLN HE21 H  N N 303 
GLN HE22 H  N N 304 
GLN HXT  H  N N 305 
GLU N    N  N N 306 
GLU CA   C  N S 307 
GLU C    C  N N 308 
GLU O    O  N N 309 
GLU CB   C  N N 310 
GLU CG   C  N N 311 
GLU CD   C  N N 312 
GLU OE1  O  N N 313 
GLU OE2  O  N N 314 
GLU OXT  O  N N 315 
GLU H    H  N N 316 
GLU H2   H  N N 317 
GLU HA   H  N N 318 
GLU HB2  H  N N 319 
GLU HB3  H  N N 320 
GLU HG2  H  N N 321 
GLU HG3  H  N N 322 
GLU HE2  H  N N 323 
GLU HXT  H  N N 324 
GLY N    N  N N 325 
GLY CA   C  N N 326 
GLY C    C  N N 327 
GLY O    O  N N 328 
GLY OXT  O  N N 329 
GLY H    H  N N 330 
GLY H2   H  N N 331 
GLY HA2  H  N N 332 
GLY HA3  H  N N 333 
GLY HXT  H  N N 334 
HIS N    N  N N 335 
HIS CA   C  N S 336 
HIS C    C  N N 337 
HIS O    O  N N 338 
HIS CB   C  N N 339 
HIS CG   C  Y N 340 
HIS ND1  N  Y N 341 
HIS CD2  C  Y N 342 
HIS CE1  C  Y N 343 
HIS NE2  N  Y N 344 
HIS OXT  O  N N 345 
HIS H    H  N N 346 
HIS H2   H  N N 347 
HIS HA   H  N N 348 
HIS HB2  H  N N 349 
HIS HB3  H  N N 350 
HIS HD1  H  N N 351 
HIS HD2  H  N N 352 
HIS HE1  H  N N 353 
HIS HE2  H  N N 354 
HIS HXT  H  N N 355 
HOH O    O  N N 356 
HOH H1   H  N N 357 
HOH H2   H  N N 358 
ILE N    N  N N 359 
ILE CA   C  N S 360 
ILE C    C  N N 361 
ILE O    O  N N 362 
ILE CB   C  N S 363 
ILE CG1  C  N N 364 
ILE CG2  C  N N 365 
ILE CD1  C  N N 366 
ILE OXT  O  N N 367 
ILE H    H  N N 368 
ILE H2   H  N N 369 
ILE HA   H  N N 370 
ILE HB   H  N N 371 
ILE HG12 H  N N 372 
ILE HG13 H  N N 373 
ILE HG21 H  N N 374 
ILE HG22 H  N N 375 
ILE HG23 H  N N 376 
ILE HD11 H  N N 377 
ILE HD12 H  N N 378 
ILE HD13 H  N N 379 
ILE HXT  H  N N 380 
LEU N    N  N N 381 
LEU CA   C  N S 382 
LEU C    C  N N 383 
LEU O    O  N N 384 
LEU CB   C  N N 385 
LEU CG   C  N N 386 
LEU CD1  C  N N 387 
LEU CD2  C  N N 388 
LEU OXT  O  N N 389 
LEU H    H  N N 390 
LEU H2   H  N N 391 
LEU HA   H  N N 392 
LEU HB2  H  N N 393 
LEU HB3  H  N N 394 
LEU HG   H  N N 395 
LEU HD11 H  N N 396 
LEU HD12 H  N N 397 
LEU HD13 H  N N 398 
LEU HD21 H  N N 399 
LEU HD22 H  N N 400 
LEU HD23 H  N N 401 
LEU HXT  H  N N 402 
LYS N    N  N N 403 
LYS CA   C  N S 404 
LYS C    C  N N 405 
LYS O    O  N N 406 
LYS CB   C  N N 407 
LYS CG   C  N N 408 
LYS CD   C  N N 409 
LYS CE   C  N N 410 
LYS NZ   N  N N 411 
LYS OXT  O  N N 412 
LYS H    H  N N 413 
LYS H2   H  N N 414 
LYS HA   H  N N 415 
LYS HB2  H  N N 416 
LYS HB3  H  N N 417 
LYS HG2  H  N N 418 
LYS HG3  H  N N 419 
LYS HD2  H  N N 420 
LYS HD3  H  N N 421 
LYS HE2  H  N N 422 
LYS HE3  H  N N 423 
LYS HZ1  H  N N 424 
LYS HZ2  H  N N 425 
LYS HZ3  H  N N 426 
LYS HXT  H  N N 427 
MSE N    N  N N 428 
MSE CA   C  N S 429 
MSE C    C  N N 430 
MSE O    O  N N 431 
MSE OXT  O  N N 432 
MSE CB   C  N N 433 
MSE CG   C  N N 434 
MSE SE   SE N N 435 
MSE CE   C  N N 436 
MSE H    H  N N 437 
MSE H2   H  N N 438 
MSE HA   H  N N 439 
MSE HXT  H  N N 440 
MSE HB2  H  N N 441 
MSE HB3  H  N N 442 
MSE HG2  H  N N 443 
MSE HG3  H  N N 444 
MSE HE1  H  N N 445 
MSE HE2  H  N N 446 
MSE HE3  H  N N 447 
NH2 N    N  N N 448 
NH2 HN1  H  N N 449 
NH2 HN2  H  N N 450 
SER N    N  N N 451 
SER CA   C  N S 452 
SER C    C  N N 453 
SER O    O  N N 454 
SER CB   C  N N 455 
SER OG   O  N N 456 
SER OXT  O  N N 457 
SER H    H  N N 458 
SER H2   H  N N 459 
SER HA   H  N N 460 
SER HB2  H  N N 461 
SER HB3  H  N N 462 
SER HG   H  N N 463 
SER HXT  H  N N 464 
THR N    N  N N 465 
THR CA   C  N S 466 
THR C    C  N N 467 
THR O    O  N N 468 
THR CB   C  N R 469 
THR OG1  O  N N 470 
THR CG2  C  N N 471 
THR OXT  O  N N 472 
THR H    H  N N 473 
THR H2   H  N N 474 
THR HA   H  N N 475 
THR HB   H  N N 476 
THR HG1  H  N N 477 
THR HG21 H  N N 478 
THR HG22 H  N N 479 
THR HG23 H  N N 480 
THR HXT  H  N N 481 
TRP N    N  N N 482 
TRP CA   C  N S 483 
TRP C    C  N N 484 
TRP O    O  N N 485 
TRP CB   C  N N 486 
TRP CG   C  Y N 487 
TRP CD1  C  Y N 488 
TRP CD2  C  Y N 489 
TRP NE1  N  Y N 490 
TRP CE2  C  Y N 491 
TRP CE3  C  Y N 492 
TRP CZ2  C  Y N 493 
TRP CZ3  C  Y N 494 
TRP CH2  C  Y N 495 
TRP OXT  O  N N 496 
TRP H    H  N N 497 
TRP H2   H  N N 498 
TRP HA   H  N N 499 
TRP HB2  H  N N 500 
TRP HB3  H  N N 501 
TRP HD1  H  N N 502 
TRP HE1  H  N N 503 
TRP HE3  H  N N 504 
TRP HZ2  H  N N 505 
TRP HZ3  H  N N 506 
TRP HH2  H  N N 507 
TRP HXT  H  N N 508 
TYR N    N  N N 509 
TYR CA   C  N S 510 
TYR C    C  N N 511 
TYR O    O  N N 512 
TYR CB   C  N N 513 
TYR CG   C  Y N 514 
TYR CD1  C  Y N 515 
TYR CD2  C  Y N 516 
TYR CE1  C  Y N 517 
TYR CE2  C  Y N 518 
TYR CZ   C  Y N 519 
TYR OH   O  N N 520 
TYR OXT  O  N N 521 
TYR H    H  N N 522 
TYR H2   H  N N 523 
TYR HA   H  N N 524 
TYR HB2  H  N N 525 
TYR HB3  H  N N 526 
TYR HD1  H  N N 527 
TYR HD2  H  N N 528 
TYR HE1  H  N N 529 
TYR HE2  H  N N 530 
TYR HH   H  N N 531 
TYR HXT  H  N N 532 
VAL N    N  N N 533 
VAL CA   C  N S 534 
VAL C    C  N N 535 
VAL O    O  N N 536 
VAL CB   C  N N 537 
VAL CG1  C  N N 538 
VAL CG2  C  N N 539 
VAL OXT  O  N N 540 
VAL H    H  N N 541 
VAL H2   H  N N 542 
VAL HA   H  N N 543 
VAL HB   H  N N 544 
VAL HG11 H  N N 545 
VAL HG12 H  N N 546 
VAL HG13 H  N N 547 
VAL HG21 H  N N 548 
VAL HG22 H  N N 549 
VAL HG23 H  N N 550 
VAL HXT  H  N N 551 
# 
loop_
_chem_comp_bond.comp_id 
_chem_comp_bond.atom_id_1 
_chem_comp_bond.atom_id_2 
_chem_comp_bond.value_order 
_chem_comp_bond.pdbx_aromatic_flag 
_chem_comp_bond.pdbx_stereo_config 
_chem_comp_bond.pdbx_ordinal 
ACE C   O    doub N N 1   
ACE C   CH3  sing N N 2   
ACE C   H    sing N N 3   
ACE CH3 H1   sing N N 4   
ACE CH3 H2   sing N N 5   
ACE CH3 H3   sing N N 6   
ALA N   CA   sing N N 7   
ALA N   H    sing N N 8   
ALA N   H2   sing N N 9   
ALA CA  C    sing N N 10  
ALA CA  CB   sing N N 11  
ALA CA  HA   sing N N 12  
ALA C   O    doub N N 13  
ALA C   OXT  sing N N 14  
ALA CB  HB1  sing N N 15  
ALA CB  HB2  sing N N 16  
ALA CB  HB3  sing N N 17  
ALA OXT HXT  sing N N 18  
ARG N   CA   sing N N 19  
ARG N   H    sing N N 20  
ARG N   H2   sing N N 21  
ARG CA  C    sing N N 22  
ARG CA  CB   sing N N 23  
ARG CA  HA   sing N N 24  
ARG C   O    doub N N 25  
ARG C   OXT  sing N N 26  
ARG CB  CG   sing N N 27  
ARG CB  HB2  sing N N 28  
ARG CB  HB3  sing N N 29  
ARG CG  CD   sing N N 30  
ARG CG  HG2  sing N N 31  
ARG CG  HG3  sing N N 32  
ARG CD  NE   sing N N 33  
ARG CD  HD2  sing N N 34  
ARG CD  HD3  sing N N 35  
ARG NE  CZ   sing N N 36  
ARG NE  HE   sing N N 37  
ARG CZ  NH1  sing N N 38  
ARG CZ  NH2  doub N N 39  
ARG NH1 HH11 sing N N 40  
ARG NH1 HH12 sing N N 41  
ARG NH2 HH21 sing N N 42  
ARG NH2 HH22 sing N N 43  
ARG OXT HXT  sing N N 44  
ASN N   CA   sing N N 45  
ASN N   H    sing N N 46  
ASN N   H2   sing N N 47  
ASN CA  C    sing N N 48  
ASN CA  CB   sing N N 49  
ASN CA  HA   sing N N 50  
ASN C   O    doub N N 51  
ASN C   OXT  sing N N 52  
ASN CB  CG   sing N N 53  
ASN CB  HB2  sing N N 54  
ASN CB  HB3  sing N N 55  
ASN CG  OD1  doub N N 56  
ASN CG  ND2  sing N N 57  
ASN ND2 HD21 sing N N 58  
ASN ND2 HD22 sing N N 59  
ASN OXT HXT  sing N N 60  
ASP N   CA   sing N N 61  
ASP N   H    sing N N 62  
ASP N   H2   sing N N 63  
ASP CA  C    sing N N 64  
ASP CA  CB   sing N N 65  
ASP CA  HA   sing N N 66  
ASP C   O    doub N N 67  
ASP C   OXT  sing N N 68  
ASP CB  CG   sing N N 69  
ASP CB  HB2  sing N N 70  
ASP CB  HB3  sing N N 71  
ASP CG  OD1  doub N N 72  
ASP CG  OD2  sing N N 73  
ASP OD2 HD2  sing N N 74  
ASP OXT HXT  sing N N 75  
DAS N   CA   sing N N 76  
DAS N   H    sing N N 77  
DAS N   H2   sing N N 78  
DAS CA  C    sing N N 79  
DAS CA  CB   sing N N 80  
DAS CA  HA   sing N N 81  
DAS C   O    doub N N 82  
DAS C   OXT  sing N N 83  
DAS CB  CG   sing N N 84  
DAS CB  HB2  sing N N 85  
DAS CB  HB3  sing N N 86  
DAS CG  OD1  doub N N 87  
DAS CG  OD2  sing N N 88  
DAS OD2 HD2  sing N N 89  
DAS OXT HXT  sing N N 90  
DCY N   CA   sing N N 91  
DCY N   H    sing N N 92  
DCY N   H2   sing N N 93  
DCY CA  C    sing N N 94  
DCY CA  CB   sing N N 95  
DCY CA  HA   sing N N 96  
DCY C   O    doub N N 97  
DCY C   OXT  sing N N 98  
DCY CB  SG   sing N N 99  
DCY CB  HB2  sing N N 100 
DCY CB  HB3  sing N N 101 
DCY SG  HG   sing N N 102 
DCY OXT HXT  sing N N 103 
DGL N   CA   sing N N 104 
DGL N   H    sing N N 105 
DGL N   H2   sing N N 106 
DGL CA  C    sing N N 107 
DGL CA  CB   sing N N 108 
DGL CA  HA   sing N N 109 
DGL C   O    doub N N 110 
DGL C   OXT  sing N N 111 
DGL CB  CG   sing N N 112 
DGL CB  HB2  sing N N 113 
DGL CB  HB3  sing N N 114 
DGL CG  CD   sing N N 115 
DGL CG  HG2  sing N N 116 
DGL CG  HG3  sing N N 117 
DGL CD  OE1  doub N N 118 
DGL CD  OE2  sing N N 119 
DGL OE2 HE2  sing N N 120 
DGL OXT HXT  sing N N 121 
DGN N   CA   sing N N 122 
DGN N   H    sing N N 123 
DGN N   H2   sing N N 124 
DGN CA  C    sing N N 125 
DGN CA  CB   sing N N 126 
DGN CA  HA   sing N N 127 
DGN C   O    doub N N 128 
DGN C   OXT  sing N N 129 
DGN OXT HXT  sing N N 130 
DGN CB  CG   sing N N 131 
DGN CB  HB2  sing N N 132 
DGN CB  HB3  sing N N 133 
DGN CG  CD   sing N N 134 
DGN CG  HG2  sing N N 135 
DGN CG  HG3  sing N N 136 
DGN CD  OE1  doub N N 137 
DGN CD  NE2  sing N N 138 
DGN NE2 HE21 sing N N 139 
DGN NE2 HE22 sing N N 140 
DHI N   CA   sing N N 141 
DHI N   H    sing N N 142 
DHI N   H2   sing N N 143 
DHI CA  C    sing N N 144 
DHI CA  CB   sing N N 145 
DHI CA  HA   sing N N 146 
DHI C   O    doub N N 147 
DHI C   OXT  sing N N 148 
DHI CB  CG   sing N N 149 
DHI CB  HB2  sing N N 150 
DHI CB  HB3  sing N N 151 
DHI CG  ND1  sing Y N 152 
DHI CG  CD2  doub Y N 153 
DHI ND1 CE1  doub Y N 154 
DHI ND1 HD1  sing N N 155 
DHI CD2 NE2  sing Y N 156 
DHI CD2 HD2  sing N N 157 
DHI CE1 NE2  sing Y N 158 
DHI CE1 HE1  sing N N 159 
DHI NE2 HE2  sing N N 160 
DHI OXT HXT  sing N N 161 
DLE N   CA   sing N N 162 
DLE N   H    sing N N 163 
DLE N   H2   sing N N 164 
DLE CA  CB   sing N N 165 
DLE CA  C    sing N N 166 
DLE CA  HA   sing N N 167 
DLE CB  CG   sing N N 168 
DLE CB  HB2  sing N N 169 
DLE CB  HB3  sing N N 170 
DLE CG  CD1  sing N N 171 
DLE CG  CD2  sing N N 172 
DLE CG  HG   sing N N 173 
DLE CD1 HD11 sing N N 174 
DLE CD1 HD12 sing N N 175 
DLE CD1 HD13 sing N N 176 
DLE CD2 HD21 sing N N 177 
DLE CD2 HD22 sing N N 178 
DLE CD2 HD23 sing N N 179 
DLE C   O    doub N N 180 
DLE C   OXT  sing N N 181 
DLE OXT HXT  sing N N 182 
DLY N   CA   sing N N 183 
DLY N   H    sing N N 184 
DLY N   H2   sing N N 185 
DLY CA  C    sing N N 186 
DLY CA  CB   sing N N 187 
DLY CA  HA   sing N N 188 
DLY C   O    doub N N 189 
DLY C   OXT  sing N N 190 
DLY CB  CG   sing N N 191 
DLY CB  HB2  sing N N 192 
DLY CB  HB3  sing N N 193 
DLY CG  CD   sing N N 194 
DLY CG  HG2  sing N N 195 
DLY CG  HG3  sing N N 196 
DLY CD  CE   sing N N 197 
DLY CD  HD2  sing N N 198 
DLY CD  HD3  sing N N 199 
DLY CE  NZ   sing N N 200 
DLY CE  HE2  sing N N 201 
DLY CE  HE3  sing N N 202 
DLY NZ  HZ1  sing N N 203 
DLY NZ  HZ2  sing N N 204 
DLY OXT HXT  sing N N 205 
DPR N   CA   sing N N 206 
DPR N   CD   sing N N 207 
DPR N   H    sing N N 208 
DPR CA  CB   sing N N 209 
DPR CA  C    sing N N 210 
DPR CA  HA   sing N N 211 
DPR CB  CG   sing N N 212 
DPR CB  HB2  sing N N 213 
DPR CB  HB3  sing N N 214 
DPR CG  CD   sing N N 215 
DPR CG  HG2  sing N N 216 
DPR CG  HG3  sing N N 217 
DPR CD  HD2  sing N N 218 
DPR CD  HD3  sing N N 219 
DPR C   O    doub N N 220 
DPR C   OXT  sing N N 221 
DPR OXT HXT  sing N N 222 
DTR N   CA   sing N N 223 
DTR N   H    sing N N 224 
DTR N   H2   sing N N 225 
DTR CA  CB   sing N N 226 
DTR CA  C    sing N N 227 
DTR CA  HA   sing N N 228 
DTR CB  CG   sing N N 229 
DTR CB  HB2  sing N N 230 
DTR CB  HB3  sing N N 231 
DTR CG  CD1  doub Y N 232 
DTR CG  CD2  sing Y N 233 
DTR CD1 NE1  sing Y N 234 
DTR CD1 HD1  sing N N 235 
DTR NE1 CE2  sing Y N 236 
DTR NE1 HE1  sing N N 237 
DTR CE2 CZ2  doub Y N 238 
DTR CE2 CD2  sing Y N 239 
DTR CZ2 CH2  sing Y N 240 
DTR CZ2 HZ2  sing N N 241 
DTR CH2 CZ3  doub Y N 242 
DTR CH2 HH2  sing N N 243 
DTR CZ3 CE3  sing Y N 244 
DTR CZ3 HZ3  sing N N 245 
DTR CE3 CD2  doub Y N 246 
DTR CE3 HE3  sing N N 247 
DTR C   O    doub N N 248 
DTR C   OXT  sing N N 249 
DTR OXT HXT  sing N N 250 
DTY N   CA   sing N N 251 
DTY N   H    sing N N 252 
DTY N   H2   sing N N 253 
DTY CA  C    sing N N 254 
DTY CA  CB   sing N N 255 
DTY CA  HA   sing N N 256 
DTY C   O    doub N N 257 
DTY C   OXT  sing N N 258 
DTY CB  CG   sing N N 259 
DTY CB  HB2  sing N N 260 
DTY CB  HB3  sing N N 261 
DTY CG  CD1  doub Y N 262 
DTY CG  CD2  sing Y N 263 
DTY CD1 CE1  sing Y N 264 
DTY CD1 HD1  sing N N 265 
DTY CD2 CE2  doub Y N 266 
DTY CD2 HD2  sing N N 267 
DTY CE1 CZ   doub Y N 268 
DTY CE1 HE1  sing N N 269 
DTY CE2 CZ   sing Y N 270 
DTY CE2 HE2  sing N N 271 
DTY CZ  OH   sing N N 272 
DTY OH  HH   sing N N 273 
DTY OXT HXT  sing N N 274 
GLN N   CA   sing N N 275 
GLN N   H    sing N N 276 
GLN N   H2   sing N N 277 
GLN CA  C    sing N N 278 
GLN CA  CB   sing N N 279 
GLN CA  HA   sing N N 280 
GLN C   O    doub N N 281 
GLN C   OXT  sing N N 282 
GLN CB  CG   sing N N 283 
GLN CB  HB2  sing N N 284 
GLN CB  HB3  sing N N 285 
GLN CG  CD   sing N N 286 
GLN CG  HG2  sing N N 287 
GLN CG  HG3  sing N N 288 
GLN CD  OE1  doub N N 289 
GLN CD  NE2  sing N N 290 
GLN NE2 HE21 sing N N 291 
GLN NE2 HE22 sing N N 292 
GLN OXT HXT  sing N N 293 
GLU N   CA   sing N N 294 
GLU N   H    sing N N 295 
GLU N   H2   sing N N 296 
GLU CA  C    sing N N 297 
GLU CA  CB   sing N N 298 
GLU CA  HA   sing N N 299 
GLU C   O    doub N N 300 
GLU C   OXT  sing N N 301 
GLU CB  CG   sing N N 302 
GLU CB  HB2  sing N N 303 
GLU CB  HB3  sing N N 304 
GLU CG  CD   sing N N 305 
GLU CG  HG2  sing N N 306 
GLU CG  HG3  sing N N 307 
GLU CD  OE1  doub N N 308 
GLU CD  OE2  sing N N 309 
GLU OE2 HE2  sing N N 310 
GLU OXT HXT  sing N N 311 
GLY N   CA   sing N N 312 
GLY N   H    sing N N 313 
GLY N   H2   sing N N 314 
GLY CA  C    sing N N 315 
GLY CA  HA2  sing N N 316 
GLY CA  HA3  sing N N 317 
GLY C   O    doub N N 318 
GLY C   OXT  sing N N 319 
GLY OXT HXT  sing N N 320 
HIS N   CA   sing N N 321 
HIS N   H    sing N N 322 
HIS N   H2   sing N N 323 
HIS CA  C    sing N N 324 
HIS CA  CB   sing N N 325 
HIS CA  HA   sing N N 326 
HIS C   O    doub N N 327 
HIS C   OXT  sing N N 328 
HIS CB  CG   sing N N 329 
HIS CB  HB2  sing N N 330 
HIS CB  HB3  sing N N 331 
HIS CG  ND1  sing Y N 332 
HIS CG  CD2  doub Y N 333 
HIS ND1 CE1  doub Y N 334 
HIS ND1 HD1  sing N N 335 
HIS CD2 NE2  sing Y N 336 
HIS CD2 HD2  sing N N 337 
HIS CE1 NE2  sing Y N 338 
HIS CE1 HE1  sing N N 339 
HIS NE2 HE2  sing N N 340 
HIS OXT HXT  sing N N 341 
HOH O   H1   sing N N 342 
HOH O   H2   sing N N 343 
ILE N   CA   sing N N 344 
ILE N   H    sing N N 345 
ILE N   H2   sing N N 346 
ILE CA  C    sing N N 347 
ILE CA  CB   sing N N 348 
ILE CA  HA   sing N N 349 
ILE C   O    doub N N 350 
ILE C   OXT  sing N N 351 
ILE CB  CG1  sing N N 352 
ILE CB  CG2  sing N N 353 
ILE CB  HB   sing N N 354 
ILE CG1 CD1  sing N N 355 
ILE CG1 HG12 sing N N 356 
ILE CG1 HG13 sing N N 357 
ILE CG2 HG21 sing N N 358 
ILE CG2 HG22 sing N N 359 
ILE CG2 HG23 sing N N 360 
ILE CD1 HD11 sing N N 361 
ILE CD1 HD12 sing N N 362 
ILE CD1 HD13 sing N N 363 
ILE OXT HXT  sing N N 364 
LEU N   CA   sing N N 365 
LEU N   H    sing N N 366 
LEU N   H2   sing N N 367 
LEU CA  C    sing N N 368 
LEU CA  CB   sing N N 369 
LEU CA  HA   sing N N 370 
LEU C   O    doub N N 371 
LEU C   OXT  sing N N 372 
LEU CB  CG   sing N N 373 
LEU CB  HB2  sing N N 374 
LEU CB  HB3  sing N N 375 
LEU CG  CD1  sing N N 376 
LEU CG  CD2  sing N N 377 
LEU CG  HG   sing N N 378 
LEU CD1 HD11 sing N N 379 
LEU CD1 HD12 sing N N 380 
LEU CD1 HD13 sing N N 381 
LEU CD2 HD21 sing N N 382 
LEU CD2 HD22 sing N N 383 
LEU CD2 HD23 sing N N 384 
LEU OXT HXT  sing N N 385 
LYS N   CA   sing N N 386 
LYS N   H    sing N N 387 
LYS N   H2   sing N N 388 
LYS CA  C    sing N N 389 
LYS CA  CB   sing N N 390 
LYS CA  HA   sing N N 391 
LYS C   O    doub N N 392 
LYS C   OXT  sing N N 393 
LYS CB  CG   sing N N 394 
LYS CB  HB2  sing N N 395 
LYS CB  HB3  sing N N 396 
LYS CG  CD   sing N N 397 
LYS CG  HG2  sing N N 398 
LYS CG  HG3  sing N N 399 
LYS CD  CE   sing N N 400 
LYS CD  HD2  sing N N 401 
LYS CD  HD3  sing N N 402 
LYS CE  NZ   sing N N 403 
LYS CE  HE2  sing N N 404 
LYS CE  HE3  sing N N 405 
LYS NZ  HZ1  sing N N 406 
LYS NZ  HZ2  sing N N 407 
LYS NZ  HZ3  sing N N 408 
LYS OXT HXT  sing N N 409 
MSE N   CA   sing N N 410 
MSE N   H    sing N N 411 
MSE N   H2   sing N N 412 
MSE CA  C    sing N N 413 
MSE CA  CB   sing N N 414 
MSE CA  HA   sing N N 415 
MSE C   O    doub N N 416 
MSE C   OXT  sing N N 417 
MSE OXT HXT  sing N N 418 
MSE CB  CG   sing N N 419 
MSE CB  HB2  sing N N 420 
MSE CB  HB3  sing N N 421 
MSE CG  SE   sing N N 422 
MSE CG  HG2  sing N N 423 
MSE CG  HG3  sing N N 424 
MSE SE  CE   sing N N 425 
MSE CE  HE1  sing N N 426 
MSE CE  HE2  sing N N 427 
MSE CE  HE3  sing N N 428 
NH2 N   HN1  sing N N 429 
NH2 N   HN2  sing N N 430 
SER N   CA   sing N N 431 
SER N   H    sing N N 432 
SER N   H2   sing N N 433 
SER CA  C    sing N N 434 
SER CA  CB   sing N N 435 
SER CA  HA   sing N N 436 
SER C   O    doub N N 437 
SER C   OXT  sing N N 438 
SER CB  OG   sing N N 439 
SER CB  HB2  sing N N 440 
SER CB  HB3  sing N N 441 
SER OG  HG   sing N N 442 
SER OXT HXT  sing N N 443 
THR N   CA   sing N N 444 
THR N   H    sing N N 445 
THR N   H2   sing N N 446 
THR CA  C    sing N N 447 
THR CA  CB   sing N N 448 
THR CA  HA   sing N N 449 
THR C   O    doub N N 450 
THR C   OXT  sing N N 451 
THR CB  OG1  sing N N 452 
THR CB  CG2  sing N N 453 
THR CB  HB   sing N N 454 
THR OG1 HG1  sing N N 455 
THR CG2 HG21 sing N N 456 
THR CG2 HG22 sing N N 457 
THR CG2 HG23 sing N N 458 
THR OXT HXT  sing N N 459 
TRP N   CA   sing N N 460 
TRP N   H    sing N N 461 
TRP N   H2   sing N N 462 
TRP CA  C    sing N N 463 
TRP CA  CB   sing N N 464 
TRP CA  HA   sing N N 465 
TRP C   O    doub N N 466 
TRP C   OXT  sing N N 467 
TRP CB  CG   sing N N 468 
TRP CB  HB2  sing N N 469 
TRP CB  HB3  sing N N 470 
TRP CG  CD1  doub Y N 471 
TRP CG  CD2  sing Y N 472 
TRP CD1 NE1  sing Y N 473 
TRP CD1 HD1  sing N N 474 
TRP CD2 CE2  doub Y N 475 
TRP CD2 CE3  sing Y N 476 
TRP NE1 CE2  sing Y N 477 
TRP NE1 HE1  sing N N 478 
TRP CE2 CZ2  sing Y N 479 
TRP CE3 CZ3  doub Y N 480 
TRP CE3 HE3  sing N N 481 
TRP CZ2 CH2  doub Y N 482 
TRP CZ2 HZ2  sing N N 483 
TRP CZ3 CH2  sing Y N 484 
TRP CZ3 HZ3  sing N N 485 
TRP CH2 HH2  sing N N 486 
TRP OXT HXT  sing N N 487 
TYR N   CA   sing N N 488 
TYR N   H    sing N N 489 
TYR N   H2   sing N N 490 
TYR CA  C    sing N N 491 
TYR CA  CB   sing N N 492 
TYR CA  HA   sing N N 493 
TYR C   O    doub N N 494 
TYR C   OXT  sing N N 495 
TYR CB  CG   sing N N 496 
TYR CB  HB2  sing N N 497 
TYR CB  HB3  sing N N 498 
TYR CG  CD1  doub Y N 499 
TYR CG  CD2  sing Y N 500 
TYR CD1 CE1  sing Y N 501 
TYR CD1 HD1  sing N N 502 
TYR CD2 CE2  doub Y N 503 
TYR CD2 HD2  sing N N 504 
TYR CE1 CZ   doub Y N 505 
TYR CE1 HE1  sing N N 506 
TYR CE2 CZ   sing Y N 507 
TYR CE2 HE2  sing N N 508 
TYR CZ  OH   sing N N 509 
TYR OH  HH   sing N N 510 
TYR OXT HXT  sing N N 511 
VAL N   CA   sing N N 512 
VAL N   H    sing N N 513 
VAL N   H2   sing N N 514 
VAL CA  C    sing N N 515 
VAL CA  CB   sing N N 516 
VAL CA  HA   sing N N 517 
VAL C   O    doub N N 518 
VAL C   OXT  sing N N 519 
VAL CB  CG1  sing N N 520 
VAL CB  CG2  sing N N 521 
VAL CB  HB   sing N N 522 
VAL CG1 HG11 sing N N 523 
VAL CG1 HG12 sing N N 524 
VAL CG1 HG13 sing N N 525 
VAL CG2 HG21 sing N N 526 
VAL CG2 HG22 sing N N 527 
VAL CG2 HG23 sing N N 528 
VAL OXT HXT  sing N N 529 
# 
_pdbx_audit_support.funding_organization   'National Institutes of Health/National Human Genome Research Institute (NIH/NHGRI)' 
_pdbx_audit_support.country                'United States' 
_pdbx_audit_support.grant_number           ? 
_pdbx_audit_support.ordinal                1 
# 
_space_group.crystal_system   trigonal 
_space_group.name_H-M_alt     'R 3 :H' 
_space_group.IT_number        146 
_space_group.name_Hall        'R 3' 
_space_group.id               1 
# 
_atom_sites.entry_id                    6PSA 
_atom_sites.fract_transf_matrix[1][1]   -0.01481435 
_atom_sites.fract_transf_matrix[1][2]   0.00416177 
_atom_sites.fract_transf_matrix[1][3]   -0.01794813 
_atom_sites.fract_transf_matrix[2][1]   0.00784967 
_atom_sites.fract_transf_matrix[2][2]   0.01068908 
_atom_sites.fract_transf_matrix[2][3]   -0.01957098 
_atom_sites.fract_transf_matrix[3][1]   0.00337224 
_atom_sites.fract_transf_matrix[3][2]   -0.01315972 
_atom_sites.fract_transf_matrix[3][3]   -0.00583488 
_atom_sites.fract_transf_vector[1]      0.155996 
_atom_sites.fract_transf_vector[2]      0.012397 
_atom_sites.fract_transf_vector[3]      0.228164 
# 
loop_
_atom_type.symbol 
C  
CL 
H  
N  
O  
S  
SE 
# 
loop_
_atom_site.group_PDB 
_atom_site.id 
_atom_site.type_symbol 
_atom_site.label_atom_id 
_atom_site.label_alt_id 
_atom_site.label_comp_id 
_atom_site.label_asym_id 
_atom_site.label_entity_id 
_atom_site.label_seq_id 
_atom_site.pdbx_PDB_ins_code 
_atom_site.Cartn_x 
_atom_site.Cartn_y 
_atom_site.Cartn_z 
_atom_site.occupancy 
_atom_site.B_iso_or_equiv 
_atom_site.pdbx_formal_charge 
_atom_site.auth_seq_id 
_atom_site.auth_comp_id 
_atom_site.auth_asym_id 
_atom_site.auth_atom_id 
_atom_site.pdbx_PDB_model_num 
HETATM 1    C  C    . ACE A 1 1  ? -1.666 -18.319 0.259   1.00 25.48 ? 0   ACE H C    1 
HETATM 2    O  O    . ACE A 1 1  ? -2.472 -17.781 1.034   1.00 26.73 ? 0   ACE H O    1 
HETATM 3    C  CH3  . ACE A 1 1  ? -0.301 -17.745 -0.017  1.00 24.96 ? 0   ACE H CH3  1 
HETATM 4    H  H1   . ACE A 1 1  ? 0.461  -18.487 0.221   1.00 30.04 ? 0   ACE H H1   1 
HETATM 5    H  H2   . ACE A 1 1  ? -0.227 -17.472 -1.069  1.00 30.04 ? 0   ACE H H2   1 
HETATM 6    H  H3   . ACE A 1 1  ? -0.148 -16.858 0.600   1.00 30.04 ? 0   ACE H H3   1 
HETATM 7    N  N    . DLY A 1 2  ? -2.217 -19.216 -0.558  1.00 26.17 ? 1   DLY H N    1 
HETATM 8    C  CA   . DLY A 1 2  ? -3.618 -19.652 -0.501  1.00 27.39 ? 1   DLY H CA   1 
HETATM 9    C  C    . DLY A 1 2  ? -4.434 -19.019 -1.618  1.00 26.54 ? 1   DLY H C    1 
HETATM 10   O  O    . DLY A 1 2  ? -3.937 -18.821 -2.727  1.00 27.51 ? 1   DLY H O    1 
HETATM 11   C  CB   . DLY A 1 2  ? -3.722 -21.177 -0.523  1.00 31.28 ? 1   DLY H CB   1 
HETATM 12   C  CG   . DLY A 1 2  ? -3.415 -21.804 0.830   1.00 35.04 ? 1   DLY H CG   1 
HETATM 13   C  CD   . DLY A 1 2  ? -3.332 -23.316 0.769   1.00 38.28 ? 1   DLY H CD   1 
HETATM 14   C  CE   . DLY A 1 2  ? -3.197 -23.895 2.170   1.00 40.20 ? 1   DLY H CE   1 
HETATM 15   N  NZ   . DLY A 1 2  ? -3.266 -25.381 2.148   1.00 41.29 ? 1   DLY H NZ   1 
ATOM   16   N  N    . GLY A 1 3  ? -5.679 -18.665 -1.313  1.00 25.35 ? 2   GLY H N    1 
ATOM   17   C  CA   . GLY A 1 3  ? -6.474 -17.856 -2.220  1.00 25.51 ? 2   GLY H CA   1 
ATOM   18   C  C    . GLY A 1 3  ? -5.833 -16.494 -2.415  1.00 24.92 ? 2   GLY H C    1 
ATOM   19   O  O    . GLY A 1 3  ? -5.270 -15.939 -1.480  1.00 24.04 ? 2   GLY H O    1 
ATOM   20   H  H    . GLY A 1 3  ? -6.083 -18.882 -0.587  1.00 30.50 ? 2   GLY H H    1 
ATOM   21   H  HA2  . GLY A 1 3  ? -6.543 -18.297 -3.082  1.00 30.70 ? 2   GLY H HA2  1 
ATOM   22   H  HA3  . GLY A 1 3  ? -7.366 -17.736 -1.857  1.00 30.70 ? 2   GLY H HA3  1 
HETATM 23   N  N    . DHI A 1 4  ? -5.906 -15.964 -3.632  1.00 25.18 ? 3   DHI H N    1 
HETATM 24   C  CA   . DHI A 1 4  ? -5.378 -14.639 -3.948  1.00 25.23 ? 3   DHI H CA   1 
HETATM 25   C  C    . DHI A 1 4  ? -4.614 -14.651 -5.262  1.00 22.25 ? 3   DHI H C    1 
HETATM 26   O  O    . DHI A 1 4  ? -4.856 -15.504 -6.115  1.00 21.91 ? 3   DHI H O    1 
HETATM 27   C  CB   . DHI A 1 4  ? -6.514 -13.617 -4.033  1.00 29.20 ? 3   DHI H CB   1 
HETATM 28   C  CG   . DHI A 1 4  ? -7.203 -13.368 -2.728  1.00 32.26 ? 3   DHI H CG   1 
HETATM 29   N  ND1  . DHI A 1 4  ? -8.283 -14.110 -2.301  1.00 33.80 ? 3   DHI H ND1  1 
HETATM 30   C  CD2  . DHI A 1 4  ? -6.961 -12.459 -1.753  1.00 33.40 ? 3   DHI H CD2  1 
HETATM 31   C  CE1  . DHI A 1 4  ? -8.678 -13.667 -1.119  1.00 34.34 ? 3   DHI H CE1  1 
HETATM 32   N  NE2  . DHI A 1 4  ? -7.896 -12.661 -0.768  1.00 34.42 ? 3   DHI H NE2  1 
HETATM 33   N  N    . DPR A 1 5  ? -3.699 -13.692 -5.451  1.00 20.53 ? 4   DPR H N    1 
HETATM 34   C  CA   . DPR A 1 5  ? -2.899 -13.717 -6.682  1.00 20.01 ? 4   DPR H CA   1 
HETATM 35   C  CB   . DPR A 1 5  ? -2.062 -12.438 -6.599  1.00 21.40 ? 4   DPR H CB   1 
HETATM 36   C  CG   . DPR A 1 5  ? -2.077 -12.038 -5.173  1.00 21.71 ? 4   DPR H CG   1 
HETATM 37   C  CD   . DPR A 1 5  ? -3.288 -12.618 -4.522  1.00 20.90 ? 4   DPR H CD   1 
HETATM 38   C  C    . DPR A 1 5  ? -3.780 -13.700 -7.929  1.00 20.21 ? 4   DPR H C    1 
HETATM 39   O  O    . DPR A 1 5  ? -3.419 -14.271 -8.967  1.00 20.08 ? 4   DPR H O    1 
HETATM 40   N  N    . DCY A 1 6  ? -4.939 -13.054 -7.828  1.00 21.76 ? 5   DCY H N    1 
HETATM 41   C  CA   . DCY A 1 6  ? -5.804 -12.893 -8.985  1.00 23.26 ? 5   DCY H CA   1 
HETATM 42   C  C    . DCY A 1 6  ? -6.417 -14.221 -9.450  1.00 23.51 ? 5   DCY H C    1 
HETATM 43   O  O    . DCY A 1 6  ? -7.039 -14.290 -10.521 1.00 24.11 ? 5   DCY H O    1 
HETATM 44   C  CB   . DCY A 1 6  ? -6.876 -11.819 -8.712  1.00 25.65 ? 5   DCY H CB   1 
HETATM 45   S  SG   . DCY A 1 6  ? -6.230 -10.142 -8.369  1.00 28.13 ? 5   DCY H SG   1 
HETATM 46   N  N    . DAS A 1 7  ? -6.219 -15.269 -8.650  1.00 22.92 ? 6   DAS H N    1 
HETATM 47   C  CA   . DAS A 1 7  ? -6.702 -16.617 -8.980  1.00 23.95 ? 6   DAS H CA   1 
HETATM 48   C  C    . DAS A 1 7  ? -5.800 -17.349 -9.963  1.00 23.18 ? 6   DAS H C    1 
HETATM 49   O  O    . DAS A 1 7  ? -6.170 -18.392 -10.516 1.00 24.39 ? 6   DAS H O    1 
HETATM 50   C  CB   . DAS A 1 7  ? -6.781 -17.481 -7.725  1.00 26.02 ? 6   DAS H CB   1 
HETATM 51   C  CG   . DAS A 1 7  ? -7.797 -16.986 -6.741  1.00 28.22 ? 6   DAS H CG   1 
HETATM 52   O  OD1  . DAS A 1 7  ? -8.665 -16.176 -7.136  1.00 29.86 ? 6   DAS H OD1  1 
HETATM 53   O  OD2  . DAS A 1 7  ? -7.716 -17.413 -5.569  1.00 28.28 ? 6   DAS H OD2  1 
HETATM 54   N  N    . DTY A 1 8  ? -4.603 -16.814 -10.166 1.00 22.19 ? 7   DTY H N    1 
HETATM 55   C  CA   . DTY A 1 8  ? -3.582 -17.522 -10.914 1.00 21.61 ? 7   DTY H CA   1 
HETATM 56   C  C    . DTY A 1 8  ? -3.064 -16.630 -12.023 1.00 20.04 ? 7   DTY H C    1 
HETATM 57   O  O    . DTY A 1 8  ? -2.517 -15.565 -11.747 1.00 20.51 ? 7   DTY H O    1 
HETATM 58   C  CB   . DTY A 1 8  ? -2.426 -17.888 -9.979  1.00 22.64 ? 7   DTY H CB   1 
HETATM 59   C  CG   . DTY A 1 8  ? -2.818 -18.619 -8.693  1.00 23.59 ? 7   DTY H CG   1 
HETATM 60   C  CD1  . DTY A 1 8  ? -2.860 -20.006 -8.645  1.00 26.14 ? 7   DTY H CD1  1 
HETATM 61   C  CD2  . DTY A 1 8  ? -3.108 -17.923 -7.521  1.00 23.42 ? 7   DTY H CD2  1 
HETATM 62   C  CE1  . DTY A 1 8  ? -3.197 -20.664 -7.479  1.00 26.83 ? 7   DTY H CE1  1 
HETATM 63   C  CE2  . DTY A 1 8  ? -3.446 -18.571 -6.368  1.00 24.66 ? 7   DTY H CE2  1 
HETATM 64   C  CZ   . DTY A 1 8  ? -3.487 -19.942 -6.343  1.00 26.60 ? 7   DTY H CZ   1 
HETATM 65   O  OH   . DTY A 1 8  ? -3.823 -20.600 -5.178  1.00 27.98 ? 7   DTY H OH   1 
HETATM 66   N  N    . DPR A 1 9  ? -3.235 -17.041 -13.282 1.00 20.14 ? 8   DPR H N    1 
HETATM 67   C  CA   . DPR A 1 9  ? -2.729 -16.174 -14.352 1.00 19.62 ? 8   DPR H CA   1 
HETATM 68   C  CB   . DPR A 1 9  ? -2.977 -17.006 -15.618 1.00 20.59 ? 8   DPR H CB   1 
HETATM 69   C  CG   . DPR A 1 9  ? -4.117 -17.862 -15.247 1.00 22.13 ? 8   DPR H CG   1 
HETATM 70   C  CD   . DPR A 1 9  ? -3.940 -18.219 -13.820 1.00 20.94 ? 8   DPR H CD   1 
HETATM 71   C  C    . DPR A 1 9  ? -1.247 -15.868 -14.196 1.00 19.01 ? 8   DPR H C    1 
HETATM 72   O  O    . DPR A 1 9  ? -0.825 -14.769 -14.554 1.00 19.03 ? 8   DPR H O    1 
HETATM 73   N  N    . DGL A 1 10 ? -0.470 -16.808 -13.666 1.00 19.28 ? 9   DGL H N    1 
HETATM 74   C  CA   . DGL A 1 10 ? 0.965  -16.602 -13.513 1.00 20.81 ? 9   DGL H CA   1 
HETATM 75   C  C    . DGL A 1 10 ? 1.300  -15.491 -12.539 1.00 19.25 ? 9   DGL H C    1 
HETATM 76   O  O    . DGL A 1 10 ? 2.436  -15.019 -12.528 1.00 20.60 ? 9   DGL H O    1 
HETATM 77   C  CB   . DGL A 1 10 ? 1.684  -17.866 -13.049 1.00 24.51 ? 9   DGL H CB   1 
HETATM 78   C  CG   . DGL A 1 10 ? 0.852  -18.845 -12.248 1.00 28.94 ? 9   DGL H CG   1 
HETATM 79   C  CD   . DGL A 1 10 ? -0.058 -19.727 -13.104 1.00 29.05 ? 9   DGL H CD   1 
HETATM 80   O  OE1  . DGL A 1 10 ? -1.271 -19.532 -12.999 1.00 28.82 ? 9   DGL H OE1  1 
HETATM 81   O  OE2  . DGL A 1 10 ? 0.403  -20.667 -13.820 1.00 33.66 ? 9   DGL H OE2  1 
HETATM 82   N  N    . DTR A 1 11 ? 0.337  -15.113 -11.698 1.00 17.36 ? 10  DTR H N    1 
HETATM 83   C  CA   . DTR A 1 11 ? 0.560  -14.070 -10.703 1.00 16.29 ? 10  DTR H CA   1 
HETATM 84   C  CB   . DTR A 1 11 ? 0.124  -14.549 -9.322  1.00 17.26 ? 10  DTR H CB   1 
HETATM 85   C  CG   . DTR A 1 11 ? 1.014  -15.578 -8.726  1.00 17.69 ? 10  DTR H CG   1 
HETATM 86   C  CD1  . DTR A 1 11 ? 0.833  -16.947 -8.714  1.00 18.87 ? 10  DTR H CD1  1 
HETATM 87   N  NE1  . DTR A 1 11 ? 1.879  -17.550 -8.052  1.00 20.46 ? 10  DTR H NE1  1 
HETATM 88   C  CE2  . DTR A 1 11 ? 2.763  -16.583 -7.645  1.00 19.06 ? 10  DTR H CE2  1 
HETATM 89   C  CZ2  . DTR A 1 11 ? 3.956  -16.697 -6.940  1.00 19.97 ? 10  DTR H CZ2  1 
HETATM 90   C  CH2  . DTR A 1 11 ? 4.640  -15.538 -6.660  1.00 19.94 ? 10  DTR H CH2  1 
HETATM 91   C  CZ3  . DTR A 1 11 ? 4.150  -14.281 -7.054  1.00 19.54 ? 10  DTR H CZ3  1 
HETATM 92   C  CE3  . DTR A 1 11 ? 2.966  -14.166 -7.745  1.00 18.08 ? 10  DTR H CE3  1 
HETATM 93   C  CD2  . DTR A 1 11 ? 2.250  -15.335 -8.064  1.00 17.68 ? 10  DTR H CD2  1 
HETATM 94   C  C    . DTR A 1 11 ? -0.219 -12.820 -11.055 1.00 15.69 ? 10  DTR H C    1 
HETATM 95   O  O    . DTR A 1 11 ? -0.405 -11.948 -10.193 1.00 15.77 ? 10  DTR H O    1 
HETATM 96   N  N    . DGN A 1 12 ? -0.672 -12.699 -12.295 1.00 16.23 ? 11  DGN H N    1 
HETATM 97   C  CA   . DGN A 1 12 ? -1.469 -11.539 -12.668 1.00 17.04 ? 11  DGN H CA   1 
HETATM 98   C  C    . DGN A 1 12 ? -0.726 -10.230 -12.427 1.00 16.31 ? 11  DGN H C    1 
HETATM 99   O  O    . DGN A 1 12 ? -1.332 -9.230  -12.029 1.00 16.88 ? 11  DGN H O    1 
HETATM 100  C  CB   . DGN A 1 12 ? -1.902 -11.621 -14.129 1.00 17.61 ? 11  DGN H CB   1 
HETATM 101  C  CG   . DGN A 1 12 ? -2.651 -10.401 -14.613 1.00 18.35 ? 11  DGN H CG   1 
HETATM 102  C  CD   . DGN A 1 12 ? -3.969 -10.183 -13.891 1.00 20.73 ? 11  DGN H CD   1 
HETATM 103  O  OE1  . DGN A 1 12 ? -4.569 -11.106 -13.350 1.00 22.38 ? 11  DGN H OE1  1 
HETATM 104  N  NE2  . DGN A 1 12 ? -4.411 -8.937  -13.863 1.00 21.50 ? 11  DGN H NE2  1 
HETATM 105  N  N    . DTR A 1 13 ? 0.579  -10.216 -12.678 1.00 16.61 ? 12  DTR H N    1 
HETATM 106  C  CA   . DTR A 1 13 ? 1.370  -9.007  -12.497 1.00 17.17 ? 12  DTR H CA   1 
HETATM 107  C  CB   . DTR A 1 13 ? 2.838  -9.286  -12.876 1.00 19.75 ? 12  DTR H CB   1 
HETATM 108  C  CG   . DTR A 1 13 ? 3.495  -10.360 -12.051 1.00 20.12 ? 12  DTR H CG   1 
HETATM 109  C  CD1  . DTR A 1 13 ? 3.578  -11.702 -12.341 1.00 20.86 ? 12  DTR H CD1  1 
HETATM 110  N  NE1  . DTR A 1 13 ? 4.249  -12.359 -11.338 1.00 21.52 ? 12  DTR H NE1  1 
HETATM 111  C  CE2  . DTR A 1 13 ? 4.631  -11.446 -10.387 1.00 21.43 ? 12  DTR H CE2  1 
HETATM 112  C  CZ2  . DTR A 1 13 ? 5.340  -11.620 -9.202  1.00 22.07 ? 12  DTR H CZ2  1 
HETATM 113  C  CH2  . DTR A 1 13 ? 5.568  -10.510 -8.440  1.00 22.45 ? 12  DTR H CH2  1 
HETATM 114  C  CZ3  . DTR A 1 13 ? 5.111  -9.255  -8.824  1.00 22.45 ? 12  DTR H CZ3  1 
HETATM 115  C  CE3  . DTR A 1 13 ? 4.425  -9.070  -9.991  1.00 22.62 ? 12  DTR H CE3  1 
HETATM 116  C  CD2  . DTR A 1 13 ? 4.173  -10.179 -10.803 1.00 21.07 ? 12  DTR H CD2  1 
HETATM 117  C  C    . DTR A 1 13 ? 1.269  -8.544  -11.053 1.00 17.31 ? 12  DTR H C    1 
HETATM 118  O  O    . DTR A 1 13 ? 1.291  -7.329  -10.778 1.00 19.81 ? 12  DTR H O    1 
HETATM 119  N  N    . DLE A 1 14 ? 1.167  -9.493  -10.123 1.00 15.60 ? 13  DLE H N    1 
HETATM 120  C  CA   . DLE A 1 14 ? 1.077  -9.132  -8.701  1.00 15.55 ? 13  DLE H CA   1 
HETATM 121  C  CB   . DLE A 1 14 ? 1.549  -10.296 -7.828  1.00 15.65 ? 13  DLE H CB   1 
HETATM 122  C  CG   . DLE A 1 14 ? 1.621  -10.049 -6.324  1.00 17.01 ? 13  DLE H CG   1 
HETATM 123  C  CD1  . DLE A 1 14 ? 2.566  -8.874  -6.013  1.00 18.45 ? 13  DLE H CD1  1 
HETATM 124  C  CD2  . DLE A 1 14 ? 2.079  -11.321 -5.623  1.00 17.85 ? 13  DLE H CD2  1 
HETATM 125  C  C    . DLE A 1 14 ? -0.360 -8.696  -8.355  1.00 15.98 ? 13  DLE H C    1 
HETATM 126  O  O    . DLE A 1 14 ? -0.571 -7.707  -7.621  1.00 17.81 ? 13  DLE H O    1 
HETATM 127  N  N    . DCY A 1 15 ? -1.329 -9.424  -8.907  1.00 17.48 ? 14  DCY H N    1 
HETATM 128  C  CA   . DCY A 1 15 ? -2.742 -9.068  -8.839  1.00 19.89 ? 14  DCY H CA   1 
HETATM 129  C  C    . DCY A 1 15 ? -2.940 -7.580  -9.169  1.00 20.40 ? 14  DCY H C    1 
HETATM 130  O  O    . DCY A 1 15 ? -3.680 -6.866  -8.478  1.00 22.28 ? 14  DCY H O    1 
HETATM 131  C  CB   . DCY A 1 15 ? -3.512 -9.973  -9.821  1.00 22.71 ? 14  DCY H CB   1 
HETATM 132  S  SG   . DCY A 1 15 ? -5.254 -9.629  -10.078 1.00 25.79 ? 14  DCY H SG   1 
HETATM 133  N  N    . DGL A 1 16 ? -2.266 -7.113  -10.217 1.00 19.05 ? 15  DGL H N    1 
HETATM 134  C  CA   . DGL A 1 16 ? -2.438 -5.748  -10.704 1.00 20.40 ? 15  DGL H CA   1 
HETATM 135  C  C    . DGL A 1 16 ? -1.846 -4.677  -9.804  1.00 21.06 ? 15  DGL H C    1 
HETATM 136  O  O    . DGL A 1 16 ? -2.249 -3.513  -9.878  1.00 22.71 ? 15  DGL H O    1 
HETATM 137  C  CB   . DGL A 1 16 ? -1.857 -5.631  -12.097 1.00 21.02 ? 15  DGL H CB   1 
HETATM 138  C  CG   . DGL A 1 16 ? -2.807 -6.149  -13.139 1.00 23.48 ? 15  DGL H CG   1 
HETATM 139  C  CD   . DGL A 1 16 ? -2.229 -6.133  -14.529 1.00 25.08 ? 15  DGL H CD   1 
HETATM 140  O  OE1  . DGL A 1 16 ? -1.349 -5.294  -14.814 1.00 27.94 ? 15  DGL H OE1  1 
HETATM 141  O  OE2  . DGL A 1 16 ? -2.672 -6.961  -15.342 1.00 24.59 ? 15  DGL H OE2  1 
HETATM 142  N  N    . DLE A 1 17 ? -0.903 -5.066  -8.958  1.00 22.10 ? 16  DLE H N    1 
HETATM 143  C  CA   . DLE A 1 17 ? -0.322 -4.134  -8.009  1.00 23.92 ? 16  DLE H CA   1 
HETATM 144  C  CB   . DLE A 1 17 ? 1.056  -4.620  -7.563  1.00 23.79 ? 16  DLE H CB   1 
HETATM 145  C  CG   . DLE A 1 17 ? 2.075  -4.720  -8.699  1.00 25.05 ? 16  DLE H CG   1 
HETATM 146  C  CD1  . DLE A 1 17 ? 3.427  -5.239  -8.215  1.00 24.42 ? 16  DLE H CD1  1 
HETATM 147  C  CD2  . DLE A 1 17 ? 2.237  -3.386  -9.417  1.00 26.82 ? 16  DLE H CD2  1 
HETATM 148  C  C    . DLE A 1 17 ? -1.232 -3.941  -6.809  1.00 26.11 ? 16  DLE H C    1 
HETATM 149  O  O    . DLE A 1 17 ? -0.985 -3.080  -5.976  1.00 28.55 ? 16  DLE H O    1 
HETATM 150  N  N    . NH2 A 1 18 ? -2.295 -4.727  -6.723  1.00 26.40 ? 17  NH2 H N    1 
HETATM 151  C  C    . ACE B 2 1  ? -1.963 37.586  10.438  1.00 29.11 ? 0   ACE A C    1 
HETATM 152  O  O    . ACE B 2 1  ? -2.077 36.446  9.981   1.00 28.97 ? 0   ACE A O    1 
HETATM 153  C  CH3  . ACE B 2 1  ? -2.958 38.666  10.132  1.00 29.76 ? 0   ACE A CH3  1 
HETATM 154  H  H1   . ACE B 2 1  ? -3.515 38.912  11.036  1.00 35.79 ? 0   ACE A H1   1 
HETATM 155  H  H2   . ACE B 2 1  ? -2.433 39.553  9.776   1.00 35.79 ? 0   ACE A H2   1 
HETATM 156  H  H3   . ACE B 2 1  ? -3.647 38.318  9.364   1.00 35.79 ? 0   ACE A H3   1 
ATOM   157  N  N    . ARG B 2 2  ? -1.491 37.549  11.681  1.00 29.69 ? 1   ARG A N    1 
ATOM   158  C  CA   . ARG B 2 2  ? -0.535 36.520  12.078  1.00 31.46 ? 1   ARG A CA   1 
ATOM   159  C  C    . ARG B 2 2  ? -1.259 35.210  12.400  1.00 30.36 ? 1   ARG A C    1 
ATOM   160  O  O    . ARG B 2 2  ? -0.773 34.144  12.065  1.00 30.23 ? 1   ARG A O    1 
ATOM   161  C  CB   . ARG B 2 2  ? 0.300  36.988  13.276  1.00 35.18 ? 1   ARG A CB   1 
ATOM   162  C  CG   . ARG B 2 2  ? 1.593  36.195  13.514  1.00 38.02 ? 1   ARG A CG   1 
ATOM   163  C  CD   . ARG B 2 2  ? 2.582  37.031  14.325  1.00 41.06 ? 1   ARG A CD   1 
ATOM   164  N  NE   . ARG B 2 2  ? 3.652  36.244  14.944  1.00 43.10 ? 1   ARG A NE   1 
ATOM   165  C  CZ   . ARG B 2 2  ? 4.570  36.755  15.768  1.00 44.13 ? 1   ARG A CZ   1 
ATOM   166  N  NH1  . ARG B 2 2  ? 4.553  38.044  16.070  1.00 44.13 ? 1   ARG A NH1  1 
ATOM   167  N  NH2  . ARG B 2 2  ? 5.507  35.983  16.297  1.00 44.70 ? 1   ARG A NH2  1 
ATOM   168  H  H    . ARG B 2 2  ? -1.699 38.095  12.311  1.00 35.71 ? 1   ARG A H    1 
ATOM   169  H  HA   . ARG B 2 2  ? 0.078  36.350  11.333  1.00 37.83 ? 1   ARG A HA   1 
ATOM   170  H  HB2  . ARG B 2 2  ? 0.548  37.915  13.135  1.00 42.30 ? 1   ARG A HB2  1 
ATOM   171  H  HB3  . ARG B 2 2  ? -0.241 36.914  14.077  1.00 42.30 ? 1   ARG A HB3  1 
ATOM   172  H  HG2  . ARG B 2 2  ? 1.390  35.388  14.013  1.00 45.70 ? 1   ARG A HG2  1 
ATOM   173  H  HG3  . ARG B 2 2  ? 2.000  35.975  12.662  1.00 45.70 ? 1   ARG A HG3  1 
ATOM   174  H  HD2  . ARG B 2 2  ? 2.994  37.684  13.738  1.00 49.35 ? 1   ARG A HD2  1 
ATOM   175  H  HD3  . ARG B 2 2  ? 2.099  37.485  15.034  1.00 49.35 ? 1   ARG A HD3  1 
ATOM   176  H  HE   . ARG B 2 2  ? 3.748  35.427  14.692  1.00 51.80 ? 1   ARG A HE   1 
ATOM   177  H  HH11 . ARG B 2 2  ? 3.948  38.556  15.735  1.00 53.04 ? 1   ARG A HH11 1 
ATOM   178  H  HH12 . ARG B 2 2  ? 5.146  38.369  16.601  1.00 53.04 ? 1   ARG A HH12 1 
ATOM   179  H  HH21 . ARG B 2 2  ? 5.531  35.145  16.108  1.00 53.72 ? 1   ARG A HH21 1 
ATOM   180  H  HH22 . ARG B 2 2  ? 6.095  36.322  16.826  1.00 53.72 ? 1   ARG A HH22 1 
HETATM 181  N  N    . MSE B 2 3  ? -2.438 35.283  13.010  1.00 29.28 ? 2   MSE A N    1 
HETATM 182  C  CA   . MSE B 2 3  ? -3.221 34.083  13.295  1.00 31.60 ? 2   MSE A CA   1 
HETATM 183  C  C    . MSE B 2 3  ? -3.599 33.351  12.012  1.00 28.59 ? 2   MSE A C    1 
HETATM 184  O  O    . MSE B 2 3  ? -3.549 32.115  11.952  1.00 28.23 ? 2   MSE A O    1 
HETATM 185  C  CB   . MSE B 2 3  ? -4.494 34.426  14.064  1.00 37.72 ? 2   MSE A CB   1 
HETATM 186  C  CG   . MSE B 2 3  ? -4.270 35.328  15.255  1.00 44.42 ? 2   MSE A CG   1 
HETATM 187  SE SE   . MSE B 2 3  ? -4.879 34.538  16.929  1.00 50.57 ? 2   MSE A SE   1 
HETATM 188  C  CE   . MSE B 2 3  ? -3.528 33.147  17.101  1.00 49.92 ? 2   MSE A CE   1 
HETATM 189  H  H    . MSE B 2 3  ? -2.808 36.015  13.268  1.00 35.22 ? 2   MSE A H    1 
HETATM 190  H  HA   . MSE B 2 3  ? -2.686 33.482  13.855  1.00 38.00 ? 2   MSE A HA   1 
HETATM 191  H  HB2  . MSE B 2 3  ? -5.109 34.877  13.463  1.00 45.35 ? 2   MSE A HB2  1 
HETATM 192  H  HB3  . MSE B 2 3  ? -4.895 33.604  14.386  1.00 45.35 ? 2   MSE A HB3  1 
ATOM   193  N  N    . LYS B 2 4  ? -3.990 34.098  10.984  1.00 26.56 ? 3   LYS A N    1 
ATOM   194  C  CA   . LYS B 2 4  ? -4.371 33.492  9.712   1.00 27.80 ? 3   LYS A CA   1 
ATOM   195  C  C    . LYS B 2 4  ? -3.164 32.817  9.077   1.00 25.83 ? 3   LYS A C    1 
ATOM   196  O  O    . LYS B 2 4  ? -3.274 31.736  8.482   1.00 25.29 ? 3   LYS A O    1 
ATOM   197  C  CB   . LYS B 2 4  ? -4.945 34.540  8.764   1.00 31.98 ? 3   LYS A CB   1 
ATOM   198  C  CG   . LYS B 2 4  ? -6.381 34.892  9.059   1.00 37.08 ? 3   LYS A CG   1 
ATOM   199  C  CD   . LYS B 2 4  ? -6.972 35.781  7.972   1.00 40.39 ? 3   LYS A CD   1 
ATOM   200  C  CE   . LYS B 2 4  ? -6.251 37.122  7.866   1.00 41.66 ? 3   LYS A CE   1 
ATOM   201  N  NZ   . LYS B 2 4  ? -6.323 37.892  9.135   1.00 41.69 ? 3   LYS A NZ   1 
ATOM   202  H  H    . LYS B 2 4  ? -4.042 34.956  10.997  1.00 31.95 ? 3   LYS A H    1 
ATOM   203  H  HA   . LYS B 2 4  ? -5.057 32.811  9.871   1.00 33.44 ? 3   LYS A HA   1 
ATOM   204  H  HB2  . LYS B 2 4  ? -4.418 35.352  8.837   1.00 38.46 ? 3   LYS A HB2  1 
ATOM   205  H  HB3  . LYS B 2 4  ? -4.902 34.200  7.857   1.00 38.46 ? 3   LYS A HB3  1 
ATOM   206  H  HG2  . LYS B 2 4  ? -6.907 34.079  9.105   1.00 44.58 ? 3   LYS A HG2  1 
ATOM   207  H  HG3  . LYS B 2 4  ? -6.427 35.371  9.901   1.00 44.58 ? 3   LYS A HG3  1 
ATOM   208  H  HD2  . LYS B 2 4  ? -6.897 35.330  7.117   1.00 48.54 ? 3   LYS A HD2  1 
ATOM   209  H  HD3  . LYS B 2 4  ? -7.904 35.956  8.177   1.00 48.54 ? 3   LYS A HD3  1 
ATOM   210  H  HE2  . LYS B 2 4  ? -5.316 36.965  7.661   1.00 50.08 ? 3   LYS A HE2  1 
ATOM   211  H  HE3  . LYS B 2 4  ? -6.663 37.651  7.166   1.00 50.08 ? 3   LYS A HE3  1 
ATOM   212  H  HZ1  . LYS B 2 4  ? -5.895 38.668  9.044   1.00 50.11 ? 3   LYS A HZ1  1 
ATOM   213  H  HZ2  . LYS B 2 4  ? -7.172 38.054  9.344   1.00 50.11 ? 3   LYS A HZ2  1 
ATOM   214  H  HZ3  . LYS B 2 4  ? -5.945 37.428  9.794   1.00 50.11 ? 3   LYS A HZ3  1 
ATOM   215  N  N    . GLN B 2 5  ? -1.991 33.416  9.221   1.00 25.09 ? 4   GLN A N    1 
ATOM   216  C  CA   . GLN B 2 5  ? -0.792 32.799  8.664   1.00 25.47 ? 4   GLN A CA   1 
ATOM   217  C  C    . GLN B 2 5  ? -0.528 31.442  9.336   1.00 23.42 ? 4   GLN A C    1 
ATOM   218  O  O    . GLN B 2 5  ? -0.212 30.458  8.675   1.00 22.73 ? 4   GLN A O    1 
ATOM   219  C  CB   . GLN B 2 5  ? 0.423  33.711  8.798   1.00 29.16 ? 4   GLN A CB   1 
ATOM   220  C  CG   . GLN B 2 5  ? 0.396  34.902  7.848   1.00 34.26 ? 4   GLN A CG   1 
ATOM   221  C  CD   . GLN B 2 5  ? 1.648  35.741  7.932   1.00 38.39 ? 4   GLN A CD   1 
ATOM   222  O  OE1  . GLN B 2 5  ? 2.136  36.039  9.019   1.00 38.48 ? 4   GLN A OE1  1 
ATOM   223  N  NE2  . GLN B 2 5  ? 2.183  36.123  6.777   1.00 40.91 ? 4   GLN A NE2  1 
ATOM   224  H  H    . GLN B 2 5  ? -1.860 34.164  9.626   1.00 30.19 ? 4   GLN A H    1 
ATOM   225  H  HA   . GLN B 2 5  ? -0.937 32.635  7.708   1.00 30.65 ? 4   GLN A HA   1 
ATOM   226  H  HB2  . GLN B 2 5  ? 0.459  34.056  9.704   1.00 35.08 ? 4   GLN A HB2  1 
ATOM   227  H  HB3  . GLN B 2 5  ? 1.224  33.198  8.609   1.00 35.08 ? 4   GLN A HB3  1 
ATOM   228  H  HG2  . GLN B 2 5  ? 0.313  34.578  6.937   1.00 41.20 ? 4   GLN A HG2  1 
ATOM   229  H  HG3  . GLN B 2 5  ? -0.360 35.467  8.069   1.00 41.20 ? 4   GLN A HG3  1 
ATOM   230  H  HE21 . GLN B 2 5  ? 1.815  35.891  6.035   1.00 49.18 ? 4   GLN A HE21 1 
ATOM   231  H  HE22 . GLN B 2 5  ? 2.896  36.603  6.770   1.00 49.18 ? 4   GLN A HE22 1 
ATOM   232  N  N    . ILE B 2 6  ? -0.663 31.389  10.654  1.00 23.51 ? 5   ILE A N    1 
ATOM   233  C  CA   . ILE B 2 6  ? -0.497 30.148  11.402  1.00 23.21 ? 5   ILE A CA   1 
ATOM   234  C  C    . ILE B 2 6  ? -1.563 29.147  10.988  1.00 21.21 ? 5   ILE A C    1 
ATOM   235  O  O    . ILE B 2 6  ? -1.255 27.984  10.759  1.00 20.63 ? 5   ILE A O    1 
ATOM   236  C  CB   . ILE B 2 6  ? -0.545 30.438  12.924  1.00 23.20 ? 5   ILE A CB   1 
ATOM   237  C  CG1  . ILE B 2 6  ? 0.778  31.052  13.391  1.00 25.08 ? 5   ILE A CG1  1 
ATOM   238  C  CG2  . ILE B 2 6  ? -0.823 29.201  13.740  1.00 23.04 ? 5   ILE A CG2  1 
ATOM   239  C  CD1  . ILE B 2 6  ? 0.656  31.799  14.713  1.00 25.95 ? 5   ILE A CD1  1 
ATOM   240  H  H    . ILE B 2 6  ? -0.851 32.068  11.146  1.00 28.30 ? 5   ILE A H    1 
ATOM   241  H  HA   . ILE B 2 6  ? 0.379  29.763  11.194  1.00 27.94 ? 5   ILE A HA   1 
ATOM   242  H  HB   . ILE B 2 6  ? -1.254 31.078  13.089  1.00 27.92 ? 5   ILE A HB   1 
ATOM   243  H  HG12 . ILE B 2 6  ? 1.431  30.343  13.507  1.00 30.18 ? 5   ILE A HG12 1 
ATOM   244  H  HG13 . ILE B 2 6  ? 1.088  31.680  12.720  1.00 30.18 ? 5   ILE A HG13 1 
ATOM   245  H  HG21 . ILE B 2 6  ? -0.841 29.438  14.669  1.00 27.73 ? 5   ILE A HG21 1 
ATOM   246  H  HG22 . ILE B 2 6  ? -1.672 28.838  13.476  1.00 27.73 ? 5   ILE A HG22 1 
ATOM   247  H  HG23 . ILE B 2 6  ? -0.129 28.558  13.579  1.00 27.73 ? 5   ILE A HG23 1 
ATOM   248  H  HD11 . ILE B 2 6  ? 1.515  32.159  14.948  1.00 31.23 ? 5   ILE A HD11 1 
ATOM   249  H  HD12 . ILE B 2 6  ? 0.021  32.511  14.611  1.00 31.23 ? 5   ILE A HD12 1 
ATOM   250  H  HD13 . ILE B 2 6  ? 0.359  31.188  15.390  1.00 31.23 ? 5   ILE A HD13 1 
ATOM   251  N  N    . GLU B 2 7  ? -2.812 29.583  10.861  1.00 20.26 ? 6   GLU A N    1 
ATOM   252  C  CA   . GLU B 2 7  ? -3.904 28.694  10.477  1.00 20.22 ? 6   GLU A CA   1 
ATOM   253  C  C    . GLU B 2 7  ? -3.690 28.126  9.074   1.00 19.09 ? 6   GLU A C    1 
ATOM   254  O  O    . GLU B 2 7  ? -3.986 26.957  8.820   1.00 19.08 ? 6   GLU A O    1 
ATOM   255  C  CB   . GLU B 2 7  ? -5.242 29.429  10.584  1.00 22.87 ? 6   GLU A CB   1 
ATOM   256  C  CG   . GLU B 2 7  ? -5.650 29.703  12.026  1.00 25.78 ? 6   GLU A CG   1 
ATOM   257  C  CD   . GLU B 2 7  ? -6.590 30.888  12.198  1.00 29.80 ? 6   GLU A CD   1 
ATOM   258  O  OE1  . GLU B 2 7  ? -6.646 31.783  11.321  1.00 30.28 ? 6   GLU A OE1  1 
ATOM   259  O  OE2  . GLU B 2 7  ? -7.262 30.922  13.242  1.00 31.94 ? 6   GLU A OE2  1 
ATOM   260  H  H    . GLU B 2 7  ? -3.056 30.397  10.995  1.00 24.40 ? 6   GLU A H    1 
ATOM   261  H  HA   . GLU B 2 7  ? -3.928 27.940  11.101  1.00 24.34 ? 6   GLU A HA   1 
ATOM   262  H  HB2  . GLU B 2 7  ? -5.175 30.280  10.124  1.00 27.53 ? 6   GLU A HB2  1 
ATOM   263  H  HB3  . GLU B 2 7  ? -5.935 28.885  10.175  1.00 27.53 ? 6   GLU A HB3  1 
ATOM   264  H  HG2  . GLU B 2 7  ? -6.098 28.918  12.376  1.00 31.02 ? 6   GLU A HG2  1 
ATOM   265  H  HG3  . GLU B 2 7  ? -4.850 29.883  12.545  1.00 31.02 ? 6   GLU A HG3  1 
ATOM   266  N  N    . ASP B 2 8  ? -3.135 28.919  8.171   1.00 18.85 ? 7   ASP A N    1 
ATOM   267  C  CA   . ASP B 2 8  ? -2.892 28.438  6.814   1.00 20.31 ? 7   ASP A CA   1 
ATOM   268  C  C    . ASP B 2 8  ? -1.787 27.384  6.824   1.00 19.98 ? 7   ASP A C    1 
ATOM   269  O  O    . ASP B 2 8  ? -1.855 26.414  6.085   1.00 20.70 ? 7   ASP A O    1 
ATOM   270  C  CB   . ASP B 2 8  ? -2.484 29.576  5.880   1.00 22.54 ? 7   ASP A CB   1 
ATOM   271  C  CG   . ASP B 2 8  ? -3.633 30.502  5.533   1.00 25.10 ? 7   ASP A CG   1 
ATOM   272  O  OD1  . ASP B 2 8  ? -3.358 31.588  4.984   1.00 27.48 ? 7   ASP A OD1  1 
ATOM   273  O  OD2  . ASP B 2 8  ? -4.796 30.158  5.812   1.00 25.70 ? 7   ASP A OD2  1 
ATOM   274  H  H    . ASP B 2 8  ? -2.893 29.733  8.311   1.00 22.71 ? 7   ASP A H    1 
ATOM   275  H  HA   . ASP B 2 8  ? -3.710 28.027  6.463   1.00 24.46 ? 7   ASP A HA   1 
ATOM   276  H  HB2  . ASP B 2 8  ? -1.794 30.105  6.310   1.00 27.13 ? 7   ASP A HB2  1 
ATOM   277  H  HB3  . ASP B 2 8  ? -2.145 29.200  5.053   1.00 27.13 ? 7   ASP A HB3  1 
ATOM   278  N  N    . LYS B 2 9  ? -0.764 27.569  7.652   1.00 20.02 ? 8   LYS A N    1 
ATOM   279  C  CA   . LYS B 2 9  ? 0.349  26.621  7.739   1.00 20.86 ? 8   LYS A CA   1 
ATOM   280  C  C    . LYS B 2 9  ? -0.132 25.292  8.323   1.00 19.57 ? 8   LYS A C    1 
ATOM   281  O  O    . LYS B 2 9  ? 0.221  24.201  7.855   1.00 19.32 ? 8   LYS A O    1 
ATOM   282  C  CB   . LYS B 2 9  ? 1.447  27.220  8.607   1.00 25.39 ? 8   LYS A CB   1 
ATOM   283  C  CG   . LYS B 2 9  ? 2.769  26.471  8.602   1.00 28.32 ? 8   LYS A CG   1 
ATOM   284  C  CD   . LYS B 2 9  ? 3.904  27.353  9.142   1.00 32.35 ? 8   LYS A CD   1 
ATOM   285  C  CE   . LYS B 2 9  ? 5.240  26.633  9.090   1.00 34.71 ? 8   LYS A CE   1 
ATOM   286  N  NZ   . LYS B 2 9  ? 6.326  27.286  9.871   1.00 36.79 ? 8   LYS A NZ   1 
ATOM   287  H  H    . LYS B 2 9  ? -0.688 28.242  8.181   1.00 24.11 ? 8   LYS A H    1 
ATOM   288  H  HA   . LYS B 2 9  ? 0.712  26.456  6.843   1.00 25.11 ? 8   LYS A HA   1 
ATOM   289  H  HB2  . LYS B 2 9  ? 1.624  28.122  8.298   1.00 30.55 ? 8   LYS A HB2  1 
ATOM   290  H  HB3  . LYS B 2 9  ? 1.132  27.247  9.524   1.00 30.55 ? 8   LYS A HB3  1 
ATOM   291  H  HG2  . LYS B 2 9  ? 2.696  25.686  9.169   1.00 34.06 ? 8   LYS A HG2  1 
ATOM   292  H  HG3  . LYS B 2 9  ? 2.989  26.211  7.693   1.00 34.06 ? 8   LYS A HG3  1 
ATOM   293  H  HD2  . LYS B 2 9  ? 3.970  28.155  8.601   1.00 38.90 ? 8   LYS A HD2  1 
ATOM   294  H  HD3  . LYS B 2 9  ? 3.719  27.584  10.065  1.00 38.90 ? 8   LYS A HD3  1 
ATOM   295  H  HE2  . LYS B 2 9  ? 5.122  25.737  9.442   1.00 41.74 ? 8   LYS A HE2  1 
ATOM   296  H  HE3  . LYS B 2 9  ? 5.530  26.585  8.167   1.00 41.74 ? 8   LYS A HE3  1 
ATOM   297  H  HZ1  . LYS B 2 9  ? 7.077  26.815  9.798   1.00 44.23 ? 8   LYS A HZ1  1 
ATOM   298  H  HZ2  . LYS B 2 9  ? 6.469  28.108  9.564   1.00 44.23 ? 8   LYS A HZ2  1 
ATOM   299  H  HZ3  . LYS B 2 9  ? 6.096  27.334  10.730  1.00 44.23 ? 8   LYS A HZ3  1 
ATOM   300  N  N    . ILE B 2 10 ? -0.968 25.378  9.341   1.00 18.04 ? 9   ILE A N    1 
ATOM   301  C  CA   . ILE B 2 10 ? -1.590 24.204  9.901   1.00 18.18 ? 9   ILE A CA   1 
ATOM   302  C  C    . ILE B 2 10 ? -2.403 23.455  8.848   1.00 17.58 ? 9   ILE A C    1 
ATOM   303  O  O    . ILE B 2 10 ? -2.322 22.227  8.779   1.00 17.04 ? 9   ILE A O    1 
ATOM   304  C  CB   . ILE B 2 10 ? -2.458 24.598  11.085  1.00 18.56 ? 9   ILE A CB   1 
ATOM   305  C  CG1  . ILE B 2 10 ? -1.545 24.967  12.246  1.00 20.13 ? 9   ILE A CG1  1 
ATOM   306  C  CG2  . ILE B 2 10 ? -3.393 23.459  11.463  1.00 19.86 ? 9   ILE A CG2  1 
ATOM   307  C  CD1  . ILE B 2 10 ? -2.263 25.663  13.397  1.00 21.62 ? 9   ILE A CD1  1 
ATOM   308  H  H    . ILE B 2 10 ? -1.192 26.113  9.727   1.00 21.73 ? 9   ILE A H    1 
ATOM   309  H  HA   . ILE B 2 10 ? -0.890 23.599  10.228  1.00 21.90 ? 9   ILE A HA   1 
ATOM   310  H  HB   . ILE B 2 10 ? -2.988 25.373  10.843  1.00 22.35 ? 9   ILE A HB   1 
ATOM   311  H  HG12 . ILE B 2 10 ? -1.140 24.158  12.596  1.00 24.23 ? 9   ILE A HG12 1 
ATOM   312  H  HG13 . ILE B 2 10 ? -0.855 25.566  11.921  1.00 24.23 ? 9   ILE A HG13 1 
ATOM   313  H  HG21 . ILE B 2 10 ? -3.929 23.731  12.210  1.00 23.91 ? 9   ILE A HG21 1 
ATOM   314  H  HG22 . ILE B 2 10 ? -3.956 23.256  10.712  1.00 23.91 ? 9   ILE A HG22 1 
ATOM   315  H  HG23 . ILE B 2 10 ? -2.869 22.690  11.698  1.00 23.91 ? 9   ILE A HG23 1 
ATOM   316  H  HD11 . ILE B 2 10 ? -1.625 25.864  14.086  1.00 26.03 ? 9   ILE A HD11 1 
ATOM   317  H  HD12 . ILE B 2 10 ? -2.660 26.475  13.072  1.00 26.03 ? 9   ILE A HD12 1 
ATOM   318  H  HD13 . ILE B 2 10 ? -2.943 25.080  13.739  1.00 26.03 ? 9   ILE A HD13 1 
ATOM   319  N  N    . GLU B 2 11 ? -3.173 24.170  8.030   1.00 17.49 ? 10  GLU A N    1 
ATOM   320  C  CA   . GLU B 2 11 ? -3.949 23.537  6.971   1.00 18.14 ? 10  GLU A CA   1 
ATOM   321  C  C    . GLU B 2 11 ? -3.034 22.824  6.007   1.00 18.36 ? 10  GLU A C    1 
ATOM   322  O  O    . GLU B 2 11 ? -3.347 21.727  5.568   1.00 17.81 ? 10  GLU A O    1 
ATOM   323  C  CB   . GLU B 2 11 ? -4.805 24.554  6.195   1.00 21.47 ? 10  GLU A CB   1 
ATOM   324  C  CG   . GLU B 2 11 ? -5.590 23.927  5.035   1.00 25.08 ? 10  GLU A CG   1 
ATOM   325  C  CD   . GLU B 2 11 ? -4.740 23.638  3.804   1.00 28.79 ? 10  GLU A CD   1 
ATOM   326  O  OE1  . GLU B 2 11 ? -3.760 24.368  3.562   1.00 31.73 ? 10  GLU A OE1  1 
ATOM   327  O  OE2  . GLU B 2 11 ? -5.036 22.659  3.079   1.00 30.73 ? 10  GLU A OE2  1 
ATOM   328  H  H    . GLU B 2 11 ? -3.263 25.024  8.070   1.00 21.07 ? 10  GLU A H    1 
ATOM   329  H  HA   . GLU B 2 11 ? -4.551 22.872  7.368   1.00 21.85 ? 10  GLU A HA   1 
ATOM   330  H  HB2  . GLU B 2 11 ? -5.444 24.957  6.804   1.00 25.85 ? 10  GLU A HB2  1 
ATOM   331  H  HB3  . GLU B 2 11 ? -4.224 25.238  5.827   1.00 25.85 ? 10  GLU A HB3  1 
ATOM   332  H  HG2  . GLU B 2 11 ? -5.974 23.088  5.333   1.00 30.18 ? 10  GLU A HG2  1 
ATOM   333  H  HG3  . GLU B 2 11 ? -6.297 24.536  4.769   1.00 30.18 ? 10  GLU A HG3  1 
ATOM   334  N  N    . GLU B 2 12 ? -1.901 23.424  5.673   1.00 18.13 ? 11  GLU A N    1 
ATOM   335  C  CA   . GLU B 2 12 ? -0.969 22.793  4.749   1.00 18.86 ? 11  GLU A CA   1 
ATOM   336  C  C    . GLU B 2 12 ? -0.377 21.517  5.349   1.00 18.17 ? 11  GLU A C    1 
ATOM   337  O  O    . GLU B 2 12 ? -0.225 20.500  4.653   1.00 18.31 ? 11  GLU A O    1 
ATOM   338  C  CB   . GLU B 2 12 ? 0.143  23.774  4.383   1.00 23.05 ? 11  GLU A CB   1 
ATOM   339  C  CG   . GLU B 2 12 ? -0.338 24.868  3.428   1.00 29.12 ? 11  GLU A CG   1 
ATOM   340  C  CD   . GLU B 2 12 ? 0.635  26.031  3.270   1.00 34.61 ? 11  GLU A CD   1 
ATOM   341  O  OE1  . GLU B 2 12 ? 1.515  26.222  4.136   1.00 36.49 ? 11  GLU A OE1  1 
ATOM   342  O  OE2  . GLU B 2 12 ? 0.503  26.780  2.275   1.00 37.41 ? 11  GLU A OE2  1 
ATOM   343  H  H    . GLU B 2 12 ? -1.647 24.192  5.965   1.00 21.84 ? 11  GLU A H    1 
ATOM   344  H  HA   . GLU B 2 12 ? -1.446 22.551  3.928   1.00 22.72 ? 11  GLU A HA   1 
ATOM   345  H  HB2  . GLU B 2 12 ? 0.468  24.201  5.191   1.00 27.74 ? 11  GLU A HB2  1 
ATOM   346  H  HB3  . GLU B 2 12 ? 0.862  23.290  3.948   1.00 27.74 ? 11  GLU A HB3  1 
ATOM   347  H  HG2  . GLU B 2 12 ? -0.476 24.477  2.552   1.00 35.03 ? 11  GLU A HG2  1 
ATOM   348  H  HG3  . GLU B 2 12 ? -1.175 25.227  3.763   1.00 35.03 ? 11  GLU A HG3  1 
ATOM   349  N  N    . ILE B 2 13 ? -0.002 21.560  6.619   1.00 17.11 ? 12  ILE A N    1 
ATOM   350  C  CA   . ILE B 2 13 ? 0.556  20.393  7.287   1.00 17.16 ? 12  ILE A CA   1 
ATOM   351  C  C    . ILE B 2 13 ? -0.478 19.295  7.384   1.00 15.89 ? 12  ILE A C    1 
ATOM   352  O  O    . ILE B 2 13 ? -0.152 18.117  7.146   1.00 16.23 ? 12  ILE A O    1 
ATOM   353  C  CB   . ILE B 2 13 ? 1.084  20.766  8.690   1.00 18.53 ? 12  ILE A CB   1 
ATOM   354  C  CG1  . ILE B 2 13 ? 2.356  21.591  8.556   1.00 19.98 ? 12  ILE A CG1  1 
ATOM   355  C  CG2  . ILE B 2 13 ? 1.383  19.525  9.499   1.00 19.09 ? 12  ILE A CG2  1 
ATOM   356  C  CD1  . ILE B 2 13 ? 2.774  22.265  9.856   1.00 22.29 ? 12  ILE A CD1  1 
ATOM   357  H  H    . ILE B 2 13 ? -0.062 22.258  7.120   1.00 20.61 ? 12  ILE A H    1 
ATOM   358  H  HA   . ILE B 2 13 ? 1.310  20.054  6.760   1.00 20.68 ? 12  ILE A HA   1 
ATOM   359  H  HB   . ILE B 2 13 ? 0.412  21.291  9.151   1.00 22.32 ? 12  ILE A HB   1 
ATOM   360  H  HG12 . ILE B 2 13 ? 3.079  21.011  8.274   1.00 24.05 ? 12  ILE A HG12 1 
ATOM   361  H  HG13 . ILE B 2 13 ? 2.211  22.285  7.894   1.00 24.05 ? 12  ILE A HG13 1 
ATOM   362  H  HG21 . ILE B 2 13 ? 1.708  19.787  10.363  1.00 22.99 ? 12  ILE A HG21 1 
ATOM   363  H  HG22 . ILE B 2 13 ? 0.576  19.013  9.594   1.00 22.99 ? 12  ILE A HG22 1 
ATOM   364  H  HG23 . ILE B 2 13 ? 2.048  19.006  9.042   1.00 22.99 ? 12  ILE A HG23 1 
ATOM   365  H  HD11 . ILE B 2 13 ? 3.578  22.766  9.703   1.00 26.83 ? 12  ILE A HD11 1 
ATOM   366  H  HD12 . ILE B 2 13 ? 2.070  22.851  10.144  1.00 26.83 ? 12  ILE A HD12 1 
ATOM   367  H  HD13 . ILE B 2 13 ? 2.930  21.589  10.520  1.00 26.83 ? 12  ILE A HD13 1 
ATOM   368  N  N    . GLU B 2 14 ? -1.718 19.640  7.697   1.00 16.33 ? 13  GLU A N    1 
ATOM   369  C  CA   . GLU B 2 14 ? -2.803 18.669  7.763   1.00 17.48 ? 13  GLU A CA   1 
ATOM   370  C  C    . GLU B 2 14 ? -3.047 18.027  6.422   1.00 17.12 ? 13  GLU A C    1 
ATOM   371  O  O    . GLU B 2 14 ? -3.267 16.815  6.335   1.00 17.74 ? 13  GLU A O    1 
ATOM   372  C  CB   . GLU B 2 14 ? -4.107 19.338  8.203   1.00 21.39 ? 13  GLU A CB   1 
ATOM   373  C  CG   . GLU B 2 14 ? -4.263 19.427  9.679   1.00 27.75 ? 13  GLU A CG   1 
ATOM   374  C  CD   . GLU B 2 14 ? -5.490 20.205  10.074  1.00 33.01 ? 13  GLU A CD   1 
ATOM   375  O  OE1  . GLU B 2 14 ? -5.876 21.135  9.328   1.00 34.32 ? 13  GLU A OE1  1 
ATOM   376  O  OE2  . GLU B 2 14 ? -6.077 19.887  11.131  1.00 36.51 ? 13  GLU A OE2  1 
ATOM   377  H  H    . GLU B 2 14 ? -1.963 20.445  7.878   1.00 19.68 ? 13  GLU A H    1 
ATOM   378  H  HA   . GLU B 2 14 ? -2.578 17.968  8.409   1.00 21.05 ? 13  GLU A HA   1 
ATOM   379  H  HB2  . GLU B 2 14 ? -4.133 20.239  7.847   1.00 25.75 ? 13  GLU A HB2  1 
ATOM   380  H  HB3  . GLU B 2 14 ? -4.853 18.825  7.856   1.00 25.75 ? 13  GLU A HB3  1 
ATOM   381  H  HG2  . GLU B 2 14 ? -4.342 18.531  10.044  1.00 33.38 ? 13  GLU A HG2  1 
ATOM   382  H  HG3  . GLU B 2 14 ? -3.489 19.873  10.054  1.00 33.38 ? 13  GLU A HG3  1 
ATOM   383  N  N    . SER B 2 15 ? -3.037 18.824  5.367   1.00 17.88 ? 14  SER A N    1 
ATOM   384  C  CA   . SER B 2 15 ? -3.266 18.286  4.037   1.00 19.49 ? 14  SER A CA   1 
ATOM   385  C  C    . SER B 2 15 ? -2.174 17.281  3.672   1.00 18.67 ? 14  SER A C    1 
ATOM   386  O  O    . SER B 2 15 ? -2.447 16.220  3.111   1.00 19.50 ? 14  SER A O    1 
ATOM   387  C  CB   . SER B 2 15 ? -3.340 19.395  2.995   1.00 23.62 ? 14  SER A CB   1 
ATOM   388  O  OG   . SER B 2 15 ? -4.567 20.102  3.096   1.00 29.00 ? 14  SER A OG   1 
ATOM   389  H  H    . SER B 2 15 ? -2.903 19.673  5.392   1.00 21.54 ? 14  SER A H    1 
ATOM   390  H  HA   . SER B 2 15 ? -4.123 17.811  4.032   1.00 23.47 ? 14  SER A HA   1 
ATOM   391  H  HB2  . SER B 2 15 ? -2.608 20.013  3.140   1.00 28.43 ? 14  SER A HB2  1 
ATOM   392  H  HB3  . SER B 2 15 ? -3.275 19.002  2.111   1.00 28.43 ? 14  SER A HB3  1 
ATOM   393  H  HG   . SER B 2 15 ? -4.596 20.696  2.531   1.00 34.88 ? 14  SER A HG   1 
ATOM   394  N  N    . LYS B 2 16 ? -0.936 17.599  4.005   1.00 17.59 ? 15  LYS A N    1 
ATOM   395  C  CA   . LYS B 2 16 ? 0.165  16.712  3.677   1.00 17.23 ? 15  LYS A CA   1 
ATOM   396  C  C    . LYS B 2 16 ? 0.112  15.469  4.544   1.00 15.67 ? 15  LYS A C    1 
ATOM   397  O  O    . LYS B 2 16 ? 0.424  14.360  4.080   1.00 16.79 ? 15  LYS A O    1 
ATOM   398  C  CB   . LYS B 2 16 ? 1.494  17.426  3.850   1.00 20.21 ? 15  LYS A CB   1 
ATOM   399  C  CG   . LYS B 2 16 ? 2.651  16.590  3.375   1.00 23.63 ? 15  LYS A CG   1 
ATOM   400  C  CD   . LYS B 2 16 ? 2.494  16.275  1.885   1.00 25.68 ? 15  LYS A CD   1 
ATOM   401  C  CE   . LYS B 2 16 ? 3.671  15.479  1.337   1.00 27.82 ? 15  LYS A CE   1 
ATOM   402  N  NZ   . LYS B 2 16 ? 3.455  15.021  -0.067  1.00 28.95 ? 15  LYS A NZ   1 
ATOM   403  H  H    . LYS B 2 16 ? -0.707 18.316  4.419   1.00 21.18 ? 15  LYS A H    1 
ATOM   404  H  HA   . LYS B 2 16 ? 0.086  16.434  2.740   1.00 20.76 ? 15  LYS A HA   1 
ATOM   405  H  HB2  . LYS B 2 16 ? 1.484  18.248  3.335   1.00 24.33 ? 15  LYS A HB2  1 
ATOM   406  H  HB3  . LYS B 2 16 ? 1.631  17.623  4.790   1.00 24.33 ? 15  LYS A HB3  1 
ATOM   407  H  HG2  . LYS B 2 16 ? 3.480  17.079  3.501   1.00 28.44 ? 15  LYS A HG2  1 
ATOM   408  H  HG3  . LYS B 2 16 ? 2.671  15.754  3.866   1.00 28.44 ? 15  LYS A HG3  1 
ATOM   409  H  HD2  . LYS B 2 16 ? 1.688  15.751  1.755   1.00 30.89 ? 15  LYS A HD2  1 
ATOM   410  H  HD3  . LYS B 2 16 ? 2.435  17.107  1.389   1.00 30.89 ? 15  LYS A HD3  1 
ATOM   411  H  HE2  . LYS B 2 16 ? 4.464  16.037  1.353   1.00 33.47 ? 15  LYS A HE2  1 
ATOM   412  H  HE3  . LYS B 2 16 ? 3.807  14.694  1.891   1.00 33.47 ? 15  LYS A HE3  1 
ATOM   413  H  HZ1  . LYS B 2 16 ? 4.163  14.561  -0.350  1.00 34.82 ? 15  LYS A HZ1  1 
ATOM   414  H  HZ2  . LYS B 2 16 ? 2.735  14.499  -0.110  1.00 34.82 ? 15  LYS A HZ2  1 
ATOM   415  H  HZ3  . LYS B 2 16 ? 3.335  15.723  -0.601  1.00 34.82 ? 15  LYS A HZ3  1 
ATOM   416  N  N    . GLN B 2 17 ? -0.282 15.608  5.798   1.00 14.09 ? 16  GLN A N    1 
ATOM   417  C  CA   . GLN B 2 17 ? -0.454 14.454  6.669   1.00 13.43 ? 16  GLN A CA   1 
ATOM   418  C  C    . GLN B 2 17 ? -1.503 13.510  6.107   1.00 13.80 ? 16  GLN A C    1 
ATOM   419  O  O    . GLN B 2 17 ? -1.308 12.287  6.133   1.00 13.80 ? 16  GLN A O    1 
ATOM   420  C  CB   . GLN B 2 17 ? -0.820 14.914  8.078   1.00 13.78 ? 16  GLN A CB   1 
ATOM   421  C  CG   . GLN B 2 17 ? -0.972 13.800  9.066   1.00 14.61 ? 16  GLN A CG   1 
ATOM   422  C  CD   . GLN B 2 17 ? -1.121 14.316  10.466  1.00 15.53 ? 16  GLN A CD   1 
ATOM   423  O  OE1  . GLN B 2 17 ? -2.182 14.845  10.830  1.00 17.67 ? 16  GLN A OE1  1 
ATOM   424  N  NE2  . GLN B 2 17 ? -0.057 14.235  11.242  1.00 15.83 ? 16  GLN A NE2  1 
ATOM   425  H  H    . GLN B 2 17 ? -0.458 16.362  6.173   1.00 16.99 ? 16  GLN A H    1 
ATOM   426  H  HA   . GLN B 2 17 ? 0.395  13.966  6.721   1.00 16.20 ? 16  GLN A HA   1 
ATOM   427  H  HB2  . GLN B 2 17 ? -0.122 15.504  8.404   1.00 16.62 ? 16  GLN A HB2  1 
ATOM   428  H  HB3  . GLN B 2 17 ? -1.663 15.393  8.040   1.00 16.62 ? 16  GLN A HB3  1 
ATOM   429  H  HG2  . GLN B 2 17 ? -1.766 13.284  8.847   1.00 17.62 ? 16  GLN A HG2  1 
ATOM   430  H  HG3  . GLN B 2 17 ? -0.186 13.233  9.033   1.00 17.62 ? 16  GLN A HG3  1 
ATOM   431  H  HE21 . GLN B 2 17 ? 0.673  13.900  10.936  1.00 19.07 ? 16  GLN A HE21 1 
ATOM   432  H  HE22 . GLN B 2 17 ? -0.093 14.519  12.053  1.00 19.07 ? 16  GLN A HE22 1 
ATOM   433  N  N    . LYS B 2 18 ? -2.595 14.027  5.566   1.00 15.76 ? 17  LYS A N    1 
ATOM   434  C  CA   . LYS B 2 18 ? -3.580 13.160  4.940   1.00 17.19 ? 17  LYS A CA   1 
ATOM   435  C  C    . LYS B 2 18 ? -2.998 12.404  3.756   1.00 16.70 ? 17  LYS A C    1 
ATOM   436  O  O    . LYS B 2 18 ? -3.295 11.216  3.568   1.00 16.62 ? 17  LYS A O    1 
ATOM   437  C  CB   . LYS B 2 18 ? -4.793 13.946  4.480   1.00 20.15 ? 17  LYS A CB   1 
ATOM   438  C  CG   . LYS B 2 18 ? -5.597 14.526  5.626   1.00 24.72 ? 17  LYS A CG   1 
ATOM   439  C  CD   . LYS B 2 18 ? -6.722 15.424  5.121   1.00 28.99 ? 17  LYS A CD   1 
ATOM   440  C  CE   . LYS B 2 18 ? -7.235 16.359  6.207   1.00 33.19 ? 17  LYS A CE   1 
ATOM   441  N  NZ   . LYS B 2 18 ? -7.947 15.638  7.295   1.00 35.53 ? 17  LYS A NZ   1 
ATOM   442  H  H    . LYS B 2 18 ? -2.789 14.864  5.547   1.00 19.00 ? 17  LYS A H    1 
ATOM   443  H  HA   . LYS B 2 18 ? -3.881 12.500  5.598   1.00 20.71 ? 17  LYS A HA   1 
ATOM   444  H  HB2  . LYS B 2 18 ? -4.498 14.680  3.919   1.00 24.27 ? 17  LYS A HB2  1 
ATOM   445  H  HB3  . LYS B 2 18 ? -5.375 13.357  3.975   1.00 24.27 ? 17  LYS A HB3  1 
ATOM   446  H  HG2  . LYS B 2 18 ? -5.992 13.803  6.139   1.00 29.74 ? 17  LYS A HG2  1 
ATOM   447  H  HG3  . LYS B 2 18 ? -5.013 15.057  6.190   1.00 29.74 ? 17  LYS A HG3  1 
ATOM   448  H  HD2  . LYS B 2 18 ? -6.391 15.965  4.387   1.00 34.87 ? 17  LYS A HD2  1 
ATOM   449  H  HD3  . LYS B 2 18 ? -7.461 14.872  4.823   1.00 34.87 ? 17  LYS A HD3  1 
ATOM   450  H  HE2  . LYS B 2 18 ? -6.484 16.830  6.600   1.00 39.91 ? 17  LYS A HE2  1 
ATOM   451  H  HE3  . LYS B 2 18 ? -7.854 16.993  5.812   1.00 39.91 ? 17  LYS A HE3  1 
ATOM   452  H  HZ1  . LYS B 2 18 ? -8.231 16.217  7.908   1.00 42.72 ? 17  LYS A HZ1  1 
ATOM   453  H  HZ2  . LYS B 2 18 ? -8.647 15.201  6.963   1.00 42.72 ? 17  LYS A HZ2  1 
ATOM   454  H  HZ3  . LYS B 2 18 ? -7.397 15.052  7.681   1.00 42.72 ? 17  LYS A HZ3  1 
ATOM   455  N  N    . LYS B 2 19 ? -2.167 13.066  2.953   1.00 17.39 ? 18  LYS A N    1 
ATOM   456  C  CA   . LYS B 2 19 ? -1.556 12.402  1.808   1.00 18.54 ? 18  LYS A CA   1 
ATOM   457  C  C    . LYS B 2 19 ? -0.633 11.292  2.298   1.00 16.37 ? 18  LYS A C    1 
ATOM   458  O  O    . LYS B 2 19 ? -0.593 10.199  1.714   1.00 16.73 ? 18  LYS A O    1 
ATOM   459  C  CB   . LYS B 2 19 ? -0.779 13.416  0.972   1.00 22.29 ? 18  LYS A CB   1 
ATOM   460  C  CG   . LYS B 2 19 ? -1.671 14.386  0.205   1.00 27.94 ? 18  LYS A CG   1 
ATOM   461  C  CD   . LYS B 2 19 ? -0.865 15.282  -0.725  1.00 31.85 ? 18  LYS A CD   1 
ATOM   462  C  CE   . LYS B 2 19 ? -1.777 16.265  -1.454  1.00 34.82 ? 18  LYS A CE   1 
ATOM   463  N  NZ   . LYS B 2 19 ? -1.030 17.434  -2.005  1.00 36.78 ? 18  LYS A NZ   1 
ATOM   464  H  H    . LYS B 2 19 ? -1.944 13.890  3.049   1.00 20.95 ? 18  LYS A H    1 
ATOM   465  H  HA   . LYS B 2 19 ? -2.253 12.003  1.247   1.00 22.33 ? 18  LYS A HA   1 
ATOM   466  H  HB2  . LYS B 2 19 ? -0.209 13.935  1.560   1.00 26.83 ? 18  LYS A HB2  1 
ATOM   467  H  HB3  . LYS B 2 19 ? -0.236 12.937  0.326   1.00 26.83 ? 18  LYS A HB3  1 
ATOM   468  H  HG2  . LYS B 2 19 ? -2.303 13.884  -0.331  1.00 33.60 ? 18  LYS A HG2  1 
ATOM   469  H  HG3  . LYS B 2 19 ? -2.142 14.952  0.836   1.00 33.60 ? 18  LYS A HG3  1 
ATOM   470  H  HD2  . LYS B 2 19 ? -0.220 15.788  -0.206  1.00 38.31 ? 18  LYS A HD2  1 
ATOM   471  H  HD3  . LYS B 2 19 ? -0.412 14.735  -1.386  1.00 38.31 ? 18  LYS A HD3  1 
ATOM   472  H  HE2  . LYS B 2 19 ? -2.209 15.808  -2.192  1.00 41.86 ? 18  LYS A HE2  1 
ATOM   473  H  HE3  . LYS B 2 19 ? -2.444 16.599  -0.833  1.00 41.86 ? 18  LYS A HE3  1 
ATOM   474  H  HZ1  . LYS B 2 19 ? -1.591 17.984  -2.422  1.00 44.21 ? 18  LYS A HZ1  1 
ATOM   475  H  HZ2  . LYS B 2 19 ? -0.627 17.875  -1.345  1.00 44.21 ? 18  LYS A HZ2  1 
ATOM   476  H  HZ3  . LYS B 2 19 ? -0.414 17.154  -2.585  1.00 44.21 ? 18  LYS A HZ3  1 
ATOM   477  N  N    . ILE B 2 20 ? 0.109  11.561  3.363   1.00 14.56 ? 19  ILE A N    1 
ATOM   478  C  CA   . ILE B 2 20 ? 1.027  10.571  3.922   1.00 13.34 ? 19  ILE A CA   1 
ATOM   479  C  C    . ILE B 2 20 ? 0.262  9.364   4.436   1.00 13.13 ? 19  ILE A C    1 
ATOM   480  O  O    . ILE B 2 20 ? 0.663  8.210   4.152   1.00 13.81 ? 19  ILE A O    1 
ATOM   481  C  CB   . ILE B 2 20 ? 1.865  11.214  5.054   1.00 14.75 ? 19  ILE A CB   1 
ATOM   482  C  CG1  . ILE B 2 20 ? 2.940  12.105  4.443   1.00 16.72 ? 19  ILE A CG1  1 
ATOM   483  C  CG2  . ILE B 2 20 ? 2.478  10.168  5.982   1.00 15.60 ? 19  ILE A CG2  1 
ATOM   484  C  CD1  . ILE B 2 20 ? 3.539  13.048  5.447   1.00 17.33 ? 19  ILE A CD1  1 
ATOM   485  H  H    . ILE B 2 20 ? 0.102  12.310  3.784   1.00 17.56 ? 19  ILE A H    1 
ATOM   486  H  HA   . ILE B 2 20 ? 1.641  10.269  3.221   1.00 16.10 ? 19  ILE A HA   1 
ATOM   487  H  HB   . ILE B 2 20 ? 1.275  11.774  5.582   1.00 17.79 ? 19  ILE A HB   1 
ATOM   488  H  HG12 . ILE B 2 20 ? 3.651  11.547  4.092   1.00 20.15 ? 19  ILE A HG12 1 
ATOM   489  H  HG13 . ILE B 2 20 ? 2.547  12.633  3.731   1.00 20.15 ? 19  ILE A HG13 1 
ATOM   490  H  HG21 . ILE B 2 20 ? 2.985  10.616  6.664   1.00 18.80 ? 19  ILE A HG21 1 
ATOM   491  H  HG22 . ILE B 2 20 ? 1.772  9.655   6.383   1.00 18.80 ? 19  ILE A HG22 1 
ATOM   492  H  HG23 . ILE B 2 20 ? 3.052  9.594   5.470   1.00 18.80 ? 19  ILE A HG23 1 
ATOM   493  H  HD11 . ILE B 2 20 ? 4.207  13.583  5.012   1.00 20.87 ? 19  ILE A HD11 1 
ATOM   494  H  HD12 . ILE B 2 20 ? 2.846  13.611  5.799   1.00 20.87 ? 19  ILE A HD12 1 
ATOM   495  H  HD13 . ILE B 2 20 ? 3.939  12.537  6.156   1.00 20.87 ? 19  ILE A HD13 1 
ATOM   496  N  N    . GLU B 2 21 ? -0.855 9.564   5.115   1.00 12.89 ? 20  GLU A N    1 
ATOM   497  C  CA   . GLU B 2 21 ? -1.640 8.453   5.606   1.00 12.93 ? 20  GLU A CA   1 
ATOM   498  C  C    . GLU B 2 21 ? -2.147 7.618   4.455   1.00 13.45 ? 20  GLU A C    1 
ATOM   499  O  O    . GLU B 2 21 ? -2.197 6.384   4.551   1.00 13.74 ? 20  GLU A O    1 
ATOM   500  C  CB   . GLU B 2 21 ? -2.816 8.979   6.394   1.00 15.37 ? 20  GLU A CB   1 
ATOM   501  C  CG   . GLU B 2 21 ? -2.397 9.667   7.686   1.00 18.83 ? 20  GLU A CG   1 
ATOM   502  C  CD   . GLU B 2 21 ? -3.480 10.562  8.267   1.00 23.12 ? 20  GLU A CD   1 
ATOM   503  O  OE1  . GLU B 2 21 ? -4.448 10.883  7.553   1.00 24.23 ? 20  GLU A OE1  1 
ATOM   504  O  OE2  . GLU B 2 21 ? -3.350 10.962  9.437   1.00 25.98 ? 20  GLU A OE2  1 
ATOM   505  H  H    . GLU B 2 21 ? -1.180 10.338  5.305   1.00 15.55 ? 20  GLU A H    1 
ATOM   506  H  HA   . GLU B 2 21 ? -1.092 7.889   6.191   1.00 15.60 ? 20  GLU A HA   1 
ATOM   507  H  HB2  . GLU B 2 21 ? -3.296 9.625   5.852   1.00 18.53 ? 20  GLU A HB2  1 
ATOM   508  H  HB3  . GLU B 2 21 ? -3.400 8.239   6.624   1.00 18.53 ? 20  GLU A HB3  1 
ATOM   509  H  HG2  . GLU B 2 21 ? -2.184 8.990   8.348   1.00 22.68 ? 20  GLU A HG2  1 
ATOM   510  H  HG3  . GLU B 2 21 ? -1.617 10.216  7.512   1.00 22.68 ? 20  GLU A HG3  1 
ATOM   511  N  N    . ASN B 2 22 ? -2.531 8.265   3.370   1.00 15.04 ? 21  ASN A N    1 
ATOM   512  C  CA   . ASN B 2 22 ? -3.008 7.553   2.206   1.00 17.48 ? 21  ASN A CA   1 
ATOM   513  C  C    . ASN B 2 22 ? -1.891 6.701   1.600   1.00 16.22 ? 21  ASN A C    1 
ATOM   514  O  O    . ASN B 2 22 ? -2.106 5.543   1.194   1.00 17.34 ? 21  ASN A O    1 
ATOM   515  C  CB   . ASN B 2 22 ? -3.563 8.551   1.183   1.00 20.48 ? 21  ASN A CB   1 
ATOM   516  C  CG   . ASN B 2 22 ? -4.498 7.911   0.198   1.00 24.04 ? 21  ASN A CG   1 
ATOM   517  O  OD1  . ASN B 2 22 ? -4.121 7.658   -0.942  1.00 27.13 ? 21  ASN A OD1  1 
ATOM   518  N  ND2  . ASN B 2 22 ? -5.723 7.617   0.637   1.00 24.80 ? 21  ASN A ND2  1 
ATOM   519  H  H    . ASN B 2 22 ? -2.524 9.121   3.284   1.00 18.13 ? 21  ASN A H    1 
ATOM   520  H  HA   . ASN B 2 22 ? -3.737 6.953   2.473   1.00 21.06 ? 21  ASN A HA   1 
ATOM   521  H  HB2  . ASN B 2 22 ? -4.050 9.247   1.652   1.00 24.66 ? 21  ASN A HB2  1 
ATOM   522  H  HB3  . ASN B 2 22 ? -2.825 8.940   0.688   1.00 24.66 ? 21  ASN A HB3  1 
ATOM   523  H  HD21 . ASN B 2 22 ? -5.944 7.795   1.449   1.00 29.84 ? 21  ASN A HD21 1 
ATOM   524  H  HD22 . ASN B 2 22 ? -6.292 7.248   0.108   1.00 29.84 ? 21  ASN A HD22 1 
ATOM   525  N  N    . GLU B 2 23 ? -0.692 7.254   1.536   1.00 15.57 ? 22  GLU A N    1 
ATOM   526  C  CA   . GLU B 2 23 ? 0.455  6.537   0.971   1.00 15.67 ? 22  GLU A CA   1 
ATOM   527  C  C    . GLU B 2 23 ? 0.786  5.338   1.822   1.00 14.63 ? 22  GLU A C    1 
ATOM   528  O  O    . GLU B 2 23 ? 1.113  4.267   1.316   1.00 15.82 ? 22  GLU A O    1 
ATOM   529  C  CB   . GLU B 2 23 ? 1.695  7.441   0.915   1.00 20.04 ? 22  GLU A CB   1 
ATOM   530  C  CG   . GLU B 2 23 ? 1.654  8.601   -0.069  1.00 24.79 ? 22  GLU A CG   1 
ATOM   531  C  CD   . GLU B 2 23 ? 2.178  8.236   -1.445  1.00 28.31 ? 22  GLU A CD   1 
ATOM   532  O  OE1  . GLU B 2 23 ? 2.713  7.116   -1.609  1.00 30.08 ? 22  GLU A OE1  1 
ATOM   533  O  OE2  . GLU B 2 23 ? 2.056  9.061   -2.370  1.00 30.75 ? 22  GLU A OE2  1 
ATOM   534  H  H    . GLU B 2 23 ? -0.507 8.046   1.813   1.00 18.76 ? 22  GLU A H    1 
ATOM   535  H  HA   . GLU B 2 23 ? 0.243  6.233   0.065   1.00 18.88 ? 22  GLU A HA   1 
ATOM   536  H  HB2  . GLU B 2 23 ? 1.833  7.819   1.798   1.00 24.13 ? 22  GLU A HB2  1 
ATOM   537  H  HB3  . GLU B 2 23 ? 2.459  6.891   0.680   1.00 24.13 ? 22  GLU A HB3  1 
ATOM   538  H  HG2  . GLU B 2 23 ? 0.737  8.898   -0.169  1.00 29.83 ? 22  GLU A HG2  1 
ATOM   539  H  HG3  . GLU B 2 23 ? 2.201  9.325   0.274   1.00 29.83 ? 22  GLU A HG3  1 
ATOM   540  N  N    . ILE B 2 24 ? 0.745  5.514   3.126   1.00 13.03 ? 23  ILE A N    1 
ATOM   541  C  CA   . ILE B 2 24 ? 1.055  4.431   4.026   1.00 12.32 ? 23  ILE A CA   1 
ATOM   542  C  C    . ILE B 2 24 ? 0.090  3.278   3.841   1.00 12.47 ? 23  ILE A C    1 
ATOM   543  O  O    . ILE B 2 24 ? 0.524  2.112   3.828   1.00 12.42 ? 23  ILE A O    1 
ATOM   544  C  CB   . ILE B 2 24 ? 1.046  4.935   5.494   1.00 14.00 ? 23  ILE A CB   1 
ATOM   545  C  CG1  . ILE B 2 24 ? 2.294  5.766   5.727   1.00 17.61 ? 23  ILE A CG1  1 
ATOM   546  C  CG2  . ILE B 2 24 ? 0.954  3.778   6.495   1.00 16.28 ? 23  ILE A CG2  1 
ATOM   547  C  CD1  . ILE B 2 24 ? 2.309  6.473   7.046   1.00 18.91 ? 23  ILE A CD1  1 
ATOM   548  H  H    . ILE B 2 24 ? 0.539  6.253   3.515   1.00 15.72 ? 23  ILE A H    1 
ATOM   549  H  HA   . ILE B 2 24 ? 1.956  4.102   3.826   1.00 14.87 ? 23  ILE A HA   1 
ATOM   550  H  HB   . ILE B 2 24 ? 0.272  5.506   5.616   1.00 16.88 ? 23  ILE A HB   1 
ATOM   551  H  HG12 . ILE B 2 24 ? 3.068  5.183   5.693   1.00 21.21 ? 23  ILE A HG12 1 
ATOM   552  H  HG13 . ILE B 2 24 ? 2.356  6.437   5.029   1.00 21.21 ? 23  ILE A HG13 1 
ATOM   553  H  HG21 . ILE B 2 24 ? 0.950  4.135   7.386   1.00 19.62 ? 23  ILE A HG21 1 
ATOM   554  H  HG22 . ILE B 2 24 ? 0.141  3.291   6.336   1.00 19.62 ? 23  ILE A HG22 1 
ATOM   555  H  HG23 . ILE B 2 24 ? 1.711  3.200   6.376   1.00 19.62 ? 23  ILE A HG23 1 
ATOM   556  H  HD11 . ILE B 2 24 ? 3.124  6.975   7.121   1.00 22.78 ? 23  ILE A HD11 1 
ATOM   557  H  HD12 . ILE B 2 24 ? 1.554  7.064   7.093   1.00 22.78 ? 23  ILE A HD12 1 
ATOM   558  H  HD13 . ILE B 2 24 ? 2.260  5.821   7.749   1.00 22.78 ? 23  ILE A HD13 1 
ATOM   559  N  N    . ALA B 2 25 ? -1.193 3.539   3.670   1.00 12.22 ? 24  ALA A N    1 
ATOM   560  C  CA   . ALA B 2 25 ? -2.113 2.442   3.455   1.00 13.17 ? 24  ALA A CA   1 
ATOM   561  C  C    . ALA B 2 25 ? -1.793 1.690   2.163   1.00 12.47 ? 24  ALA A C    1 
ATOM   562  O  O    . ALA B 2 25 ? -1.936 0.465   2.100   1.00 12.97 ? 24  ALA A O    1 
ATOM   563  C  CB   . ALA B 2 25 ? -3.547 2.958   3.445   1.00 14.79 ? 24  ALA A CB   1 
ATOM   564  H  H    . ALA B 2 25 ? -1.551 4.321   3.675   1.00 14.74 ? 24  ALA A H    1 
ATOM   565  H  HA   . ALA B 2 25 ? -2.028 1.809   4.197   1.00 15.89 ? 24  ALA A HA   1 
ATOM   566  H  HB1  . ALA B 2 25 ? -4.144 2.219   3.301   1.00 17.83 ? 24  ALA A HB1  1 
ATOM   567  H  HB2  . ALA B 2 25 ? -3.736 3.371   4.291   1.00 17.83 ? 24  ALA A HB2  1 
ATOM   568  H  HB3  . ALA B 2 25 ? -3.643 3.599   2.737   1.00 17.83 ? 24  ALA A HB3  1 
ATOM   569  N  N    . ARG B 2 26 ? -1.398 2.412   1.127   1.00 12.86 ? 25  ARG A N    1 
ATOM   570  C  CA   . ARG B 2 26 ? -1.052 1.770   -0.131  1.00 13.42 ? 25  ARG A CA   1 
ATOM   571  C  C    . ARG B 2 26 ? 0.209  0.924   0.022   1.00 12.90 ? 25  ARG A C    1 
ATOM   572  O  O    . ARG B 2 26 ? 0.299  -0.188  -0.533  1.00 12.64 ? 25  ARG A O    1 
ATOM   573  C  CB   . ARG B 2 26 ? -0.884 2.820   -1.223  1.00 14.77 ? 25  ARG A CB   1 
ATOM   574  C  CG   . ARG B 2 26 ? -2.219 3.391   -1.683  1.00 21.01 ? 25  ARG A CG   1 
ATOM   575  C  CD   . ARG B 2 26 ? -2.116 4.261   -2.929  1.00 38.29 ? 25  ARG A CD   1 
ATOM   576  N  NE   . ARG B 2 26 ? -0.781 4.810   -3.136  1.00 51.17 ? 25  ARG A NE   1 
ATOM   577  C  CZ   . ARG B 2 26 ? -0.436 6.071   -2.895  1.00 48.93 ? 25  ARG A CZ   1 
ATOM   578  N  NH1  . ARG B 2 26 ? -1.332 6.938   -2.437  1.00 54.15 ? 25  ARG A NH1  1 
ATOM   579  N  NH2  . ARG B 2 26 ? 0.811  6.467   -3.120  1.00 58.63 ? 25  ARG A NH2  1 
ATOM   580  H  H    . ARG B 2 26 ? -1.321 3.268   1.124   1.00 15.52 ? 25  ARG A H    1 
ATOM   581  H  HA   . ARG B 2 26 ? -1.784 1.174   -0.395  1.00 16.19 ? 25  ARG A HA   1 
ATOM   582  N  N    . ILE B 2 27 ? 1.181  1.413   0.776   1.00 12.57 ? 26  ILE A N    1 
ATOM   583  C  CA   . ILE B 2 27 ? 2.391  0.649   1.030   1.00 12.36 ? 26  ILE A CA   1 
ATOM   584  C  C    . ILE B 2 27 ? 2.068  -0.607  1.788   1.00 12.99 ? 26  ILE A C    1 
ATOM   585  O  O    . ILE B 2 27 ? 2.566  -1.697  1.457   1.00 13.00 ? 26  ILE A O    1 
ATOM   586  C  CB   . ILE B 2 27 ? 3.355  1.509   1.849   1.00 13.75 ? 26  ILE A CB   1 
ATOM   587  C  CG1  . ILE B 2 27 ? 3.983  2.531   0.928   1.00 15.43 ? 26  ILE A CG1  1 
ATOM   588  C  CG2  . ILE B 2 27 ? 4.422  0.660   2.478   1.00 15.62 ? 26  ILE A CG2  1 
ATOM   589  C  CD1  . ILE B 2 27 ? 4.692  3.656   1.690   1.00 15.70 ? 26  ILE A CD1  1 
ATOM   590  H  H    . ILE B 2 27 ? 1.164  2.185   1.152   1.00 15.16 ? 26  ILE A H    1 
ATOM   591  H  HA   . ILE B 2 27 ? 2.819  0.408   0.182   1.00 14.92 ? 26  ILE A HA   1 
ATOM   592  H  HB   . ILE B 2 27 ? 2.861  1.967   2.545   1.00 16.58 ? 26  ILE A HB   1 
ATOM   593  H  HG12 . ILE B 2 27 ? 4.639  2.089   0.366   1.00 18.59 ? 26  ILE A HG12 1 
ATOM   594  H  HG13 . ILE B 2 27 ? 3.290  2.931   0.379   1.00 18.59 ? 26  ILE A HG13 1 
ATOM   595  H  HG21 . ILE B 2 27 ? 5.012  1.223   2.983   1.00 18.83 ? 26  ILE A HG21 1 
ATOM   596  H  HG22 . ILE B 2 27 ? 4.009  0.015   3.056   1.00 18.83 ? 26  ILE A HG22 1 
ATOM   597  H  HG23 . ILE B 2 27 ? 4.913  0.211   1.784   1.00 18.83 ? 26  ILE A HG23 1 
ATOM   598  H  HD11 . ILE B 2 27 ? 5.070  4.272   1.057   1.00 18.92 ? 26  ILE A HD11 1 
ATOM   599  H  HD12 . ILE B 2 27 ? 4.053  4.108   2.245   1.00 18.92 ? 26  ILE A HD12 1 
ATOM   600  H  HD13 . ILE B 2 27 ? 5.388  3.276   2.233   1.00 18.92 ? 26  ILE A HD13 1 
ATOM   601  N  N    . LYS B 2 28 ? 1.207  -0.523  2.778   1.00 12.26 ? 27  LYS A N    1 
ATOM   602  C  CA   . LYS B 2 28 ? 0.839  -1.688  3.551   1.00 12.58 ? 27  LYS A CA   1 
ATOM   603  C  C    . LYS B 2 28 ? 0.163  -2.737  2.701   1.00 13.00 ? 27  LYS A C    1 
ATOM   604  O  O    . LYS B 2 28 ? 0.398  -3.938  2.882   1.00 13.88 ? 27  LYS A O    1 
ATOM   605  C  CB   . LYS B 2 28 ? -0.065 -1.292  4.725   1.00 14.28 ? 27  LYS A CB   1 
ATOM   606  C  CG   . LYS B 2 28 ? 0.700  -0.558  5.821   1.00 17.51 ? 27  LYS A CG   1 
ATOM   607  C  CD   . LYS B 2 28 ? -0.216 0.126   6.839   1.00 22.05 ? 27  LYS A CD   1 
ATOM   608  C  CE   . LYS B 2 28 ? -0.961 -0.850  7.702   1.00 26.51 ? 27  LYS A CE   1 
ATOM   609  N  NZ   . LYS B 2 28 ? -1.789 -0.139  8.719   1.00 29.19 ? 27  LYS A NZ   1 
ATOM   610  H  H    . LYS B 2 28 ? 0.817  0.202   3.024   1.00 14.79 ? 27  LYS A H    1 
ATOM   611  H  HA   . LYS B 2 28 ? 1.654  -2.086  3.924   1.00 15.18 ? 27  LYS A HA   1 
ATOM   612  H  HB2  . LYS B 2 28 ? -0.766 -0.704  4.401   1.00 17.22 ? 27  LYS A HB2  1 
ATOM   613  H  HB3  . LYS B 2 28 ? -0.453 -2.092  5.112   1.00 17.22 ? 27  LYS A HB3  1 
ATOM   614  H  HG2  . LYS B 2 28 ? 1.255  -1.195  6.298   1.00 21.09 ? 27  LYS A HG2  1 
ATOM   615  H  HG3  . LYS B 2 28 ? 1.256  0.125   5.414   1.00 21.09 ? 27  LYS A HG3  1 
ATOM   616  H  HD2  . LYS B 2 28 ? 0.320  0.689   7.419   1.00 26.54 ? 27  LYS A HD2  1 
ATOM   617  H  HD3  . LYS B 2 28 ? -0.869 0.664   6.364   1.00 26.54 ? 27  LYS A HD3  1 
ATOM   618  H  HE2  . LYS B 2 28 ? -1.550 -1.386  7.148   1.00 31.89 ? 27  LYS A HE2  1 
ATOM   619  H  HE3  . LYS B 2 28 ? -0.327 -1.418  8.167   1.00 31.89 ? 27  LYS A HE3  1 
ATOM   620  H  HZ1  . LYS B 2 28 ? -2.225 -0.728  9.223   1.00 35.11 ? 27  LYS A HZ1  1 
ATOM   621  H  HZ2  . LYS B 2 28 ? -1.268 0.359   9.242   1.00 35.11 ? 27  LYS A HZ2  1 
ATOM   622  H  HZ3  . LYS B 2 28 ? -2.381 0.389   8.314   1.00 35.11 ? 27  LYS A HZ3  1 
ATOM   623  N  N    . LYS B 2 29 ? -0.699 -2.312  1.788   1.00 11.82 ? 28  LYS A N    1 
ATOM   624  C  CA   . LYS B 2 29 ? -1.379 -3.265  0.935   1.00 13.58 ? 28  LYS A CA   1 
ATOM   625  C  C    . LYS B 2 29 ? -0.401 -3.963  0.008   1.00 12.92 ? 28  LYS A C    1 
ATOM   626  O  O    . LYS B 2 29 ? -0.472 -5.189  -0.178  1.00 13.61 ? 28  LYS A O    1 
ATOM   627  C  CB   . LYS B 2 29 ? -2.478 -2.577  0.134   1.00 15.99 ? 28  LYS A CB   1 
ATOM   628  C  CG   . LYS B 2 29 ? -3.237 -3.544  -0.756  1.00 19.63 ? 28  LYS A CG   1 
ATOM   629  C  CD   . LYS B 2 29 ? -4.391 -2.906  -1.492  1.00 23.81 ? 28  LYS A CD   1 
ATOM   630  C  CE   . LYS B 2 29 ? -5.099 -3.936  -2.361  1.00 27.38 ? 28  LYS A CE   1 
ATOM   631  N  NZ   . LYS B 2 29 ? -6.099 -3.314  -3.254  1.00 30.07 ? 28  LYS A NZ   1 
ATOM   632  H  H    . LYS B 2 29 ? -0.902 -1.488  1.644   1.00 14.27 ? 28  LYS A H    1 
ATOM   633  H  HA   . LYS B 2 29 ? -1.801 -3.949  1.498   1.00 16.38 ? 28  LYS A HA   1 
ATOM   634  H  HB2  . LYS B 2 29 ? -3.111 -2.171  0.748   1.00 19.27 ? 28  LYS A HB2  1 
ATOM   635  H  HB3  . LYS B 2 29 ? -2.079 -1.897  -0.431  1.00 19.27 ? 28  LYS A HB3  1 
ATOM   636  H  HG2  . LYS B 2 29 ? -2.627 -3.907  -1.416  1.00 23.64 ? 28  LYS A HG2  1 
ATOM   637  H  HG3  . LYS B 2 29 ? -3.594 -4.260  -0.208  1.00 23.64 ? 28  LYS A HG3  1 
ATOM   638  H  HD2  . LYS B 2 29 ? -5.027 -2.553  -0.852  1.00 28.66 ? 28  LYS A HD2  1 
ATOM   639  H  HD3  . LYS B 2 29 ? -4.057 -2.198  -2.065  1.00 28.66 ? 28  LYS A HD3  1 
ATOM   640  H  HE2  . LYS B 2 29 ? -4.444 -4.393  -2.910  1.00 32.94 ? 28  LYS A HE2  1 
ATOM   641  H  HE3  . LYS B 2 29 ? -5.558 -4.572  -1.789  1.00 32.94 ? 28  LYS A HE3  1 
ATOM   642  H  HZ1  . LYS B 2 29 ? -6.496 -3.939  -3.748  1.00 36.17 ? 28  LYS A HZ1  1 
ATOM   643  H  HZ2  . LYS B 2 29 ? -6.716 -2.891  -2.773  1.00 36.17 ? 28  LYS A HZ2  1 
ATOM   644  H  HZ3  . LYS B 2 29 ? -5.701 -2.728  -3.794  1.00 36.17 ? 28  LYS A HZ3  1 
ATOM   645  N  N    . LEU B 2 30 ? 0.526  -3.226  -0.581  1.00 12.50 ? 29  LEU A N    1 
ATOM   646  C  CA   . LEU B 2 30 ? 1.513  -3.848  -1.467  1.00 12.34 ? 29  LEU A CA   1 
ATOM   647  C  C    . LEU B 2 30 ? 2.416  -4.772  -0.673  1.00 12.25 ? 29  LEU A C    1 
ATOM   648  O  O    . LEU B 2 30 ? 2.750  -5.868  -1.140  1.00 12.33 ? 29  LEU A O    1 
ATOM   649  C  CB   . LEU B 2 30 ? 2.331  -2.786  -2.190  1.00 14.04 ? 29  LEU A CB   1 
ATOM   650  C  CG   . LEU B 2 30 ? 3.371  -3.308  -3.195  1.00 16.51 ? 29  LEU A CG   1 
ATOM   651  C  CD1  . LEU B 2 30 ? 2.767  -4.309  -4.183  1.00 17.58 ? 29  LEU A CD1  1 
ATOM   652  C  CD2  . LEU B 2 30 ? 4.024  -2.138  -3.931  1.00 18.71 ? 29  LEU A CD2  1 
ATOM   653  H  H    . LEU B 2 30 ? 0.611  -2.376  -0.489  1.00 15.08 ? 29  LEU A H    1 
ATOM   654  H  HA   . LEU B 2 30 ? 1.045  -4.383  -2.141  1.00 14.89 ? 29  LEU A HA   1 
ATOM   655  H  HB2  . LEU B 2 30 ? 1.722  -2.210  -2.678  1.00 16.93 ? 29  LEU A HB2  1 
ATOM   656  H  HB3  . LEU B 2 30 ? 2.807  -2.263  -1.528  1.00 16.93 ? 29  LEU A HB3  1 
ATOM   657  H  HG   . LEU B 2 30 ? 4.067  -3.769  -2.703  1.00 19.89 ? 29  LEU A HG   1 
ATOM   658  H  HD11 . LEU B 2 30 ? 3.453  -4.604  -4.787  1.00 21.18 ? 29  LEU A HD11 1 
ATOM   659  H  HD12 . LEU B 2 30 ? 2.415  -5.057  -3.695  1.00 21.18 ? 29  LEU A HD12 1 
ATOM   660  H  HD13 . LEU B 2 30 ? 2.062  -3.877  -4.674  1.00 21.18 ? 29  LEU A HD13 1 
ATOM   661  H  HD21 . LEU B 2 30 ? 4.669  -2.482  -4.552  1.00 22.54 ? 29  LEU A HD21 1 
ATOM   662  H  HD22 . LEU B 2 30 ? 3.346  -1.646  -4.400  1.00 22.54 ? 29  LEU A HD22 1 
ATOM   663  H  HD23 . LEU B 2 30 ? 4.458  -1.569  -3.290  1.00 22.54 ? 29  LEU A HD23 1 
ATOM   664  N  N    . LEU B 2 31 ? 2.825  -4.380  0.509   1.00 12.77 ? 30  LEU A N    1 
ATOM   665  C  CA   . LEU B 2 31 ? 3.639  -5.201  1.348   1.00 14.30 ? 30  LEU A CA   1 
ATOM   666  C  C    . LEU B 2 31 ? 2.909  -6.513  1.649   1.00 14.37 ? 30  LEU A C    1 
ATOM   667  O  O    . LEU B 2 31 ? 3.515  -7.591  1.568   1.00 15.46 ? 30  LEU A O    1 
ATOM   668  C  CB   . LEU B 2 31 ? 4.026  -4.403  2.587   1.00 16.70 ? 30  LEU A CB   1 
ATOM   669  C  CG   . LEU B 2 31 ? 4.986  -4.991  3.574   1.00 18.53 ? 30  LEU A CG   1 
ATOM   670  C  CD1  . LEU B 2 31 ? 6.248  -5.506  2.897   1.00 18.10 ? 30  LEU A CD1  1 
ATOM   671  C  CD2  . LEU B 2 31 ? 5.300  -3.896  4.579   1.00 18.41 ? 30  LEU A CD2  1 
ATOM   672  H  H    . LEU B 2 31 ? 2.635  -3.615  0.854   1.00 15.40 ? 30  LEU A H    1 
ATOM   673  H  HA   . LEU B 2 31 ? 4.463  -5.423  0.868   1.00 17.24 ? 30  LEU A HA   1 
ATOM   674  H  HB2  . LEU B 2 31 ? 4.416  -3.567  2.287   1.00 20.12 ? 30  LEU A HB2  1 
ATOM   675  H  HB3  . LEU B 2 31 ? 3.211  -4.208  3.077   1.00 20.12 ? 30  LEU A HB3  1 
ATOM   676  H  HG   . LEU B 2 31 ? 4.561  -5.727  4.041   1.00 22.32 ? 30  LEU A HG   1 
ATOM   677  H  HD11 . LEU B 2 31 ? 6.831  -5.873  3.565   1.00 21.80 ? 30  LEU A HD11 1 
ATOM   678  H  HD12 . LEU B 2 31 ? 6.006  -6.186  2.263   1.00 21.80 ? 30  LEU A HD12 1 
ATOM   679  H  HD13 . LEU B 2 31 ? 6.681  -4.777  2.447   1.00 21.80 ? 30  LEU A HD13 1 
ATOM   680  H  HD21 . LEU B 2 31 ? 5.917  -4.240  5.230   1.00 22.17 ? 30  LEU A HD21 1 
ATOM   681  H  HD22 . LEU B 2 31 ? 5.692  -3.152  4.116   1.00 22.17 ? 30  LEU A HD22 1 
ATOM   682  H  HD23 . LEU B 2 31 ? 4.486  -3.623  5.008   1.00 22.17 ? 30  LEU A HD23 1 
ATOM   683  N  N    . GLN B 2 32 ? 1.603  -6.474  1.881   1.00 14.52 ? 31  GLN A N    1 
ATOM   684  C  CA   . GLN B 2 32 ? 0.848  -7.695  2.118   1.00 15.35 ? 31  GLN A CA   1 
ATOM   685  C  C    . GLN B 2 32 ? 0.848  -8.610  0.883   1.00 13.55 ? 31  GLN A C    1 
ATOM   686  O  O    . GLN B 2 32 ? 0.911  -9.833  1.017   1.00 14.13 ? 31  GLN A O    1 
ATOM   687  C  CB   . GLN B 2 32 ? -0.569 -7.385  2.577   1.00 19.12 ? 31  GLN A CB   1 
ATOM   688  C  CG   . GLN B 2 32 ? -0.642 -6.895  4.024   1.00 23.78 ? 31  GLN A CG   1 
ATOM   689  C  CD   . GLN B 2 32 ? -0.037 -7.875  5.032   1.00 28.31 ? 31  GLN A CD   1 
ATOM   690  O  OE1  . GLN B 2 32 ? -0.359 -9.061  5.037   1.00 31.23 ? 31  GLN A OE1  1 
ATOM   691  N  NE2  . GLN B 2 32 ? 0.841  -7.371  5.895   1.00 29.25 ? 31  GLN A NE2  1 
ATOM   692  H  H    . GLN B 2 32 ? 1.132  -5.755  1.908   1.00 17.50 ? 31  GLN A H    1 
ATOM   693  H  HA   . GLN B 2 32 ? 1.284  -8.190  2.842   1.00 18.50 ? 31  GLN A HA   1 
ATOM   694  H  HB2  . GLN B 2 32 ? -0.940 -6.691  2.009   1.00 23.02 ? 31  GLN A HB2  1 
ATOM   695  H  HB3  . GLN B 2 32 ? -1.107 -8.189  2.508   1.00 23.02 ? 31  GLN A HB3  1 
ATOM   696  H  HG2  . GLN B 2 32 ? -0.156 -6.058  4.096   1.00 28.62 ? 31  GLN A HG2  1 
ATOM   697  H  HG3  . GLN B 2 32 ? -1.572 -6.759  4.263   1.00 28.62 ? 31  GLN A HG3  1 
ATOM   698  H  HE21 . GLN B 2 32 ? 1.042  -6.535  5.866   1.00 35.18 ? 31  GLN A HE21 1 
ATOM   699  H  HE22 . GLN B 2 32 ? 1.209  -7.881  6.481   1.00 35.18 ? 31  GLN A HE22 1 
ATOM   700  N  N    . LEU B 2 33 ? 0.781  -8.028  -0.300  1.00 12.65 ? 32  LEU A N    1 
ATOM   701  C  CA   . LEU B 2 33 ? 0.859  -8.811  -1.532  1.00 13.30 ? 32  LEU A CA   1 
ATOM   702  C  C    . LEU B 2 33 ? 2.229  -9.447  -1.709  1.00 13.09 ? 32  LEU A C    1 
ATOM   703  O  O    . LEU B 2 33 ? 2.324  -10.587 -2.202  1.00 12.79 ? 32  LEU A O    1 
ATOM   704  C  CB   . LEU B 2 33 ? 0.521  -7.954  -2.753  1.00 14.51 ? 32  LEU A CB   1 
ATOM   705  C  CG   . LEU B 2 33 ? -0.932 -7.476  -2.821  1.00 17.40 ? 32  LEU A CG   1 
ATOM   706  C  CD1  . LEU B 2 33 ? -1.086 -6.459  -3.922  1.00 19.54 ? 32  LEU A CD1  1 
ATOM   707  C  CD2  . LEU B 2 33 ? -1.873 -8.652  -3.037  1.00 19.99 ? 32  LEU A CD2  1 
ATOM   708  H  H    . LEU B 2 33 ? 0.689  -7.182  -0.423  1.00 15.27 ? 32  LEU A H    1 
ATOM   709  H  HA   . LEU B 2 33 ? 0.199  -9.534  -1.485  1.00 16.04 ? 32  LEU A HA   1 
ATOM   710  H  HB2  . LEU B 2 33 ? 1.088  -7.168  -2.745  1.00 17.50 ? 32  LEU A HB2  1 
ATOM   711  H  HB3  . LEU B 2 33 ? 0.696  -8.474  -3.552  1.00 17.50 ? 32  LEU A HB3  1 
ATOM   712  H  HG   . LEU B 2 33 ? -1.167 -7.051  -1.981  1.00 20.96 ? 32  LEU A HG   1 
ATOM   713  H  HD11 . LEU B 2 33 ? -2.001 -6.169  -3.952  1.00 23.53 ? 32  LEU A HD11 1 
ATOM   714  H  HD12 . LEU B 2 33 ? -0.512 -5.712  -3.739  1.00 23.53 ? 32  LEU A HD12 1 
ATOM   715  H  HD13 . LEU B 2 33 ? -0.843 -6.864  -4.757  1.00 23.53 ? 32  LEU A HD13 1 
ATOM   716  H  HD21 . LEU B 2 33 ? -2.775 -8.325  -3.076  1.00 24.08 ? 32  LEU A HD21 1 
ATOM   717  H  HD22 . LEU B 2 33 ? -1.646 -9.086  -3.861  1.00 24.08 ? 32  LEU A HD22 1 
ATOM   718  H  HD23 . LEU B 2 33 ? -1.778 -9.265  -2.305  1.00 24.08 ? 32  LEU A HD23 1 
ATOM   719  N  N    . THR B 2 34 ? 3.300  -8.760  -1.315  1.00 11.73 ? 33  THR A N    1 
ATOM   720  C  CA   . THR B 2 34 ? 4.608  -9.365  -1.471  1.00 11.75 ? 33  THR A CA   1 
ATOM   721  C  C    . THR B 2 34 ? 4.764  -10.501 -0.480  1.00 12.85 ? 33  THR A C    1 
ATOM   722  O  O    . THR B 2 34 ? 5.406  -11.504 -0.805  1.00 12.97 ? 33  THR A O    1 
ATOM   723  C  CB   . THR B 2 34 ? 5.767  -8.374  -1.332  1.00 13.10 ? 33  THR A CB   1 
ATOM   724  O  OG1  . THR B 2 34 ? 5.770  -7.803  -0.030  1.00 13.86 ? 33  THR A OG1  1 
ATOM   725  C  CG2  . THR B 2 34 ? 5.680  -7.277  -2.366  1.00 13.96 ? 33  THR A CG2  1 
ATOM   726  H  H    . THR B 2 34 ? 3.294  -7.973  -0.968  1.00 14.16 ? 33  THR A H    1 
ATOM   727  H  HA   . THR B 2 34 ? 4.663  -9.752  -2.370  1.00 14.18 ? 33  THR A HA   1 
ATOM   728  H  HB   . THR B 2 34 ? 6.602  -8.848  -1.470  1.00 15.81 ? 33  THR A HB   1 
ATOM   729  H  HG1  . THR B 2 34 ? 6.392  -7.273  0.041   1.00 16.71 ? 33  THR A HG1  1 
ATOM   730  H  HG21 . THR B 2 34 ? 6.415  -6.669  -2.260  1.00 16.83 ? 33  THR A HG21 1 
ATOM   731  H  HG22 . THR B 2 34 ? 5.711  -7.654  -3.248  1.00 16.83 ? 33  THR A HG22 1 
ATOM   732  H  HG23 . THR B 2 34 ? 4.857  -6.793  -2.262  1.00 16.83 ? 33  THR A HG23 1 
ATOM   733  N  N    . VAL B 2 35 ? 4.209  -10.383 0.719   1.00 11.92 ? 34  VAL A N    1 
ATOM   734  C  CA   . VAL B 2 35 ? 4.210  -11.464 1.674   1.00 13.40 ? 34  VAL A CA   1 
ATOM   735  C  C    . VAL B 2 35 ? 3.504  -12.656 1.057   1.00 13.70 ? 34  VAL A C    1 
ATOM   736  O  O    . VAL B 2 35 ? 4.017  -13.785 1.127   1.00 14.70 ? 34  VAL A O    1 
ATOM   737  C  CB   . VAL B 2 35 ? 3.521  -11.060 2.986   1.00 14.45 ? 34  VAL A CB   1 
ATOM   738  C  CG1  . VAL B 2 35 ? 3.242  -12.272 3.842   1.00 16.05 ? 34  VAL A CG1  1 
ATOM   739  C  CG2  . VAL B 2 35 ? 4.352  -10.017 3.753   1.00 15.49 ? 34  VAL A CG2  1 
ATOM   740  H  H    . VAL B 2 35 ? 3.819  -9.671  1.003   1.00 14.38 ? 34  VAL A H    1 
ATOM   741  H  HA   . VAL B 2 35 ? 5.135  -11.721 1.876   1.00 16.16 ? 34  VAL A HA   1 
ATOM   742  H  HB   . VAL B 2 35 ? 2.658  -10.648 2.768   1.00 17.43 ? 34  VAL A HB   1 
ATOM   743  H  HG11 . VAL B 2 35 ? 2.812  -11.989 4.652   1.00 19.34 ? 34  VAL A HG11 1 
ATOM   744  H  HG12 . VAL B 2 35 ? 2.668  -12.870 3.358   1.00 19.34 ? 34  VAL A HG12 1 
ATOM   745  H  HG13 . VAL B 2 35 ? 4.073  -12.707 4.046   1.00 19.34 ? 34  VAL A HG13 1 
ATOM   746  H  HG21 . VAL B 2 35 ? 3.892  -9.787  4.564   1.00 18.67 ? 34  VAL A HG21 1 
ATOM   747  H  HG22 . VAL B 2 35 ? 5.211  -10.392 3.957   1.00 18.67 ? 34  VAL A HG22 1 
ATOM   748  H  HG23 . VAL B 2 35 ? 4.457  -9.236  3.204   1.00 18.67 ? 34  VAL A HG23 1 
ATOM   749  N  N    . TRP B 2 36 ? 2.324  -12.422 0.485   1.00 13.70 ? 35  TRP A N    1 
ATOM   750  C  CA   . TRP B 2 36 ? 1.572  -13.492 -0.173  1.00 14.18 ? 35  TRP A CA   1 
ATOM   751  C  C    . TRP B 2 36 ? 2.445  -14.183 -1.240  1.00 14.32 ? 35  TRP A C    1 
ATOM   752  O  O    . TRP B 2 36 ? 2.441  -15.414 -1.335  1.00 14.41 ? 35  TRP A O    1 
ATOM   753  C  CB   . TRP B 2 36 ? 0.270  -12.950 -0.778  1.00 15.80 ? 35  TRP A CB   1 
ATOM   754  C  CG   . TRP B 2 36 ? -0.643 -13.984 -1.361  1.00 16.75 ? 35  TRP A CG   1 
ATOM   755  C  CD1  . TRP B 2 36 ? -1.757 -14.516 -0.779  1.00 18.47 ? 35  TRP A CD1  1 
ATOM   756  C  CD2  . TRP B 2 36 ? -0.530 -14.601 -2.652  1.00 16.88 ? 35  TRP A CD2  1 
ATOM   757  N  NE1  . TRP B 2 36 ? -2.335 -15.454 -1.619  1.00 20.28 ? 35  TRP A NE1  1 
ATOM   758  C  CE2  . TRP B 2 36 ? -1.595 -15.522 -2.772  1.00 18.50 ? 35  TRP A CE2  1 
ATOM   759  C  CE3  . TRP B 2 36 ? 0.376  -14.478 -3.711  1.00 17.75 ? 35  TRP A CE3  1 
ATOM   760  C  CZ2  . TRP B 2 36 ? -1.784 -16.289 -3.921  1.00 19.45 ? 35  TRP A CZ2  1 
ATOM   761  C  CZ3  . TRP B 2 36 ? 0.191  -15.255 -4.843  1.00 18.42 ? 35  TRP A CZ3  1 
ATOM   762  C  CH2  . TRP B 2 36 ? -0.873 -16.151 -4.935  1.00 19.53 ? 35  TRP A CH2  1 
ATOM   763  H  H    . TRP B 2 36 ? 1.937  -11.653 0.464   1.00 16.52 ? 35  TRP A H    1 
ATOM   764  H  HA   . TRP B 2 36 ? 1.332  -14.166 0.497   1.00 17.10 ? 35  TRP A HA   1 
ATOM   765  H  HB2  . TRP B 2 36 ? -0.223 -12.485 -0.083  1.00 19.04 ? 35  TRP A HB2  1 
ATOM   766  H  HB3  . TRP B 2 36 ? 0.495  -12.327 -1.487  1.00 19.04 ? 35  TRP A HB3  1 
ATOM   767  H  HD1  . TRP B 2 36 ? -2.067 -14.300 0.070   1.00 22.25 ? 35  TRP A HD1  1 
ATOM   768  H  HE1  . TRP B 2 36 ? -3.044 -15.911 -1.450  1.00 24.42 ? 35  TRP A HE1  1 
ATOM   769  H  HE3  . TRP B 2 36 ? 1.094  -13.890 -3.654  1.00 21.39 ? 35  TRP A HE3  1 
ATOM   770  H  HZ2  . TRP B 2 36 ? -2.492 -16.889 -3.989  1.00 23.42 ? 35  TRP A HZ2  1 
ATOM   771  H  HZ3  . TRP B 2 36 ? 0.790  -15.181 -5.551  1.00 22.18 ? 35  TRP A HZ3  1 
ATOM   772  H  HH2  . TRP B 2 36 ? -0.975 -16.656 -5.710  1.00 23.51 ? 35  TRP A HH2  1 
ATOM   773  N  N    . GLY B 2 37 ? 3.166  -13.410 -2.044  1.00 13.81 ? 36  GLY A N    1 
ATOM   774  C  CA   . GLY B 2 37 ? 3.965  -13.969 -3.127  1.00 14.77 ? 36  GLY A CA   1 
ATOM   775  C  C    . GLY B 2 37 ? 5.118  -14.816 -2.631  1.00 14.52 ? 36  GLY A C    1 
ATOM   776  O  O    . GLY B 2 37 ? 5.410  -15.880 -3.199  1.00 15.30 ? 36  GLY A O    1 
ATOM   777  H  H    . GLY B 2 37 ? 3.210  -12.554 -1.982  1.00 16.66 ? 36  GLY A H    1 
ATOM   778  H  HA2  . GLY B 2 37 ? 3.401  -14.520 -3.692  1.00 17.80 ? 36  GLY A HA2  1 
ATOM   779  H  HA3  . GLY B 2 37 ? 4.325  -13.247 -3.666  1.00 17.80 ? 36  GLY A HA3  1 
ATOM   780  N  N    . ILE B 2 38 ? 5.763  -14.393 -1.556  1.00 13.93 ? 37  ILE A N    1 
ATOM   781  C  CA   . ILE B 2 38 ? 6.856  -15.148 -1.003  1.00 14.48 ? 37  ILE A CA   1 
ATOM   782  C  C    . ILE B 2 38 ? 6.304  -16.445 -0.405  1.00 15.72 ? 37  ILE A C    1 
ATOM   783  O  O    . ILE B 2 38 ? 6.872  -17.517 -0.595  1.00 16.83 ? 37  ILE A O    1 
ATOM   784  C  CB   . ILE B 2 38 ? 7.628  -14.321 0.073   1.00 15.08 ? 37  ILE A CB   1 
ATOM   785  C  CG1  . ILE B 2 38 ? 8.335  -13.141 -0.587  1.00 15.30 ? 37  ILE A CG1  1 
ATOM   786  C  CG2  . ILE B 2 38 ? 8.629  -15.208 0.782   1.00 16.71 ? 37  ILE A CG2  1 
ATOM   787  C  CD1  . ILE B 2 38 ? 8.714  -12.040 0.390   1.00 16.67 ? 37  ILE A CD1  1 
ATOM   788  H  H    . ILE B 2 38 ? 5.581  -13.669 -1.129  1.00 16.79 ? 37  ILE A H    1 
ATOM   789  H  HA   . ILE B 2 38 ? 7.484  -15.382 -1.720  1.00 17.46 ? 37  ILE A HA   1 
ATOM   790  H  HB   . ILE B 2 38 ? 6.992  -13.984 0.724   1.00 18.18 ? 37  ILE A HB   1 
ATOM   791  H  HG12 . ILE B 2 38 ? 9.148  -13.459 -1.008  1.00 18.45 ? 37  ILE A HG12 1 
ATOM   792  H  HG13 . ILE B 2 38 ? 7.745  -12.756 -1.255  1.00 18.45 ? 37  ILE A HG13 1 
ATOM   793  H  HG21 . ILE B 2 38 ? 9.095  -14.687 1.441   1.00 20.13 ? 37  ILE A HG21 1 
ATOM   794  H  HG22 . ILE B 2 38 ? 8.160  -15.931 1.207   1.00 20.13 ? 37  ILE A HG22 1 
ATOM   795  H  HG23 . ILE B 2 38 ? 9.250  -15.554 0.137   1.00 20.13 ? 37  ILE A HG23 1 
ATOM   796  H  HD11 . ILE B 2 38 ? 9.152  -11.334 -0.091  1.00 20.09 ? 37  ILE A HD11 1 
ATOM   797  H  HD12 . ILE B 2 38 ? 7.917  -11.706 0.809   1.00 20.09 ? 37  ILE A HD12 1 
ATOM   798  H  HD13 . ILE B 2 38 ? 9.306  -12.401 1.054   1.00 20.09 ? 37  ILE A HD13 1 
ATOM   799  N  N    . LYS B 2 39 ? 5.169  -16.356 0.281   1.00 14.67 ? 38  LYS A N    1 
ATOM   800  C  CA   . LYS B 2 39 ? 4.518  -17.509 0.884   1.00 17.18 ? 38  LYS A CA   1 
ATOM   801  C  C    . LYS B 2 39 ? 4.069  -18.520 -0.180  1.00 17.91 ? 38  LYS A C    1 
ATOM   802  O  O    . LYS B 2 39 ? 4.222  -19.742 -0.012  1.00 18.77 ? 38  LYS A O    1 
ATOM   803  C  CB   . LYS B 2 39 ? 3.305  -17.047 1.696   1.00 19.46 ? 38  LYS A CB   1 
ATOM   804  C  CG   . LYS B 2 39 ? 2.705  -18.103 2.578   1.00 22.38 ? 38  LYS A CG   1 
ATOM   805  C  CD   . LYS B 2 39 ? 1.642  -17.534 3.505   1.00 25.63 ? 38  LYS A CD   1 
ATOM   806  C  CE   . LYS B 2 39 ? 1.263  -18.571 4.558   1.00 29.00 ? 38  LYS A CE   1 
ATOM   807  N  NZ   . LYS B 2 39 ? 0.095  -18.172 5.377   1.00 31.74 ? 38  LYS A NZ   1 
ATOM   808  H  H    . LYS B 2 39 ? 4.748  -15.617 0.412   1.00 17.69 ? 38  LYS A H    1 
ATOM   809  H  HA   . LYS B 2 39 ? 5.145  -17.956 1.491   1.00 20.69 ? 38  LYS A HA   1 
ATOM   810  H  HB2  . LYS B 2 39 ? 3.575  -16.309 2.264   1.00 23.44 ? 38  LYS A HB2  1 
ATOM   811  H  HB3  . LYS B 2 39 ? 2.616  -16.750 1.082   1.00 23.44 ? 38  LYS A HB3  1 
ATOM   812  H  HG2  . LYS B 2 39 ? 2.290  -18.783 2.024   1.00 26.94 ? 38  LYS A HG2  1 
ATOM   813  H  HG3  . LYS B 2 39 ? 3.403  -18.497 3.125   1.00 26.94 ? 38  LYS A HG3  1 
ATOM   814  H  HD2  . LYS B 2 39 ? 1.991  -16.749 3.956   1.00 30.84 ? 38  LYS A HD2  1 
ATOM   815  H  HD3  . LYS B 2 39 ? 0.850  -17.309 2.993   1.00 30.84 ? 38  LYS A HD3  1 
ATOM   816  H  HE2  . LYS B 2 39 ? 1.044  -19.405 4.112   1.00 34.89 ? 38  LYS A HE2  1 
ATOM   817  H  HE3  . LYS B 2 39 ? 2.016  -18.702 5.155   1.00 34.89 ? 38  LYS A HE3  1 
ATOM   818  H  HZ1  . LYS B 2 39 ? -0.088 -18.806 5.975   1.00 38.17 ? 38  LYS A HZ1  1 
ATOM   819  H  HZ2  . LYS B 2 39 ? 0.270  -17.412 5.806   1.00 38.17 ? 38  LYS A HZ2  1 
ATOM   820  H  HZ3  . LYS B 2 39 ? -0.616 -18.052 4.856   1.00 38.17 ? 38  LYS A HZ3  1 
ATOM   821  N  N    . GLN B 2 40 ? 3.504  -18.005 -1.268  1.00 16.73 ? 39  GLN A N    1 
ATOM   822  C  CA   . GLN B 2 40 ? 3.024  -18.856 -2.348  1.00 17.60 ? 39  GLN A CA   1 
ATOM   823  C  C    . GLN B 2 40 ? 4.214  -19.516 -3.040  1.00 18.85 ? 39  GLN A C    1 
ATOM   824  O  O    . GLN B 2 40 ? 4.153  -20.710 -3.356  1.00 20.81 ? 39  GLN A O    1 
ATOM   825  C  CB   . GLN B 2 40 ? 2.179  -18.011 -3.320  1.00 18.69 ? 39  GLN A CB   1 
ATOM   826  C  CG   . GLN B 2 40 ? 1.565  -18.801 -4.457  1.00 20.78 ? 39  GLN A CG   1 
ATOM   827  C  CD   . GLN B 2 40 ? 0.367  -19.653 -4.034  1.00 22.88 ? 39  GLN A CD   1 
ATOM   828  O  OE1  . GLN B 2 40 ? -0.006 -19.703 -2.862  1.00 25.43 ? 39  GLN A OE1  1 
ATOM   829  N  NE2  . GLN B 2 40 ? -0.243 -20.319 -5.004  1.00 25.07 ? 39  GLN A NE2  1 
ATOM   830  H  H    . GLN B 2 40 ? 3.388  -17.164 -1.405  1.00 20.16 ? 39  GLN A H    1 
ATOM   831  H  HA   . GLN B 2 40 ? 2.453  -19.561 -1.976  1.00 21.20 ? 39  GLN A HA   1 
ATOM   832  H  HB2  . GLN B 2 40 ? 1.456  -17.596 -2.824  1.00 22.51 ? 39  GLN A HB2  1 
ATOM   833  H  HB3  . GLN B 2 40 ? 2.745  -17.325 -3.708  1.00 22.51 ? 39  GLN A HB3  1 
ATOM   834  H  HG2  . GLN B 2 40 ? 1.263  -18.182 -5.141  1.00 25.02 ? 39  GLN A HG2  1 
ATOM   835  H  HG3  . GLN B 2 40 ? 2.238  -19.395 -4.824  1.00 25.02 ? 39  GLN A HG3  1 
ATOM   836  H  HE21 . GLN B 2 40 ? 0.040  -20.256 -5.814  1.00 30.17 ? 39  GLN A HE21 1 
ATOM   837  H  HE22 . GLN B 2 40 ? -0.922 -20.815 -4.823  1.00 30.17 ? 39  GLN A HE22 1 
ATOM   838  N  N    . LEU B 2 41 ? 5.291  -18.781 -3.281  1.00 20.26 ? 40  LEU A N    1 
ATOM   839  C  CA   . LEU B 2 41 ? 6.516  -19.325 -3.874  1.00 21.28 ? 40  LEU A CA   1 
ATOM   840  C  C    . LEU B 2 41 ? 7.091  -20.462 -3.042  1.00 22.47 ? 40  LEU A C    1 
ATOM   841  O  O    . LEU B 2 41 ? 7.370  -21.561 -3.548  1.00 23.71 ? 40  LEU A O    1 
ATOM   842  C  CB   . LEU B 2 41 ? 7.588  -18.234 -4.008  1.00 24.96 ? 40  LEU A CB   1 
ATOM   843  C  CG   . LEU B 2 41 ? 7.591  -17.333 -5.249  1.00 25.81 ? 40  LEU A CG   1 
ATOM   844  C  CD1  . LEU B 2 41 ? 8.650  -16.243 -5.122  1.00 27.29 ? 40  LEU A CD1  1 
ATOM   845  C  CD2  . LEU B 2 41 ? 7.814  -18.119 -6.523  1.00 26.76 ? 40  LEU A CD2  1 
ATOM   846  H  H    . LEU B 2 41 ? 5.342  -17.940 -3.108  1.00 24.40 ? 40  LEU A H    1 
ATOM   847  H  HA   . LEU B 2 41 ? 6.318  -19.671 -4.769  1.00 25.62 ? 40  LEU A HA   1 
ATOM   848  H  HB2  . LEU B 2 41 ? 7.506  -17.647 -3.240  1.00 30.04 ? 40  LEU A HB2  1 
ATOM   849  H  HB3  . LEU B 2 41 ? 8.454  -18.668 -3.978  1.00 30.04 ? 40  LEU A HB3  1 
ATOM   850  H  HG   . LEU B 2 41 ? 6.727  -16.899 -5.319  1.00 31.05 ? 40  LEU A HG   1 
ATOM   851  H  HD11 . LEU B 2 41 ? 8.631  -15.695 -5.910  1.00 32.83 ? 40  LEU A HD11 1 
ATOM   852  H  HD12 . LEU B 2 41 ? 8.457  -15.709 -4.347  1.00 32.83 ? 40  LEU A HD12 1 
ATOM   853  H  HD13 . LEU B 2 41 ? 9.513  -16.655 -5.029  1.00 32.83 ? 40  LEU A HD13 1 
ATOM   854  H  HD21 . LEU B 2 41 ? 7.808  -17.514 -7.267  1.00 32.19 ? 40  LEU A HD21 1 
ATOM   855  H  HD22 . LEU B 2 41 ? 8.663  -18.565 -6.469  1.00 32.19 ? 40  LEU A HD22 1 
ATOM   856  H  HD23 . LEU B 2 41 ? 7.110  -18.764 -6.618  1.00 32.19 ? 40  LEU A HD23 1 
ATOM   857  N  N    . ARG B 2 42 ? 7.287  -20.213 -1.758  1.00 21.68 ? 41  ARG A N    1 
ATOM   858  C  CA   . ARG B 2 42 ? 7.922  -21.181 -0.913  1.00 22.74 ? 41  ARG A CA   1 
ATOM   859  C  C    . ARG B 2 42 ? 7.034  -22.438 -0.886  1.00 21.93 ? 41  ARG A C    1 
ATOM   860  O  O    . ARG B 2 42 ? 7.539  -23.564 -0.991  1.00 25.18 ? 41  ARG A O    1 
ATOM   861  C  CB   . ARG B 2 42 ? 8.169  -20.611 0.489   1.00 22.95 ? 41  ARG A CB   1 
ATOM   862  C  CG   . ARG B 2 42 ? 9.263  -21.352 1.267   1.00 24.65 ? 41  ARG A CG   1 
ATOM   863  C  CD   . ARG B 2 42 ? 8.824  -21.632 2.695   1.00 25.60 ? 41  ARG A CD   1 
ATOM   864  N  NE   . ARG B 2 42 ? 7.556  -22.358 2.741   1.00 26.91 ? 41  ARG A NE   1 
ATOM   865  C  CZ   . ARG B 2 42 ? 7.458  -23.685 2.707   1.00 28.72 ? 41  ARG A CZ   1 
ATOM   866  N  NH1  . ARG B 2 42 ? 6.266  -24.276 2.747   1.00 29.79 ? 41  ARG A NH1  1 
ATOM   867  N  NH2  . ARG B 2 42 ? 8.556  -24.423 2.632   1.00 29.12 ? 41  ARG A NH2  1 
ATOM   868  H  H    . ARG B 2 42 ? 7.058  -19.486 -1.358  1.00 26.09 ? 41  ARG A H    1 
ATOM   869  H  HA   . ARG B 2 42 ? 8.788  -21.428 -1.300  1.00 27.37 ? 41  ARG A HA   1 
ATOM   870  H  HB2  . ARG B 2 42 ? 8.440  -19.683 0.406   1.00 27.62 ? 41  ARG A HB2  1 
ATOM   871  H  HB3  . ARG B 2 42 ? 7.347  -20.670 1.000   1.00 27.62 ? 41  ARG A HB3  1 
ATOM   872  H  HG2  . ARG B 2 42 ? 9.448  -22.200 0.833   1.00 29.66 ? 41  ARG A HG2  1 
ATOM   873  H  HG3  . ARG B 2 42 ? 10.064 -20.806 1.296   1.00 29.66 ? 41  ARG A HG3  1 
ATOM   874  H  HD2  . ARG B 2 42 ? 9.499  -22.171 3.136   1.00 30.81 ? 41  ARG A HD2  1 
ATOM   875  H  HD3  . ARG B 2 42 ? 8.708  -20.790 3.163   1.00 30.81 ? 41  ARG A HD3  1 
ATOM   876  H  HE   . ARG B 2 42 ? 6.828  -21.900 2.720   1.00 32.38 ? 41  ARG A HE   1 
ATOM   877  H  HH11 . ARG B 2 42 ? 5.551  -23.801 2.797   1.00 35.83 ? 41  ARG A HH11 1 
ATOM   878  H  HH12 . ARG B 2 42 ? 6.212  -25.134 2.727   1.00 35.83 ? 41  ARG A HH12 1 
ATOM   879  H  HH21 . ARG B 2 42 ? 9.328  -24.044 2.604   1.00 35.03 ? 41  ARG A HH21 1 
ATOM   880  H  HH22 . ARG B 2 42 ? 8.498  -25.281 2.610   1.00 35.03 ? 41  ARG A HH22 1 
ATOM   881  N  N    . ALA B 2 43 ? 5.714  -22.266 -0.761  1.00 24.08 ? 42  ALA A N    1 
ATOM   882  C  CA   . ALA B 2 43 ? 4.797  -23.413 -0.662  1.00 24.90 ? 42  ALA A CA   1 
ATOM   883  C  C    . ALA B 2 43 ? 4.696  -24.217 -1.959  1.00 24.97 ? 42  ALA A C    1 
ATOM   884  O  O    . ALA B 2 43 ? 4.695  -25.446 -1.928  1.00 26.21 ? 42  ALA A O    1 
ATOM   885  C  CB   . ALA B 2 43 ? 3.403  -22.969 -0.228  1.00 25.97 ? 42  ALA A CB   1 
ATOM   886  H  H    . ALA B 2 43 ? 5.324  -21.500 -0.730  1.00 28.98 ? 42  ALA A H    1 
ATOM   887  H  HA   . ALA B 2 43 ? 5.137  -24.018 0.029   1.00 29.96 ? 42  ALA A HA   1 
ATOM   888  H  HB1  . ALA B 2 43 ? 2.833  -23.739 -0.174  1.00 31.25 ? 42  ALA A HB1  1 
ATOM   889  H  HB2  . ALA B 2 43 ? 3.464  -22.545 0.631   1.00 31.25 ? 42  ALA A HB2  1 
ATOM   890  H  HB3  . ALA B 2 43 ? 3.058  -22.349 -0.875  1.00 31.25 ? 42  ALA A HB3  1 
ATOM   891  N  N    . ARG B 2 44 ? 4.574  -23.518 -3.084  1.00 24.40 ? 43  ARG A N    1 
ATOM   892  C  CA   . ARG B 2 44 ? 4.433  -24.141 -4.399  1.00 25.30 ? 43  ARG A CA   1 
ATOM   893  C  C    . ARG B 2 44 ? 5.700  -24.848 -4.879  1.00 24.79 ? 43  ARG A C    1 
ATOM   894  O  O    . ARG B 2 44 ? 5.638  -25.852 -5.616  1.00 25.72 ? 43  ARG A O    1 
ATOM   895  C  CB   . ARG B 2 44 ? 4.020  -23.084 -5.431  1.00 27.96 ? 43  ARG A CB   1 
ATOM   896  C  CG   . ARG B 2 44 ? 2.578  -22.636 -5.289  1.00 32.36 ? 43  ARG A CG   1 
ATOM   897  C  CD   . ARG B 2 44 ? 1.640  -23.710 -5.810  1.00 37.38 ? 43  ARG A CD   1 
ATOM   898  N  NE   . ARG B 2 44 ? 1.904  -24.011 -7.212  1.00 42.06 ? 43  ARG A NE   1 
ATOM   899  C  CZ   . ARG B 2 44 ? 1.397  -25.049 -7.868  1.00 44.61 ? 43  ARG A CZ   1 
ATOM   900  N  NH1  . ARG B 2 44 ? 0.589  -25.903 -7.251  1.00 45.59 ? 43  ARG A NH1  1 
ATOM   901  N  NH2  . ARG B 2 44 ? 1.702  -25.237 -9.145  1.00 45.93 ? 43  ARG A NH2  1 
ATOM   902  H  H    . ARG B 2 44 ? 4.571  -22.659 -3.113  1.00 29.37 ? 43  ARG A H    1 
ATOM   903  H  HA   . ARG B 2 44 ? 3.718  -24.810 -4.356  1.00 30.44 ? 43  ARG A HA   1 
ATOM   904  H  HB2  . ARG B 2 44 ? 4.587  -22.304 -5.325  1.00 33.64 ? 43  ARG A HB2  1 
ATOM   905  H  HB3  . ARG B 2 44 ? 4.131  -23.454 -6.322  1.00 33.64 ? 43  ARG A HB3  1 
ATOM   906  H  HG2  . ARG B 2 44 ? 2.379  -22.481 -4.352  1.00 38.91 ? 43  ARG A HG2  1 
ATOM   907  H  HG3  . ARG B 2 44 ? 2.438  -21.827 -5.804  1.00 38.91 ? 43  ARG A HG3  1 
ATOM   908  H  HD2  . ARG B 2 44 ? 1.764  -24.523 -5.295  1.00 44.94 ? 43  ARG A HD2  1 
ATOM   909  H  HD3  . ARG B 2 44 ? 0.723  -23.400 -5.732  1.00 44.94 ? 43  ARG A HD3  1 
ATOM   910  H  HE   . ARG B 2 44 ? 2.425  -23.480 -7.645  1.00 50.56 ? 43  ARG A HE   1 
ATOM   911  H  HH11 . ARG B 2 44 ? 0.389  -25.785 -6.424  1.00 54.80 ? 43  ARG A HH11 1 
ATOM   912  H  HH12 . ARG B 2 44 ? 0.263  -26.574 -7.681  1.00 54.80 ? 43  ARG A HH12 1 
ATOM   913  H  HH21 . ARG B 2 44 ? 2.225  -24.686 -9.547  1.00 55.20 ? 43  ARG A HH21 1 
ATOM   914  H  HH22 . ARG B 2 44 ? 1.375  -25.908 -9.571  1.00 55.20 ? 43  ARG A HH22 1 
ATOM   915  N  N    . ILE B 2 45 ? 6.846  -24.339 -4.468  1.00 24.56 ? 44  ILE A N    1 
ATOM   916  C  CA   . ILE B 2 45 ? 8.134  -24.906 -4.859  1.00 26.33 ? 44  ILE A CA   1 
ATOM   917  C  C    . ILE B 2 45 ? 8.676  -25.884 -3.825  1.00 27.08 ? 44  ILE A C    1 
ATOM   918  O  O    . ILE B 2 45 ? 8.979  -27.039 -4.151  1.00 26.62 ? 44  ILE A O    1 
ATOM   919  C  CB   . ILE B 2 45 ? 9.188  -23.813 -5.047  1.00 28.68 ? 44  ILE A CB   1 
ATOM   920  C  CG1  . ILE B 2 45 ? 8.787  -22.874 -6.184  1.00 30.59 ? 44  ILE A CG1  1 
ATOM   921  C  CG2  . ILE B 2 45 ? 10.545 -24.416 -5.327  1.00 30.51 ? 44  ILE A CG2  1 
ATOM   922  C  CD1  . ILE B 2 45 ? 8.115  -23.560 -7.337  1.00 32.95 ? 44  ILE A CD1  1 
ATOM   923  H  H    . ILE B 2 45 ? 6.912  -23.654 -3.953  1.00 29.56 ? 44  ILE A H    1 
ATOM   924  H  HA   . ILE B 2 45 ? 8.030  -25.383 -5.709  1.00 31.68 ? 44  ILE A HA   1 
ATOM   925  H  HB   . ILE B 2 45 ? 9.244  -23.297 -4.228  1.00 34.50 ? 44  ILE A HB   1 
ATOM   926  H  HG12 . ILE B 2 45 ? 8.172  -22.209 -5.837  1.00 36.79 ? 44  ILE A HG12 1 
ATOM   927  H  HG13 . ILE B 2 45 ? 9.585  -22.438 -6.523  1.00 36.79 ? 44  ILE A HG13 1 
ATOM   928  H  HG21 . ILE B 2 45 ? 11.183 -23.707 -5.440  1.00 36.69 ? 44  ILE A HG21 1 
ATOM   929  H  HG22 . ILE B 2 45 ? 10.798 -24.970 -4.586  1.00 36.69 ? 44  ILE A HG22 1 
ATOM   930  H  HG23 . ILE B 2 45 ? 10.494 -24.942 -6.128  1.00 36.69 ? 44  ILE A HG23 1 
ATOM   931  H  HD11 . ILE B 2 45 ? 7.896  -22.906 -8.005  1.00 39.62 ? 44  ILE A HD11 1 
ATOM   932  H  HD12 . ILE B 2 45 ? 8.715  -24.214 -7.703  1.00 39.62 ? 44  ILE A HD12 1 
ATOM   933  H  HD13 . ILE B 2 45 ? 7.315  -23.988 -7.023  1.00 39.62 ? 44  ILE A HD13 1 
ATOM   934  N  N    . LEU B 2 46 ? 8.806  -25.420 -2.585  1.00 28.82 ? 45  LEU A N    1 
ATOM   935  C  CA   . LEU B 2 46 ? 9.504  -26.162 -1.539  1.00 30.55 ? 45  LEU A CA   1 
ATOM   936  C  C    . LEU B 2 46 ? 8.583  -26.986 -0.667  1.00 30.87 ? 45  LEU A C    1 
ATOM   937  O  O    . LEU B 2 46 ? 9.040  -27.900 0.018   1.00 32.17 ? 45  LEU A O    1 
ATOM   938  C  CB   . LEU B 2 46 ? 10.271 -25.202 -0.635  1.00 32.79 ? 45  LEU A CB   1 
ATOM   939  C  CG   . LEU B 2 46 ? 11.548 -24.598 -1.197  1.00 35.51 ? 45  LEU A CG   1 
ATOM   940  C  CD1  . LEU B 2 46 ? 12.047 -23.482 -0.282  1.00 36.83 ? 45  LEU A CD1  1 
ATOM   941  C  CD2  . LEU B 2 46 ? 12.564 -25.715 -1.363  1.00 36.33 ? 45  LEU A CD2  1 
ATOM   942  H  H    . LEU B 2 46 ? 8.493  -24.664 -2.321  1.00 34.66 ? 45  LEU A H    1 
ATOM   943  H  HA   . LEU B 2 46 ? 10.150 -26.770 -1.956  1.00 36.74 ? 45  LEU A HA   1 
ATOM   944  H  HB2  . LEU B 2 46 ? 9.682  -24.466 -0.409  1.00 39.43 ? 45  LEU A HB2  1 
ATOM   945  H  HB3  . LEU B 2 46 ? 10.512 -25.677 0.174   1.00 39.43 ? 45  LEU A HB3  1 
ATOM   946  H  HG   . LEU B 2 46 ? 11.366 -24.217 -2.071  1.00 42.69 ? 45  LEU A HG   1 
ATOM   947  H  HD11 . LEU B 2 46 ? 12.853 -23.113 -0.652  1.00 44.27 ? 45  LEU A HD11 1 
ATOM   948  H  HD12 . LEU B 2 46 ? 11.373 -22.802 -0.222  1.00 44.27 ? 45  LEU A HD12 1 
ATOM   949  H  HD13 . LEU B 2 46 ? 12.224 -23.847 0.588   1.00 44.27 ? 45  LEU A HD13 1 
ATOM   950  H  HD21 . LEU B 2 46 ? 13.377 -25.347 -1.717  1.00 43.67 ? 45  LEU A HD21 1 
ATOM   951  H  HD22 . LEU B 2 46 ? 12.731 -26.114 -0.506  1.00 43.67 ? 45  LEU A HD22 1 
ATOM   952  H  HD23 . LEU B 2 46 ? 12.210 -26.371 -1.968  1.00 43.67 ? 45  LEU A HD23 1 
HETATM 953  N  N    . NH2 B 2 47 ? 7.296  -26.664 -0.679  1.00 31.43 ? 46  NH2 A N    1 
HETATM 954  CL CL   . CL  C 3 .  ? 8.294  -6.481  0.049   0.19 18.07 ? 101 CL  A CL   1 
HETATM 955  CL CL   . CL  D 3 .  ? 2.462  14.135  8.768   0.43 19.80 ? 102 CL  A CL   1 
HETATM 956  O  O    . HOH E 4 .  ? -2.572 -6.622  -17.608 1.00 29.51 ? 201 HOH H O    1 
HETATM 957  O  O    . HOH E 4 .  ? -1.738 -3.092  -3.627  1.00 40.67 ? 202 HOH H O    1 
HETATM 958  O  O    . HOH E 4 .  ? -9.816 -17.067 -4.117  1.00 36.81 ? 203 HOH H O    1 
HETATM 959  O  O    . HOH E 4 .  ? -3.073 -21.218 -11.993 1.00 39.11 ? 204 HOH H O    1 
HETATM 960  O  O    . HOH E 4 .  ? -4.448 -13.588 -12.378 1.00 28.41 ? 205 HOH H O    1 
HETATM 961  O  O    . HOH E 4 .  ? 3.604  -14.556 -14.919 1.00 38.90 ? 206 HOH H O    1 
HETATM 962  O  O    . HOH E 4 .  ? -1.832 -15.789 2.748   1.00 35.47 ? 207 HOH H O    1 
HETATM 963  O  O    . HOH E 4 .  ? 2.198  -5.519  -12.603 1.00 32.58 ? 208 HOH H O    1 
HETATM 964  O  O    . HOH E 4 .  ? 0.833  -0.978  -6.279  1.00 39.96 ? 209 HOH H O    1 
HETATM 965  O  O    . HOH E 4 .  ? -5.726 -21.201 -10.504 1.00 50.33 ? 210 HOH H O    1 
HETATM 966  O  O    . HOH E 4 .  ? 2.727  -21.257 -12.241 1.00 53.80 ? 211 HOH H O    1 
HETATM 967  O  O    . HOH E 4 .  ? -6.895 -8.006  -12.643 1.00 30.49 ? 212 HOH H O    1 
HETATM 968  O  O    . HOH E 4 .  ? -9.009 -19.348 -9.981  1.00 44.62 ? 213 HOH H O    1 
HETATM 969  O  O    . HOH E 4 .  ? 1.406  -12.195 -14.855 1.00 32.37 ? 214 HOH H O    1 
HETATM 970  O  O    . HOH E 4 .  ? 0.566  -8.249  -15.894 1.00 37.87 ? 215 HOH H O    1 
HETATM 971  O  O    . HOH E 4 .  ? -5.885 -5.788  -11.149 1.00 38.20 ? 216 HOH H O    1 
HETATM 972  O  O    . HOH E 4 .  ? 0.056  -10.804 -16.462 1.00 38.57 ? 217 HOH H O    1 
HETATM 973  O  O    . HOH E 4 .  ? -2.380 -7.224  -19.512 1.00 34.73 ? 218 HOH H O    1 
HETATM 974  O  O    . HOH E 4 .  ? 2.659  -6.709  -15.303 1.00 37.51 ? 219 HOH H O    1 
HETATM 975  O  O    . HOH E 4 .  ? 3.925  -19.940 -11.102 1.00 42.83 ? 220 HOH H O    1 
HETATM 976  O  O    . HOH E 4 .  ? 0.958  -13.677 -18.728 1.00 42.08 ? 221 HOH H O    1 
HETATM 977  O  O    . HOH F 4 .  ? 2.466  37.032  10.628  1.00 52.79 ? 201 HOH A O    1 
HETATM 978  O  O    . HOH F 4 .  ? -2.902 26.346  4.059   1.00 47.44 ? 202 HOH A O    1 
HETATM 979  O  O    . HOH F 4 .  ? 1.271  15.934  10.444  1.00 67.77 ? 203 HOH A O    1 
HETATM 980  O  O    . HOH F 4 .  ? 0.725  -10.609 6.409   1.00 48.98 ? 204 HOH A O    1 
HETATM 981  O  O    . HOH F 4 .  ? 1.630  27.930  0.486   1.00 49.66 ? 205 HOH A O    1 
HETATM 982  O  O    . HOH F 4 .  ? -0.216 -21.531 -1.293  1.00 48.97 ? 206 HOH A O    1 
HETATM 983  O  O    . HOH F 4 .  ? 0.518  37.644  5.894   1.00 62.80 ? 207 HOH A O    1 
HETATM 984  O  O    . HOH F 4 .  ? -5.597 -0.969  -4.250  1.00 37.43 ? 208 HOH A O    1 
HETATM 985  O  O    . HOH F 4 .  ? 2.441  4.521   -1.307  1.00 29.70 ? 209 HOH A O    1 
HETATM 986  O  O    . HOH F 4 .  ? -0.535 18.470  0.359   1.00 35.91 ? 210 HOH A O    1 
HETATM 987  O  O    . HOH F 4 .  ? 3.805  -26.620 -7.353  1.00 44.06 ? 211 HOH A O    1 
HETATM 988  O  O    . HOH F 4 .  ? -3.495 22.133  0.999   1.00 54.58 ? 212 HOH A O    1 
HETATM 989  O  O    . HOH F 4 .  ? -5.910 25.886  10.307  1.00 31.01 ? 213 HOH A O    1 
HETATM 990  O  O    . HOH F 4 .  ? 0.870  30.822  6.274   1.00 41.68 ? 214 HOH A O    1 
HETATM 991  O  O    . HOH F 4 .  ? 1.390  -4.812  5.405   1.00 37.47 ? 215 HOH A O    1 
HETATM 992  O  O    . HOH F 4 .  ? 0.951  -7.946  8.513   1.00 44.72 ? 216 HOH A O    1 
HETATM 993  O  O    . HOH F 4 .  ? -2.428 36.894  7.318   1.00 41.37 ? 217 HOH A O    1 
HETATM 994  O  O    . HOH F 4 .  ? -8.791 20.182  11.476  1.00 51.07 ? 218 HOH A O    1 
HETATM 995  O  O    . HOH F 4 .  ? -4.332 15.459  9.191   1.00 33.53 ? 219 HOH A O    1 
HETATM 996  O  O    . HOH F 4 .  ? -0.956 -0.422  -3.015  1.00 28.72 ? 220 HOH A O    1 
HETATM 997  O  O    . HOH F 4 .  ? 0.045  20.735  1.879   1.00 36.61 ? 221 HOH A O    1 
HETATM 998  O  O    . HOH F 4 .  ? 3.212  -22.913 -9.548  1.00 47.58 ? 222 HOH A O    1 
HETATM 999  O  O    . HOH F 4 .  ? -3.570 -1.169  3.688   1.00 25.02 ? 223 HOH A O    1 
HETATM 1000 O  O    . HOH F 4 .  ? 1.119  38.629  9.401   1.00 57.28 ? 224 HOH A O    1 
HETATM 1001 O  O    . HOH F 4 .  ? -0.378 -11.479 2.904   1.00 28.10 ? 225 HOH A O    1 
HETATM 1002 O  O    . HOH F 4 .  ? 3.963  -27.065 0.263   1.00 44.58 ? 226 HOH A O    1 
HETATM 1003 O  O    . HOH F 4 .  ? 8.542  -29.488 -2.771  1.00 32.42 ? 227 HOH A O    1 
HETATM 1004 O  O    . HOH F 4 .  ? 0.883  11.587  -1.775  1.00 35.58 ? 228 HOH A O    1 
HETATM 1005 O  O    . HOH F 4 .  ? 5.068  -20.770 2.506   1.00 24.28 ? 229 HOH A O    1 
HETATM 1006 O  O    . HOH F 4 .  ? -4.655 16.046  1.305   1.00 35.24 ? 230 HOH A O    1 
HETATM 1007 O  O    . HOH F 4 .  ? -2.964 -6.596  -0.026  1.00 29.86 ? 231 HOH A O    1 
HETATM 1008 O  O    . HOH F 4 .  ? -2.618 4.774   6.956   1.00 28.59 ? 232 HOH A O    1 
HETATM 1009 O  O    . HOH F 4 .  ? 2.416  12.350  0.588   1.00 33.79 ? 233 HOH A O    1 
HETATM 1010 O  O    . HOH F 4 .  ? -1.283 10.244  -1.191  1.00 32.66 ? 234 HOH A O    1 
HETATM 1011 O  O    . HOH F 4 .  ? -4.773 4.351   0.383   1.00 26.48 ? 235 HOH A O    1 
HETATM 1012 O  O    . HOH F 4 .  ? -1.876 -19.690 3.557   1.00 44.84 ? 236 HOH A O    1 
HETATM 1013 O  O    . HOH F 4 .  ? -4.634 15.498  12.650  1.00 49.41 ? 237 HOH A O    1 
HETATM 1014 O  O    . HOH F 4 .  ? -6.336 20.665  5.714   1.00 46.34 ? 238 HOH A O    1 
HETATM 1015 O  O    . HOH F 4 .  ? -0.276 3.175   -5.841  1.00 45.83 ? 239 HOH A O    1 
HETATM 1016 O  O    . HOH F 4 .  ? 5.428  -28.384 1.365   1.00 49.98 ? 240 HOH A O    1 
HETATM 1017 O  O    . HOH F 4 .  ? -4.567 13.146  12.263  1.00 38.29 ? 241 HOH A O    1 
HETATM 1018 O  O    . HOH F 4 .  ? 0.802  -4.444  7.455   1.00 47.08 ? 242 HOH A O    1 
HETATM 1019 O  O    . HOH F 4 .  ? -3.521 2.196   7.089   1.00 33.37 ? 243 HOH A O    1 
HETATM 1020 O  O    . HOH F 4 .  ? -5.859 4.637   -1.955  1.00 35.35 ? 244 HOH A O    1 
HETATM 1021 O  O    . HOH F 4 .  ? -3.981 11.506  -1.156  1.00 42.98 ? 245 HOH A O    1 
HETATM 1022 O  O    . HOH F 4 .  ? -0.209 -14.074 2.978   1.00 37.95 ? 246 HOH A O    1 
HETATM 1023 O  O    . HOH F 4 .  ? -1.056 38.980  6.375   1.00 60.84 ? 247 HOH A O    1 
HETATM 1024 O  O    . HOH F 4 .  ? -4.964 0.169   5.411   1.00 32.31 ? 248 HOH A O    1 
HETATM 1025 O  O    . HOH F 4 .  ? 5.870  18.850  0.993   1.00 49.33 ? 249 HOH A O    1 
HETATM 1026 O  O    . HOH F 4 .  ? -5.747 -2.763  2.396   1.00 42.85 ? 250 HOH A O    1 
HETATM 1027 O  O    . HOH F 4 .  ? 13.721 -22.415 2.740   1.00 43.01 ? 251 HOH A O    1 
HETATM 1028 O  O    . HOH F 4 .  ? 6.691  18.674  3.040   1.00 36.12 ? 252 HOH A O    1 
HETATM 1029 O  O    . HOH F 4 .  ? 15.094 -22.300 4.483   1.00 31.44 ? 253 HOH A O    1 
# 
loop_
_atom_site_anisotrop.id 
_atom_site_anisotrop.type_symbol 
_atom_site_anisotrop.pdbx_label_atom_id 
_atom_site_anisotrop.pdbx_label_alt_id 
_atom_site_anisotrop.pdbx_label_comp_id 
_atom_site_anisotrop.pdbx_label_asym_id 
_atom_site_anisotrop.pdbx_label_seq_id 
_atom_site_anisotrop.pdbx_PDB_ins_code 
_atom_site_anisotrop.U[1][1] 
_atom_site_anisotrop.U[2][2] 
_atom_site_anisotrop.U[3][3] 
_atom_site_anisotrop.U[1][2] 
_atom_site_anisotrop.U[1][3] 
_atom_site_anisotrop.U[2][3] 
_atom_site_anisotrop.pdbx_auth_seq_id 
_atom_site_anisotrop.pdbx_auth_comp_id 
_atom_site_anisotrop.pdbx_auth_asym_id 
_atom_site_anisotrop.pdbx_auth_atom_id 
1    C  C   . ACE A 1  ? 0.3364 0.3478 0.2841 -0.0979 -0.0102 0.0082  0   ACE H C   
2    O  O   . ACE A 1  ? 0.3390 0.3537 0.3229 -0.0967 -0.0022 0.0159  0   ACE H O   
3    C  CH3 . ACE A 1  ? 0.3311 0.3369 0.2804 -0.0897 -0.0140 0.0074  0   ACE H CH3 
7    N  N   . DLY A 2  ? 0.3514 0.3490 0.2937 -0.0901 -0.0324 0.0218  1   DLY H N   
8    C  CA  . DLY A 2  ? 0.3730 0.3468 0.3210 -0.0926 -0.0322 0.0332  1   DLY H CA  
9    C  C   . DLY A 2  ? 0.3423 0.3618 0.3044 -0.0865 -0.0255 0.0378  1   DLY H C   
10   O  O   . DLY A 2  ? 0.3472 0.4006 0.2974 -0.0635 -0.0108 0.0354  1   DLY H O   
11   C  CB  . DLY A 2  ? 0.4422 0.3628 0.3837 -0.0727 -0.0332 0.0400  1   DLY H CB  
12   C  CG  . DLY A 2  ? 0.4836 0.3821 0.4657 -0.0783 -0.0207 0.0334  1   DLY H CG  
13   C  CD  . DLY A 2  ? 0.5108 0.4100 0.5335 -0.0786 -0.0074 0.0228  1   DLY H CD  
14   C  CE  . DLY A 2  ? 0.5349 0.4331 0.5593 -0.0758 -0.0105 0.0138  1   DLY H CE  
15   N  NZ  . DLY A 2  ? 0.5532 0.4436 0.5720 -0.0786 -0.0111 0.0065  1   DLY H NZ  
16   N  N   . GLY A 3  ? 0.3034 0.3280 0.3318 -0.1115 -0.0235 0.0524  2   GLY H N   
17   C  CA  . GLY A 3  ? 0.2915 0.3370 0.3408 -0.0969 -0.0353 0.0448  2   GLY H CA  
18   C  C   . GLY A 3  ? 0.2839 0.3192 0.3438 -0.0645 -0.0408 0.0453  2   GLY H C   
19   O  O   . GLY A 3  ? 0.2595 0.2992 0.3547 -0.0502 -0.0320 0.0393  2   GLY H O   
23   N  N   . DHI A 4  ? 0.2968 0.3199 0.3399 -0.0519 -0.0455 0.0374  3   DHI H N   
24   C  CA  . DHI A 4  ? 0.2970 0.3120 0.3497 -0.0394 -0.0431 0.0364  3   DHI H CA  
25   C  C   . DHI A 4  ? 0.2953 0.2749 0.2751 -0.0480 -0.0616 0.0218  3   DHI H C   
26   O  O   . DHI A 4  ? 0.3104 0.2408 0.2814 -0.0597 -0.0668 0.0178  3   DHI H O   
27   C  CB  . DHI A 4  ? 0.3071 0.3707 0.4319 -0.0309 -0.0027 0.0260  3   DHI H CB  
28   C  CG  . DHI A 4  ? 0.3198 0.3989 0.5071 -0.0390 0.0337  0.0153  3   DHI H CG  
29   N  ND1 . DHI A 4  ? 0.3358 0.4113 0.5371 -0.0398 0.0456  0.0096  3   DHI H ND1 
30   C  CD2 . DHI A 4  ? 0.3271 0.4051 0.5369 -0.0554 0.0533  0.0069  3   DHI H CD2 
31   C  CE1 . DHI A 4  ? 0.3345 0.4231 0.5471 -0.0495 0.0519  -0.0011 3   DHI H CE1 
32   N  NE2 . DHI A 4  ? 0.3321 0.4136 0.5619 -0.0558 0.0567  -0.0005 3   DHI H NE2 
33   N  N   . DPR A 5  ? 0.2831 0.2616 0.2354 -0.0628 -0.0548 -0.0057 4   DPR H N   
34   C  CA  . DPR A 5  ? 0.2930 0.2534 0.2141 -0.0778 -0.0411 -0.0011 4   DPR H CA  
35   C  CB  . DPR A 5  ? 0.2878 0.2660 0.2593 -0.0946 -0.0105 -0.0252 4   DPR H CB  
36   C  CG  . DPR A 5  ? 0.2833 0.2749 0.2666 -0.0931 -0.0054 -0.0542 4   DPR H CG  
37   C  CD  . DPR A 5  ? 0.2881 0.2840 0.2219 -0.0576 -0.0439 -0.0248 4   DPR H CD  
38   C  C   . DPR A 5  ? 0.2961 0.2317 0.2399 -0.0599 -0.0514 0.0242  4   DPR H C   
39   O  O   . DPR A 5  ? 0.3011 0.2354 0.2263 -0.0633 -0.0455 0.0195  4   DPR H O   
40   N  N   . DCY A 6  ? 0.2921 0.2541 0.2806 -0.0458 -0.0523 0.0196  5   DCY H N   
41   C  CA  . DCY A 6  ? 0.3187 0.2790 0.2861 -0.0413 -0.0643 0.0162  5   DCY H CA  
42   C  C   . DCY A 6  ? 0.3243 0.2934 0.2757 -0.0704 -0.0562 0.0075  5   DCY H C   
43   O  O   . DCY A 6  ? 0.3464 0.3009 0.2685 -0.0793 -0.0594 0.0000  5   DCY H O   
44   C  CB  . DCY A 6  ? 0.3336 0.3060 0.3350 -0.0259 -0.0571 0.0204  5   DCY H CB  
45   S  SG  . DCY A 6  ? 0.3508 0.3598 0.3582 -0.0189 -0.0286 -0.0036 5   DCY H SG  
46   N  N   . DAS A 7  ? 0.3165 0.2823 0.2722 -0.0769 -0.0561 0.0164  6   DAS H N   
47   C  CA  . DAS A 7  ? 0.3346 0.2996 0.2758 -0.0916 -0.0614 0.0064  6   DAS H CA  
48   C  C   . DAS A 7  ? 0.3524 0.2655 0.2628 -0.0867 -0.0883 0.0140  6   DAS H C   
49   O  O   . DAS A 7  ? 0.3565 0.2792 0.2910 -0.1058 -0.0979 -0.0105 6   DAS H O   
50   C  CB  . DAS A 7  ? 0.3295 0.3438 0.3151 -0.0979 -0.0512 0.0004  6   DAS H CB  
51   C  CG  . DAS A 7  ? 0.3360 0.4019 0.3344 -0.0898 -0.0369 0.0075  6   DAS H CG  
52   O  OD1 . DAS A 7  ? 0.3335 0.4268 0.3742 -0.0675 -0.0190 0.0177  6   DAS H OD1 
53   O  OD2 . DAS A 7  ? 0.3410 0.4149 0.3184 -0.1146 -0.0482 0.0067  6   DAS H OD2 
54   N  N   . DTY A 8  ? 0.3569 0.2408 0.2453 -0.0737 -0.0976 0.0232  7   DTY H N   
55   C  CA  . DTY A 8  ? 0.3664 0.2247 0.2299 -0.0679 -0.0858 0.0211  7   DTY H CA  
56   C  C   . DTY A 8  ? 0.3622 0.1967 0.2027 -0.0352 -0.0956 0.0087  7   DTY H C   
57   O  O   . DTY A 8  ? 0.3559 0.2020 0.2213 -0.0667 -0.0673 -0.0237 7   DTY H O   
58   C  CB  . DTY A 8  ? 0.3911 0.2300 0.2391 -0.0818 -0.0883 0.0373  7   DTY H CB  
59   C  CG  . DTY A 8  ? 0.4165 0.2441 0.2355 -0.1129 -0.0848 0.0350  7   DTY H CG  
60   C  CD1 . DTY A 8  ? 0.4319 0.2560 0.3052 -0.1071 -0.0438 0.0508  7   DTY H CD1 
61   C  CD2 . DTY A 8  ? 0.4228 0.2661 0.2009 -0.1056 -0.0988 0.0448  7   DTY H CD2 
62   C  CE1 . DTY A 8  ? 0.4386 0.2718 0.3091 -0.1076 -0.0413 0.0645  7   DTY H CE1 
63   C  CE2 . DTY A 8  ? 0.4212 0.2733 0.2425 -0.1132 -0.0848 0.0374  7   DTY H CE2 
64   C  CZ  . DTY A 8  ? 0.4337 0.2832 0.2940 -0.1129 -0.0577 0.0650  7   DTY H CZ  
65   O  OH  . DTY A 8  ? 0.4370 0.3134 0.3125 -0.1117 -0.0356 0.0780  7   DTY H OH  
66   N  N   . DPR A 9  ? 0.3690 0.1849 0.2115 -0.0354 -0.1138 -0.0188 8   DPR H N   
67   C  CA  . DPR A 9  ? 0.3640 0.1882 0.1933 -0.0074 -0.1136 -0.0062 8   DPR H CA  
68   C  CB  . DPR A 9  ? 0.3652 0.2122 0.2051 -0.0109 -0.1153 -0.0282 8   DPR H CB  
69   C  CG  . DPR A 9  ? 0.3616 0.2396 0.2397 -0.0262 -0.1083 -0.0547 8   DPR H CG  
70   C  CD  . DPR A 9  ? 0.3631 0.2142 0.2183 -0.0399 -0.1279 -0.0444 8   DPR H CD  
71   C  C   . DPR A 9  ? 0.3579 0.1859 0.1784 0.0058  -0.1029 -0.0200 8   DPR H C   
72   O  O   . DPR A 9  ? 0.3589 0.2052 0.1589 0.0076  -0.0740 -0.0217 8   DPR H O   
73   N  N   . DGL A 10 ? 0.3499 0.1946 0.1880 0.0264  -0.0969 -0.0271 9   DGL H N   
74   C  CA  . DGL A 10 ? 0.3554 0.2059 0.2297 0.0229  -0.0919 -0.0333 9   DGL H CA  
75   C  C   . DGL A 10 ? 0.3333 0.2071 0.1911 0.0246  -0.0821 -0.0273 9   DGL H C   
76   O  O   . DGL A 10 ? 0.3035 0.2341 0.2451 0.0244  -0.0634 -0.0316 9   DGL H O   
77   C  CB  . DGL A 10 ? 0.3911 0.2228 0.3173 0.0329  -0.0989 -0.0264 9   DGL H CB  
78   C  CG  . DGL A 10 ? 0.4366 0.2691 0.3938 0.0398  -0.0963 -0.0152 9   DGL H CG  
79   C  CD  . DGL A 10 ? 0.4844 0.2381 0.3812 0.0536  -0.1244 0.0066  9   DGL H CD  
80   O  OE1 . DGL A 10 ? 0.5220 0.2194 0.3537 0.0412  -0.1552 0.0081  9   DGL H OE1 
81   O  OE2 . DGL A 10 ? 0.4750 0.3110 0.4930 0.0414  -0.0756 0.0004  9   DGL H OE2 
82   N  N   . DTR A 11 ? 0.3297 0.1696 0.1604 0.0235  -0.0749 -0.0143 10  DTR H N   
83   C  CA  . DTR A 11 ? 0.3077 0.1545 0.1567 0.0156  -0.0870 -0.0081 10  DTR H CA  
84   C  CB  . DTR A 11 ? 0.3040 0.1707 0.1811 0.0011  -0.0743 -0.0212 10  DTR H CB  
85   C  CG  . DTR A 11 ? 0.3192 0.1752 0.1776 -0.0142 -0.0715 0.0027  10  DTR H CG  
86   C  CD1 . DTR A 11 ? 0.3217 0.1857 0.2095 -0.0206 -0.0956 0.0234  10  DTR H CD1 
87   N  NE1 . DTR A 11 ? 0.3236 0.1993 0.2547 -0.0212 -0.0930 0.0238  10  DTR H NE1 
88   C  CE2 . DTR A 11 ? 0.3302 0.1988 0.1951 -0.0272 -0.0978 0.0099  10  DTR H CE2 
89   C  CZ2 . DTR A 11 ? 0.3281 0.1993 0.2315 -0.0341 -0.0953 0.0156  10  DTR H CZ2 
90   C  CH2 . DTR A 11 ? 0.3201 0.1990 0.2384 -0.0290 -0.0825 -0.0029 10  DTR H CH2 
91   C  CZ3 . DTR A 11 ? 0.3006 0.2209 0.2211 -0.0427 -0.0631 -0.0208 10  DTR H CZ3 
92   C  CE3 . DTR A 11 ? 0.2880 0.2157 0.1832 -0.0497 -0.0600 -0.0154 10  DTR H CE3 
93   C  CD2 . DTR A 11 ? 0.3077 0.1825 0.1817 -0.0259 -0.0849 0.0019  10  DTR H CD2 
94   C  C   . DTR A 11 ? 0.2896 0.1513 0.1555 0.0213  -0.0749 -0.0127 10  DTR H C   
95   O  O   . DTR A 11 ? 0.2675 0.1566 0.1749 0.0094  -0.0521 -0.0333 10  DTR H O   
96   N  N   . DGN A 12 ? 0.3087 0.1459 0.1621 0.0140  -0.0860 0.0044  11  DGN H N   
97   C  CA  . DGN A 12 ? 0.3194 0.1759 0.1523 -0.0017 -0.0811 -0.0133 11  DGN H CA  
98   C  C   . DGN A 12 ? 0.3056 0.1769 0.1372 0.0023  -0.0575 -0.0147 11  DGN H C   
99   O  O   . DGN A 12 ? 0.2961 0.1679 0.1775 0.0047  -0.0621 -0.0260 11  DGN H O   
100  C  CB  . DGN A 12 ? 0.3334 0.1876 0.1479 0.0033  -0.0734 0.0005  11  DGN H CB  
101  C  CG  . DGN A 12 ? 0.3327 0.1943 0.1702 0.0139  -0.0703 -0.0108 11  DGN H CG  
102  C  CD  . DGN A 12 ? 0.3458 0.2183 0.2235 0.0145  -0.0841 -0.0058 11  DGN H CD  
103  O  OE1 . DGN A 12 ? 0.3574 0.2490 0.2441 0.0140  -0.0809 0.0150  11  DGN H OE1 
104  N  NE2 . DGN A 12 ? 0.3470 0.2233 0.2467 0.0396  -0.1031 -0.0030 11  DGN H NE2 
105  N  N   . DTR A 13 ? 0.2955 0.1816 0.1538 0.0132  -0.0354 -0.0051 12  DTR H N   
106  C  CA  . DTR A 13 ? 0.2738 0.1969 0.1817 0.0133  -0.0062 0.0173  12  DTR H CA  
107  C  CB  . DTR A 13 ? 0.2633 0.2511 0.2358 0.0129  0.0169  0.0141  12  DTR H CB  
108  C  CG  . DTR A 13 ? 0.2601 0.2660 0.2384 0.0104  0.0050  -0.0065 12  DTR H CG  
109  C  CD1 . DTR A 13 ? 0.2685 0.2903 0.2338 0.0399  0.0088  -0.0119 12  DTR H CD1 
110  N  NE1 . DTR A 13 ? 0.2569 0.3087 0.2521 0.0456  0.0128  -0.0129 12  DTR H NE1 
111  C  CE2 . DTR A 13 ? 0.2446 0.3119 0.2577 0.0182  -0.0045 -0.0051 12  DTR H CE2 
112  C  CZ2 . DTR A 13 ? 0.2195 0.3106 0.3084 0.0108  -0.0072 0.0149  12  DTR H CZ2 
113  C  CH2 . DTR A 13 ? 0.2226 0.3167 0.3135 -0.0187 -0.0244 0.0127  12  DTR H CH2 
114  C  CZ3 . DTR A 13 ? 0.2418 0.3050 0.3063 -0.0435 -0.0305 -0.0083 12  DTR H CZ3 
115  C  CE3 . DTR A 13 ? 0.2448 0.3029 0.3118 -0.0403 -0.0083 -0.0174 12  DTR H CE3 
116  C  CD2 . DTR A 13 ? 0.2453 0.2899 0.2655 0.0018  0.0029  -0.0075 12  DTR H CD2 
117  C  C   . DTR A 13 ? 0.2936 0.1776 0.1863 -0.0112 -0.0281 0.0075  12  DTR H C   
118  O  O   . DTR A 13 ? 0.3303 0.1778 0.2445 -0.0280 -0.0252 0.0065  12  DTR H O   
119  N  N   . DLE A 14 ? 0.2685 0.1711 0.1532 -0.0039 -0.0375 -0.0035 13  DLE H N   
120  C  CA  . DLE A 14 ? 0.2638 0.1769 0.1503 -0.0099 -0.0484 -0.0060 13  DLE H CA  
121  C  CB  . DLE A 14 ? 0.2717 0.1822 0.1409 -0.0113 -0.0592 -0.0023 13  DLE H CB  
122  C  CG  . DLE A 14 ? 0.2756 0.1926 0.1783 -0.0119 -0.0665 -0.0216 13  DLE H CG  
123  C  CD1 . DLE A 14 ? 0.2552 0.2194 0.2263 -0.0091 -0.0652 -0.0440 13  DLE H CD1 
124  C  CD2 . DLE A 14 ? 0.2855 0.2099 0.1830 0.0002  -0.0680 0.0077  13  DLE H CD2 
125  C  C   . DLE A 14 ? 0.2730 0.1938 0.1406 -0.0027 -0.0542 -0.0333 13  DLE H C   
126  O  O   . DLE A 14 ? 0.3022 0.2052 0.1693 0.0302  -0.0654 -0.0219 13  DLE H O   
127  N  N   . DCY A 15 ? 0.2570 0.2229 0.1844 0.0002  -0.0441 0.0117  14  DCY H N   
128  C  CA  . DCY A 15 ? 0.2715 0.2493 0.2350 -0.0003 -0.0291 0.0088  14  DCY H CA  
129  C  C   . DCY A 15 ? 0.2831 0.2702 0.2217 0.0150  -0.0281 -0.0175 14  DCY H C   
130  O  O   . DCY A 15 ? 0.2843 0.3161 0.2460 0.0402  -0.0027 -0.0285 14  DCY H O   
131  C  CB  . DCY A 15 ? 0.2860 0.2789 0.2979 -0.0122 -0.0424 0.0041  14  DCY H CB  
132  S  SG  . DCY A 15 ? 0.3267 0.3056 0.3476 -0.0262 -0.0453 0.0192  14  DCY H SG  
133  N  N   . DGL A 16 ? 0.3001 0.2154 0.2085 0.0016  -0.0813 0.0042  15  DGL H N   
134  C  CA  . DGL A 16 ? 0.3365 0.2314 0.2075 0.0051  -0.0958 -0.0026 15  DGL H CA  
135  C  C   . DGL A 16 ? 0.3544 0.2313 0.2144 0.0490  -0.1036 -0.0088 15  DGL H C   
136  O  O   . DGL A 16 ? 0.3552 0.2281 0.2798 0.0700  -0.0921 0.0027  15  DGL H O   
137  C  CB  . DGL A 16 ? 0.3606 0.2312 0.2069 -0.0115 -0.0861 0.0242  15  DGL H CB  
138  C  CG  . DGL A 16 ? 0.3654 0.2813 0.2455 -0.0331 -0.0489 -0.0198 15  DGL H CG  
139  C  CD  . DGL A 16 ? 0.3741 0.3049 0.2740 -0.0398 -0.0327 -0.0155 15  DGL H CD  
140  O  OE1 . DGL A 16 ? 0.4009 0.3447 0.3159 -0.0453 -0.0200 -0.0302 15  DGL H OE1 
141  O  OE2 . DGL A 16 ? 0.3636 0.2905 0.2803 -0.0188 -0.0249 -0.0070 15  DGL H OE2 
142  N  N   . DLE A 17 ? 0.3679 0.2496 0.2223 0.0471  -0.1144 -0.0323 16  DLE H N   
143  C  CA  . DLE A 17 ? 0.3965 0.2559 0.2565 0.0325  -0.1164 -0.0475 16  DLE H CA  
144  C  CB  . DLE A 17 ? 0.3880 0.2500 0.2660 0.0160  -0.1234 -0.0397 16  DLE H CB  
145  C  CG  . DLE A 17 ? 0.3650 0.2544 0.3323 0.0086  -0.1048 -0.0259 16  DLE H CG  
146  C  CD1 . DLE A 17 ? 0.3469 0.2643 0.3167 0.0093  -0.1145 -0.0381 16  DLE H CD1 
147  C  CD2 . DLE A 17 ? 0.3599 0.2637 0.3955 0.0247  -0.0882 0.0009  16  DLE H CD2 
148  C  C   . DLE A 17 ? 0.4359 0.2697 0.2866 0.0471  -0.0957 -0.0597 16  DLE H C   
149  O  O   . DLE A 17 ? 0.4601 0.2843 0.3403 0.0336  -0.0752 -0.0863 16  DLE H O   
150  N  N   . NH2 A 18 ? 0.4403 0.2657 0.2972 0.0532  -0.0629 -0.0720 17  NH2 H N   
151  C  C   . ACE B 1  ? 0.5496 0.1819 0.3744 0.0383  -0.0546 -0.0515 0   ACE A C   
152  O  O   . ACE B 1  ? 0.5228 0.2045 0.3734 0.0344  -0.0061 -0.0815 0   ACE A O   
153  C  CH3 . ACE B 1  ? 0.5506 0.1906 0.3895 0.0520  -0.0658 -0.0252 0   ACE A CH3 
157  N  N   . ARG B 2  ? 0.5737 0.1939 0.3606 0.0238  -0.0748 -0.0694 1   ARG A N   
158  C  CA  . ARG B 2  ? 0.6007 0.2136 0.3810 0.0126  -0.0791 -0.0682 1   ARG A CA  
159  C  C   . ARG B 2  ? 0.5926 0.2143 0.3468 -0.0058 -0.0895 -0.0850 1   ARG A C   
160  O  O   . ARG B 2  ? 0.5710 0.2009 0.3768 -0.0103 -0.1075 -0.0838 1   ARG A O   
161  C  CB  . ARG B 2  ? 0.6329 0.2510 0.4528 0.0065  -0.0576 -0.0651 1   ARG A CB  
162  C  CG  . ARG B 2  ? 0.6587 0.2797 0.5059 -0.0163 -0.0227 -0.0784 1   ARG A CG  
163  C  CD  . ARG B 2  ? 0.6740 0.3097 0.5763 -0.0297 0.0152  -0.0841 1   ARG A CD  
164  N  NE  . ARG B 2  ? 0.6866 0.3113 0.6395 -0.0465 0.0452  -0.0901 1   ARG A NE  
165  C  CZ  . ARG B 2  ? 0.6833 0.3061 0.6875 -0.0606 0.0669  -0.1039 1   ARG A CZ  
166  N  NH1 . ARG B 2  ? 0.6821 0.3019 0.6928 -0.0538 0.0794  -0.1106 1   ARG A NH1 
167  N  NH2 . ARG B 2  ? 0.6704 0.3064 0.7215 -0.0569 0.0788  -0.1093 1   ARG A NH2 
181  N  N   . MSE B 3  ? 0.5792 0.2175 0.3159 0.0189  -0.0856 -0.0703 2   MSE A N   
182  C  CA  . MSE B 3  ? 0.5775 0.3138 0.3093 0.0061  -0.0807 -0.0977 2   MSE A CA  
183  C  C   . MSE B 3  ? 0.5429 0.2252 0.3182 0.0451  -0.0870 -0.0671 2   MSE A C   
184  O  O   . MSE B 3  ? 0.5233 0.1840 0.3653 0.0406  -0.0989 -0.0551 2   MSE A O   
185  C  CB  . MSE B 3  ? 0.5915 0.4355 0.4063 -0.0195 -0.0350 -0.1012 2   MSE A CB  
186  C  CG  . MSE B 3  ? 0.6005 0.5791 0.5082 -0.0479 0.0204  -0.1084 2   MSE A CG  
187  SE SE  . MSE B 3  ? 0.6081 0.7042 0.6093 -0.0704 0.0603  -0.1117 2   MSE A SE  
188  C  CE  . MSE B 3  ? 0.6050 0.6918 0.6000 -0.0721 0.0550  -0.1172 2   MSE A CE  
193  N  N   . LYS B 4  ? 0.5287 0.1851 0.2953 0.0681  -0.0808 -0.0499 3   LYS A N   
194  C  CA  . LYS B 4  ? 0.5205 0.2116 0.3241 0.0753  -0.0545 -0.0496 3   LYS A CA  
195  C  C   . LYS B 4  ? 0.4878 0.1780 0.3155 0.0511  -0.0433 -0.0536 3   LYS A C   
196  O  O   . LYS B 4  ? 0.4989 0.1818 0.2803 0.0556  -0.0628 -0.0794 3   LYS A O   
197  C  CB  . LYS B 4  ? 0.5602 0.2632 0.3916 0.0851  -0.0332 -0.0527 3   LYS A CB  
198  C  CG  . LYS B 4  ? 0.5923 0.3082 0.5085 0.0773  -0.0130 -0.0517 3   LYS A CG  
199  C  CD  . LYS B 4  ? 0.6184 0.3352 0.5810 0.0795  0.0006  -0.0467 3   LYS A CD  
200  C  CE  . LYS B 4  ? 0.6325 0.3382 0.6122 0.0929  0.0092  -0.0415 3   LYS A CE  
201  N  NZ  . LYS B 4  ? 0.6375 0.3349 0.6117 0.1044  0.0071  -0.0331 3   LYS A NZ  
215  N  N   . GLN B 5  ? 0.4530 0.1577 0.3426 0.0151  -0.0221 -0.0407 4   GLN A N   
216  C  CA  . GLN B 5  ? 0.4298 0.1596 0.3784 0.0011  0.0028  -0.0041 4   GLN A CA  
217  C  C   . GLN B 5  ? 0.3865 0.1511 0.3523 -0.0183 -0.0001 -0.0180 4   GLN A C   
218  O  O   . GLN B 5  ? 0.3475 0.1628 0.3532 -0.0227 0.0122  -0.0337 4   GLN A O   
219  C  CB  . GLN B 5  ? 0.4666 0.1879 0.4534 -0.0296 0.0280  0.0011  4   GLN A CB  
220  C  CG  . GLN B 5  ? 0.5050 0.2654 0.5315 -0.0593 0.0627  -0.0279 4   GLN A CG  
221  C  CD  . GLN B 5  ? 0.5390 0.3490 0.5707 -0.0849 0.0956  -0.0607 4   GLN A CD  
222  O  OE1 . GLN B 5  ? 0.5608 0.3698 0.5313 -0.0877 0.0836  -0.0884 4   GLN A OE1 
223  N  NE2 . GLN B 5  ? 0.5449 0.3892 0.6203 -0.0986 0.1214  -0.0650 4   GLN A NE2 
232  N  N   . ILE B 6  ? 0.3774 0.1522 0.3637 -0.0235 0.0029  -0.0267 5   ILE A N   
233  C  CA  . ILE B 6  ? 0.3641 0.1884 0.3295 -0.0141 0.0027  -0.0393 5   ILE A CA  
234  C  C   . ILE B 6  ? 0.3461 0.1790 0.2808 0.0139  -0.0004 -0.0517 5   ILE A C   
235  O  O   . ILE B 6  ? 0.3542 0.1566 0.2731 0.0193  0.0256  -0.0409 5   ILE A O   
236  C  CB  . ILE B 6  ? 0.3830 0.2129 0.2855 -0.0082 -0.0161 -0.0344 5   ILE A CB  
237  C  CG1 . ILE B 6  ? 0.4177 0.2372 0.2979 -0.0197 -0.0219 -0.0279 5   ILE A CG1 
238  C  CG2 . ILE B 6  ? 0.3600 0.2093 0.3063 0.0145  -0.0076 -0.0275 5   ILE A CG2 
239  C  CD1 . ILE B 6  ? 0.4322 0.2424 0.3115 -0.0037 -0.0218 -0.0162 5   ILE A CD1 
251  N  N   . GLU B 7  ? 0.3076 0.1752 0.2870 0.0112  -0.0042 -0.0591 6   GLU A N   
252  C  CA  . GLU B 7  ? 0.2770 0.1928 0.2984 0.0156  0.0141  -0.0640 6   GLU A CA  
253  C  C   . GLU B 7  ? 0.2813 0.1619 0.2820 0.0046  0.0033  -0.0454 6   GLU A C   
254  O  O   . GLU B 7  ? 0.2714 0.1576 0.2961 -0.0129 0.0078  -0.0564 6   GLU A O   
255  C  CB  . GLU B 7  ? 0.2728 0.2559 0.3402 0.0186  0.0306  -0.0734 6   GLU A CB  
256  C  CG  . GLU B 7  ? 0.2872 0.3001 0.3924 0.0151  0.0464  -0.0866 6   GLU A CG  
257  C  CD  . GLU B 7  ? 0.3203 0.3404 0.4717 0.0150  0.0494  -0.0925 6   GLU A CD  
258  O  OE1 . GLU B 7  ? 0.3421 0.3431 0.4653 0.0316  0.0183  -0.0839 6   GLU A OE1 
259  O  OE2 . GLU B 7  ? 0.3244 0.3642 0.5249 0.0174  0.0807  -0.1093 6   GLU A OE2 
266  N  N   . ASP B 8  ? 0.3122 0.1555 0.2487 0.0106  -0.0059 -0.0237 7   ASP A N   
267  C  CA  . ASP B 8  ? 0.3376 0.1730 0.2613 -0.0054 -0.0072 -0.0292 7   ASP A CA  
268  C  C   . ASP B 8  ? 0.3380 0.1512 0.2699 -0.0072 0.0027  -0.0300 7   ASP A C   
269  O  O   . ASP B 8  ? 0.3752 0.1556 0.2557 -0.0045 -0.0118 -0.0350 7   ASP A O   
270  C  CB  . ASP B 8  ? 0.3474 0.2060 0.3031 -0.0104 -0.0104 -0.0112 7   ASP A CB  
271  C  CG  . ASP B 8  ? 0.3624 0.2412 0.3498 -0.0116 -0.0105 -0.0033 7   ASP A CG  
272  O  OD1 . ASP B 8  ? 0.3676 0.2585 0.4181 -0.0092 0.0062  -0.0001 7   ASP A OD1 
273  O  OD2 . ASP B 8  ? 0.3605 0.2754 0.3408 -0.0003 -0.0169 -0.0202 7   ASP A OD2 
278  N  N   . LYS B 9  ? 0.3407 0.1344 0.2856 -0.0125 0.0127  -0.0189 8   LYS A N   
279  C  CA  . LYS B 9  ? 0.3282 0.1828 0.2814 -0.0095 0.0424  -0.0451 8   LYS A CA  
280  C  C   . LYS B 9  ? 0.3102 0.1421 0.2914 0.0028  0.0319  -0.0261 8   LYS A C   
281  O  O   . LYS B 9  ? 0.3181 0.1471 0.2687 0.0091  0.0274  -0.0297 8   LYS A O   
282  C  CB  . LYS B 9  ? 0.3495 0.2450 0.3702 -0.0297 0.0622  -0.0850 8   LYS A CB  
283  C  CG  . LYS B 9  ? 0.3925 0.2623 0.4211 -0.0273 0.0606  -0.0945 8   LYS A CG  
284  C  CD  . LYS B 9  ? 0.4167 0.2922 0.5202 -0.0238 0.0724  -0.0940 8   LYS A CD  
285  C  CE  . LYS B 9  ? 0.4515 0.2944 0.5731 -0.0269 0.0750  -0.0973 8   LYS A CE  
286  N  NZ  . LYS B 9  ? 0.4736 0.3015 0.6227 -0.0339 0.0814  -0.0959 8   LYS A NZ  
300  N  N   . ILE B 10 ? 0.3227 0.1328 0.2299 0.0069  0.0033  -0.0231 9   ILE A N   
301  C  CA  . ILE B 10 ? 0.3181 0.1612 0.2114 0.0303  -0.0027 -0.0348 9   ILE A CA  
302  C  C   . ILE B 10 ? 0.2816 0.1602 0.2262 0.0495  -0.0055 -0.0319 9   ILE A C   
303  O  O   . ILE B 10 ? 0.2699 0.1315 0.2461 0.0390  0.0181  -0.0220 9   ILE A O   
304  C  CB  . ILE B 10 ? 0.3298 0.1628 0.2126 0.0385  0.0112  -0.0256 9   ILE A CB  
305  C  CG1 . ILE B 10 ? 0.3543 0.1968 0.2136 0.0429  0.0078  -0.0257 9   ILE A CG1 
306  C  CG2 . ILE B 10 ? 0.3208 0.1706 0.2631 0.0320  0.0246  -0.0341 9   ILE A CG2 
307  C  CD1 . ILE B 10 ? 0.3624 0.2462 0.2129 0.0264  0.0206  -0.0525 9   ILE A CD1 
319  N  N   . GLU B 11 ? 0.2947 0.1508 0.2189 0.0530  -0.0310 -0.0210 10  GLU A N   
320  C  CA  . GLU B 11 ? 0.2936 0.1619 0.2336 0.0585  -0.0332 -0.0220 10  GLU A CA  
321  C  C   . GLU B 11 ? 0.3017 0.1407 0.2554 0.0269  -0.0334 -0.0343 10  GLU A C   
322  O  O   . GLU B 11 ? 0.2980 0.1364 0.2425 0.0303  -0.0641 -0.0422 10  GLU A O   
323  C  CB  . GLU B 11 ? 0.3286 0.2006 0.2866 0.0760  -0.0475 -0.0238 10  GLU A CB  
324  C  CG  . GLU B 11 ? 0.3727 0.2466 0.3336 0.0595  -0.0676 -0.0135 10  GLU A CG  
325  C  CD  . GLU B 11 ? 0.4343 0.3156 0.3441 0.0249  -0.0634 -0.0501 10  GLU A CD  
326  O  OE1 . GLU B 11 ? 0.4454 0.3541 0.4059 0.0213  -0.0346 -0.0514 10  GLU A OE1 
327  O  OE2 . GLU B 11 ? 0.4646 0.3619 0.3412 0.0109  -0.0685 -0.0724 10  GLU A OE2 
334  N  N   . GLU B 12 ? 0.3030 0.1306 0.2553 0.0254  -0.0130 -0.0340 11  GLU A N   
335  C  CA  . GLU B 12 ? 0.3315 0.1503 0.2349 0.0244  -0.0125 -0.0147 11  GLU A CA  
336  C  C   . GLU B 12 ? 0.3057 0.1411 0.2434 0.0305  0.0039  -0.0160 11  GLU A C   
337  O  O   . GLU B 12 ? 0.3069 0.1340 0.2550 0.0185  0.0156  -0.0263 11  GLU A O   
338  C  CB  . GLU B 12 ? 0.3801 0.1968 0.2990 -0.0112 -0.0059 -0.0235 11  GLU A CB  
339  C  CG  . GLU B 12 ? 0.4399 0.2858 0.3807 -0.0342 0.0091  -0.0211 11  GLU A CG  
340  C  CD  . GLU B 12 ? 0.4872 0.3575 0.4704 -0.0484 0.0268  -0.0092 11  GLU A CD  
341  O  OE1 . GLU B 12 ? 0.5091 0.3929 0.4847 -0.0528 0.0246  -0.0173 11  GLU A OE1 
342  O  OE2 . GLU B 12 ? 0.5021 0.3980 0.5214 -0.0540 0.0476  -0.0116 11  GLU A OE2 
349  N  N   . ILE B 13 ? 0.3023 0.1139 0.2339 0.0147  0.0049  -0.0238 12  ILE A N   
350  C  CA  . ILE B 13 ? 0.2846 0.1372 0.2304 0.0164  -0.0100 -0.0178 12  ILE A CA  
351  C  C   . ILE B 13 ? 0.2452 0.1375 0.2213 0.0454  -0.0156 -0.0229 12  ILE A C   
352  O  O   . ILE B 13 ? 0.2369 0.1220 0.2579 0.0422  0.0131  -0.0290 12  ILE A O   
353  C  CB  . ILE B 13 ? 0.3092 0.1586 0.2364 0.0039  -0.0293 -0.0558 12  ILE A CB  
354  C  CG1 . ILE B 13 ? 0.3171 0.1746 0.2671 -0.0158 -0.0322 -0.0819 12  ILE A CG1 
355  C  CG2 . ILE B 13 ? 0.3146 0.1639 0.2468 0.0328  -0.0482 -0.0383 12  ILE A CG2 
356  C  CD1 . ILE B 13 ? 0.3144 0.2000 0.3326 -0.0024 -0.0060 -0.0708 12  ILE A CD1 
368  N  N   . GLU B 14 ? 0.2427 0.1515 0.2264 0.0448  -0.0201 -0.0292 13  GLU A N   
369  C  CA  . GLU B 14 ? 0.2352 0.1794 0.2495 0.0527  -0.0333 -0.0124 13  GLU A CA  
370  C  C   . GLU B 14 ? 0.2474 0.1544 0.2487 0.0432  -0.0435 -0.0239 13  GLU A C   
371  O  O   . GLU B 14 ? 0.2181 0.1374 0.3188 0.0258  -0.0252 -0.0293 13  GLU A O   
372  C  CB  . GLU B 14 ? 0.2632 0.2360 0.3134 0.0454  -0.0161 0.0012  13  GLU A CB  
373  C  CG  . GLU B 14 ? 0.3003 0.3146 0.4393 0.0286  0.0232  0.0075  13  GLU A CG  
374  C  CD  . GLU B 14 ? 0.3230 0.3755 0.5558 0.0249  0.0620  0.0152  13  GLU A CD  
375  O  OE1 . GLU B 14 ? 0.3289 0.3944 0.5807 0.0428  0.0602  0.0239  13  GLU A OE1 
376  O  OE2 . GLU B 14 ? 0.3389 0.4209 0.6275 0.0195  0.0866  0.0075  13  GLU A OE2 
383  N  N   . SER B 15 ? 0.2846 0.1549 0.2400 0.0260  -0.0333 -0.0313 14  SER A N   
384  C  CA  . SER B 15 ? 0.3265 0.1648 0.2493 0.0291  -0.0269 -0.0209 14  SER A CA  
385  C  C   . SER B 15 ? 0.3210 0.1512 0.2374 0.0351  -0.0165 -0.0264 14  SER A C   
386  O  O   . SER B 15 ? 0.3363 0.1713 0.2333 0.0167  -0.0443 -0.0423 14  SER A O   
387  C  CB  . SER B 15 ? 0.3809 0.2129 0.3037 0.0534  -0.0192 -0.0029 14  SER A CB  
388  O  OG  . SER B 15 ? 0.4353 0.2944 0.3720 0.0295  0.0012  -0.0349 14  SER A OG  
394  N  N   . LYS B 16 ? 0.3055 0.1352 0.2275 0.0396  -0.0136 -0.0158 15  LYS A N   
395  C  CA  . LYS B 16 ? 0.3006 0.1569 0.1970 0.0299  -0.0141 -0.0130 15  LYS A CA  
396  C  C   . LYS B 16 ? 0.2781 0.1270 0.1904 0.0249  0.0001  -0.0203 15  LYS A C   
397  O  O   . LYS B 16 ? 0.3045 0.1233 0.2101 0.0113  0.0181  -0.0299 15  LYS A O   
398  C  CB  . LYS B 16 ? 0.3011 0.2053 0.2616 0.0132  0.0064  -0.0162 15  LYS A CB  
399  C  CG  . LYS B 16 ? 0.3219 0.2551 0.3209 0.0097  0.0202  -0.0141 15  LYS A CG  
400  C  CD  . LYS B 16 ? 0.3397 0.2993 0.3365 0.0161  0.0386  -0.0311 15  LYS A CD  
401  C  CE  . LYS B 16 ? 0.3511 0.3585 0.3476 0.0244  0.0364  -0.0344 15  LYS A CE  
402  N  NZ  . LYS B 16 ? 0.3558 0.3914 0.3528 0.0176  0.0415  -0.0270 15  LYS A NZ  
416  N  N   . GLN B 17 ? 0.2340 0.1117 0.1895 0.0100  -0.0020 -0.0204 16  GLN A N   
417  C  CA  . GLN B 17 ? 0.2028 0.1160 0.1916 0.0168  -0.0111 -0.0281 16  GLN A CA  
418  C  C   . GLN B 17 ? 0.2031 0.1109 0.2101 0.0193  -0.0081 -0.0258 16  GLN A C   
419  O  O   . GLN B 17 ? 0.1921 0.1108 0.2214 -0.0051 0.0203  -0.0170 16  GLN A O   
420  C  CB  . GLN B 17 ? 0.2123 0.1320 0.1793 0.0236  -0.0108 -0.0363 16  GLN A CB  
421  C  CG  . GLN B 17 ? 0.1970 0.1372 0.2209 0.0162  0.0114  -0.0212 16  GLN A CG  
422  C  CD  . GLN B 17 ? 0.2163 0.1548 0.2192 0.0252  0.0203  -0.0078 16  GLN A CD  
423  O  OE1 . GLN B 17 ? 0.2286 0.1964 0.2462 0.0411  0.0439  -0.0148 16  GLN A OE1 
424  N  NE2 . GLN B 17 ? 0.2154 0.1775 0.2085 0.0306  0.0350  -0.0346 16  GLN A NE2 
433  N  N   . LYS B 18 ? 0.2235 0.1275 0.2478 0.0067  -0.0360 -0.0303 17  LYS A N   
434  C  CA  . LYS B 18 ? 0.2437 0.1509 0.2584 0.0204  -0.0542 -0.0295 17  LYS A CA  
435  C  C   . LYS B 18 ? 0.2585 0.1406 0.2354 0.0225  -0.0472 -0.0363 17  LYS A C   
436  O  O   . LYS B 18 ? 0.2413 0.1345 0.2555 0.0150  -0.0583 -0.0508 17  LYS A O   
437  C  CB  . LYS B 18 ? 0.2500 0.1620 0.3537 0.0141  -0.0565 -0.0219 17  LYS A CB  
438  C  CG  . LYS B 18 ? 0.2866 0.2242 0.4283 -0.0095 -0.0223 -0.0354 17  LYS A CG  
439  C  CD  . LYS B 18 ? 0.3197 0.2688 0.5130 -0.0108 0.0086  -0.0252 17  LYS A CD  
440  C  CE  . LYS B 18 ? 0.3489 0.3217 0.5904 -0.0256 0.0492  -0.0275 17  LYS A CE  
441  N  NZ  . LYS B 18 ? 0.3762 0.3540 0.6197 -0.0305 0.0675  -0.0239 17  LYS A NZ  
455  N  N   . LYS B 19 ? 0.2750 0.1663 0.2195 0.0220  -0.0438 -0.0428 18  LYS A N   
456  C  CA  . LYS B 19 ? 0.2849 0.1875 0.2321 0.0218  -0.0344 -0.0291 18  LYS A CA  
457  C  C   . LYS B 19 ? 0.2603 0.1572 0.2045 -0.0012 -0.0167 -0.0322 18  LYS A C   
458  O  O   . LYS B 19 ? 0.2864 0.1466 0.2028 -0.0114 -0.0140 -0.0338 18  LYS A O   
459  C  CB  . LYS B 19 ? 0.3185 0.2222 0.3063 0.0161  0.0047  -0.0268 18  LYS A CB  
460  C  CG  . LYS B 19 ? 0.3799 0.2881 0.3934 -0.0251 0.0331  -0.0407 18  LYS A CG  
461  C  CD  . LYS B 19 ? 0.4241 0.3271 0.4592 -0.0414 0.0452  -0.0393 18  LYS A CD  
462  C  CE  . LYS B 19 ? 0.4521 0.3574 0.5134 -0.0527 0.0523  -0.0357 18  LYS A CE  
463  N  NZ  . LYS B 19 ? 0.4668 0.3860 0.5445 -0.0598 0.0563  -0.0331 18  LYS A NZ  
477  N  N   . ILE B 20 ? 0.2171 0.1314 0.2047 0.0090  -0.0155 -0.0286 19  ILE A N   
478  C  CA  . ILE B 20 ? 0.2019 0.1316 0.1736 -0.0122 0.0011  -0.0365 19  ILE A CA  
479  C  C   . ILE B 20 ? 0.1751 0.1334 0.1903 -0.0013 0.0139  -0.0380 19  ILE A C   
480  O  O   . ILE B 20 ? 0.1884 0.1335 0.2028 0.0112  0.0038  -0.0500 19  ILE A O   
481  C  CB  . ILE B 20 ? 0.2194 0.1348 0.2065 -0.0272 0.0134  -0.0499 19  ILE A CB  
482  C  CG1 . ILE B 20 ? 0.2173 0.1715 0.2465 -0.0406 0.0462  -0.0566 19  ILE A CG1 
483  C  CG2 . ILE B 20 ? 0.2331 0.1594 0.2000 -0.0039 -0.0020 -0.0382 19  ILE A CG2 
484  C  CD1 . ILE B 20 ? 0.2125 0.1798 0.2660 -0.0237 0.0272  -0.0485 19  ILE A CD1 
496  N  N   . GLU B 21 ? 0.1686 0.1245 0.1965 0.0019  -0.0046 -0.0231 20  GLU A N   
497  C  CA  . GLU B 21 ? 0.1631 0.1133 0.2150 0.0165  0.0065  -0.0342 20  GLU A CA  
498  C  C   . GLU B 21 ? 0.1803 0.1131 0.2177 0.0111  -0.0156 -0.0403 20  GLU A C   
499  O  O   . GLU B 21 ? 0.1666 0.1164 0.2392 0.0051  -0.0152 -0.0498 20  GLU A O   
500  C  CB  . GLU B 21 ? 0.1683 0.1647 0.2511 -0.0016 0.0417  -0.0300 20  GLU A CB  
501  C  CG  . GLU B 21 ? 0.2197 0.2353 0.2606 -0.0223 0.0626  -0.0611 20  GLU A CG  
502  C  CD  . GLU B 21 ? 0.2588 0.3003 0.3195 -0.0252 0.0513  -0.0705 20  GLU A CD  
503  O  OE1 . GLU B 21 ? 0.2665 0.2873 0.3667 -0.0133 0.0453  -0.0530 20  GLU A OE1 
504  O  OE2 . GLU B 21 ? 0.2930 0.3525 0.3414 -0.0368 0.0567  -0.0883 20  GLU A OE2 
511  N  N   . ASN B 22 ? 0.1953 0.1293 0.2468 0.0141  -0.0447 -0.0422 21  ASN A N   
512  C  CA  . ASN B 22 ? 0.2507 0.1644 0.2492 0.0226  -0.0641 -0.0241 21  ASN A CA  
513  C  C   . ASN B 22 ? 0.2604 0.1456 0.2102 0.0174  -0.0404 -0.0358 21  ASN A C   
514  O  O   . ASN B 22 ? 0.2767 0.1419 0.2403 0.0012  -0.0353 -0.0468 21  ASN A O   
515  C  CB  . ASN B 22 ? 0.3110 0.2293 0.2379 0.0152  -0.0783 -0.0290 21  ASN A CB  
516  C  CG  . ASN B 22 ? 0.3256 0.3140 0.2739 0.0081  -0.0548 -0.0375 21  ASN A CG  
517  O  OD1 . ASN B 22 ? 0.3574 0.3634 0.3100 -0.0085 -0.0263 -0.0436 21  ASN A OD1 
518  N  ND2 . ASN B 22 ? 0.3267 0.3392 0.2762 0.0218  -0.0579 -0.0337 21  ASN A ND2 
525  N  N   . GLU B 23 ? 0.2372 0.1297 0.2246 0.0046  -0.0081 -0.0281 22  GLU A N   
526  C  CA  . GLU B 23 ? 0.2420 0.1656 0.1879 -0.0039 -0.0005 -0.0292 22  GLU A CA  
527  C  C   . GLU B 23 ? 0.1972 0.1607 0.1980 0.0018  0.0093  -0.0357 22  GLU A C   
528  O  O   . GLU B 23 ? 0.2158 0.1513 0.2339 -0.0179 0.0374  -0.0530 22  GLU A O   
529  C  CB  . GLU B 23 ? 0.2819 0.2022 0.2773 -0.0266 0.0316  -0.0197 22  GLU A CB  
530  C  CG  . GLU B 23 ? 0.3365 0.2460 0.3593 0.0032  0.0390  -0.0053 22  GLU A CG  
531  C  CD  . GLU B 23 ? 0.3776 0.2712 0.4268 0.0260  0.0614  0.0110  22  GLU A CD  
532  O  OE1 . GLU B 23 ? 0.3993 0.2846 0.4589 0.0367  0.0520  0.0114  22  GLU A OE1 
533  O  OE2 . GLU B 23 ? 0.3954 0.3205 0.4527 0.0201  0.0850  -0.0104 22  GLU A OE2 
540  N  N   . ILE B 24 ? 0.1427 0.1356 0.2167 0.0041  0.0068  -0.0352 23  ILE A N   
541  C  CA  . ILE B 24 ? 0.1303 0.1429 0.1950 0.0165  -0.0159 -0.0327 23  ILE A CA  
542  C  C   . ILE B 24 ? 0.1182 0.1295 0.2262 0.0174  0.0028  -0.0418 23  ILE A C   
543  O  O   . ILE B 24 ? 0.1252 0.1321 0.2148 0.0027  0.0111  -0.0360 23  ILE A O   
544  C  CB  . ILE B 24 ? 0.1806 0.1291 0.2223 0.0146  -0.0419 -0.0245 23  ILE A CB  
545  C  CG1 . ILE B 24 ? 0.2136 0.1678 0.2875 -0.0012 -0.0203 -0.0519 23  ILE A CG1 
546  C  CG2 . ILE B 24 ? 0.1788 0.1636 0.2762 0.0265  -0.0246 -0.0311 23  ILE A CG2 
547  C  CD1 . ILE B 24 ? 0.2403 0.1727 0.3055 0.0245  -0.0251 -0.0446 23  ILE A CD1 
559  N  N   . ALA B 25 ? 0.1319 0.1205 0.2118 0.0263  -0.0204 -0.0492 24  ALA A N   
560  C  CA  . ALA B 25 ? 0.1247 0.1474 0.2284 0.0107  0.0144  -0.0669 24  ALA A CA  
561  C  C   . ALA B 25 ? 0.1220 0.1415 0.2102 0.0166  0.0038  -0.0478 24  ALA A C   
562  O  O   . ALA B 25 ? 0.1318 0.1206 0.2405 -0.0004 0.0109  -0.0598 24  ALA A O   
563  C  CB  . ALA B 25 ? 0.1336 0.1717 0.2568 0.0057  0.0150  -0.0778 24  ALA A CB  
569  N  N   . ARG B 26 ? 0.1452 0.1530 0.1906 0.0146  -0.0041 -0.0439 25  ARG A N   
570  C  CA  . ARG B 26 ? 0.1519 0.1841 0.1739 0.0073  -0.0032 -0.0501 25  ARG A CA  
571  C  C   . ARG B 26 ? 0.1500 0.1515 0.1887 0.0003  -0.0167 -0.0429 25  ARG A C   
572  O  O   . ARG B 26 ? 0.1415 0.1341 0.2045 0.0008  0.0008  -0.0488 25  ARG A O   
582  N  N   . ILE B 27 ? 0.1357 0.1484 0.1935 0.0057  -0.0086 -0.0402 26  ILE A N   
583  C  CA  . ILE B 27 ? 0.1266 0.1393 0.2038 -0.0092 0.0037  -0.0487 26  ILE A CA  
584  C  C   . ILE B 27 ? 0.1303 0.1439 0.2194 -0.0171 0.0225  -0.0625 26  ILE A C   
585  O  O   . ILE B 27 ? 0.1253 0.1280 0.2407 0.0061  0.0086  -0.0503 26  ILE A O   
586  C  CB  . ILE B 27 ? 0.1214 0.1834 0.2176 -0.0192 -0.0107 -0.0637 26  ILE A CB  
587  C  CG1 . ILE B 27 ? 0.1475 0.1802 0.2584 -0.0231 0.0303  -0.0597 26  ILE A CG1 
588  C  CG2 . ILE B 27 ? 0.1320 0.2262 0.2355 -0.0191 -0.0209 -0.0650 26  ILE A CG2 
589  C  CD1 . ILE B 27 ? 0.1453 0.1777 0.2734 -0.0446 0.0478  -0.0730 26  ILE A CD1 
601  N  N   . LYS B 28 ? 0.1180 0.1289 0.2189 0.0017  0.0026  -0.0467 27  LYS A N   
602  C  CA  . LYS B 28 ? 0.1402 0.1263 0.2115 0.0089  -0.0092 -0.0295 27  LYS A CA  
603  C  C   . LYS B 28 ? 0.1376 0.1404 0.2159 0.0021  0.0056  -0.0457 27  LYS A C   
604  O  O   . LYS B 28 ? 0.1659 0.1376 0.2240 0.0079  0.0136  -0.0448 27  LYS A O   
605  C  CB  . LYS B 28 ? 0.1787 0.1531 0.2108 -0.0132 0.0158  -0.0320 27  LYS A CB  
606  C  CG  . LYS B 28 ? 0.2352 0.1986 0.2313 -0.0114 0.0280  -0.0437 27  LYS A CG  
607  C  CD  . LYS B 28 ? 0.2791 0.2591 0.2995 -0.0224 0.0709  -0.0558 27  LYS A CD  
608  C  CE  . LYS B 28 ? 0.3061 0.3073 0.3936 -0.0382 0.1069  -0.0721 27  LYS A CE  
609  N  NZ  . LYS B 28 ? 0.3247 0.3488 0.4356 -0.0418 0.1281  -0.0686 27  LYS A NZ  
623  N  N   . LYS B 29 ? 0.1301 0.1329 0.1862 -0.0157 -0.0057 -0.0339 28  LYS A N   
624  C  CA  . LYS B 29 ? 0.1281 0.1653 0.2228 -0.0108 0.0034  -0.0495 28  LYS A CA  
625  C  C   . LYS B 29 ? 0.1350 0.1541 0.2019 -0.0130 0.0155  -0.0486 28  LYS A C   
626  O  O   . LYS B 29 ? 0.1685 0.1298 0.2188 -0.0192 0.0075  -0.0436 28  LYS A O   
627  C  CB  . LYS B 29 ? 0.1525 0.2234 0.2316 0.0112  -0.0329 -0.0709 28  LYS A CB  
628  C  CG  . LYS B 29 ? 0.1865 0.3077 0.2517 0.0303  -0.0718 -0.0891 28  LYS A CG  
629  C  CD  . LYS B 29 ? 0.2204 0.3707 0.3136 0.0377  -0.0711 -0.1018 28  LYS A CD  
630  C  CE  . LYS B 29 ? 0.2503 0.4197 0.3704 0.0407  -0.0642 -0.0995 28  LYS A CE  
631  N  NZ  . LYS B 29 ? 0.2642 0.4610 0.4175 0.0425  -0.0615 -0.0990 28  LYS A NZ  
645  N  N   . LEU B 30 ? 0.1202 0.1425 0.2123 0.0062  0.0337  -0.0198 29  LEU A N   
646  C  CA  . LEU B 30 ? 0.1387 0.1369 0.1931 0.0050  0.0088  -0.0306 29  LEU A CA  
647  C  C   . LEU B 30 ? 0.1405 0.1526 0.1724 0.0173  -0.0065 -0.0419 29  LEU A C   
648  O  O   . LEU B 30 ? 0.1599 0.1306 0.1779 0.0139  0.0267  -0.0402 29  LEU A O   
649  C  CB  . LEU B 30 ? 0.1542 0.1565 0.2227 0.0058  0.0408  0.0022  29  LEU A CB  
650  C  CG  . LEU B 30 ? 0.1977 0.2001 0.2294 0.0027  0.0390  -0.0075 29  LEU A CG  
651  C  CD1 . LEU B 30 ? 0.2222 0.2306 0.2153 0.0114  0.0383  -0.0210 29  LEU A CD1 
652  C  CD2 . LEU B 30 ? 0.2045 0.2321 0.2742 0.0079  0.0607  0.0105  29  LEU A CD2 
664  N  N   . LEU B 31 ? 0.1454 0.1600 0.1797 0.0182  -0.0331 -0.0400 30  LEU A N   
665  C  CA  . LEU B 31 ? 0.1718 0.1665 0.2050 0.0179  -0.0087 -0.0590 30  LEU A CA  
666  C  C   . LEU B 31 ? 0.1897 0.1590 0.1974 0.0319  -0.0150 -0.0518 30  LEU A C   
667  O  O   . LEU B 31 ? 0.1942 0.1639 0.2293 0.0561  -0.0437 -0.0612 30  LEU A O   
668  C  CB  . LEU B 31 ? 0.1840 0.2612 0.1893 0.0398  -0.0192 -0.0930 30  LEU A CB  
669  C  CG  . LEU B 31 ? 0.2056 0.2719 0.2265 0.0381  -0.0266 -0.0742 30  LEU A CG  
670  C  CD1 . LEU B 31 ? 0.2010 0.2668 0.2200 0.0395  -0.0306 -0.0634 30  LEU A CD1 
671  C  CD2 . LEU B 31 ? 0.2193 0.2850 0.1953 0.0138  -0.0472 -0.0848 30  LEU A CD2 
683  N  N   . GLN B 32 ? 0.1916 0.1575 0.2024 0.0317  0.0111  -0.0288 31  GLN A N   
684  C  CA  . GLN B 32 ? 0.2174 0.1650 0.2009 0.0163  0.0276  -0.0017 31  GLN A CA  
685  C  C   . GLN B 32 ? 0.2000 0.1420 0.1728 0.0001  0.0114  -0.0009 31  GLN A C   
686  O  O   . GLN B 32 ? 0.2067 0.1316 0.1986 0.0115  0.0314  0.0032  31  GLN A O   
687  C  CB  . GLN B 32 ? 0.2596 0.2093 0.2574 -0.0073 0.0490  -0.0046 31  GLN A CB  
688  C  CG  . GLN B 32 ? 0.3154 0.2655 0.3228 -0.0114 0.0450  0.0033  31  GLN A CG  
689  C  CD  . GLN B 32 ? 0.3685 0.3158 0.3913 -0.0193 0.0317  0.0016  31  GLN A CD  
690  O  OE1 . GLN B 32 ? 0.4014 0.3696 0.4155 -0.0337 0.0371  -0.0197 31  GLN A OE1 
691  N  NE2 . GLN B 32 ? 0.3835 0.3159 0.4120 -0.0095 0.0148  0.0239  31  GLN A NE2 
700  N  N   . LEU B 33 ? 0.1627 0.1303 0.1877 -0.0051 -0.0088 -0.0029 32  LEU A N   
701  C  CA  . LEU B 33 ? 0.1837 0.1307 0.1911 -0.0137 -0.0188 -0.0129 32  LEU A CA  
702  C  C   . LEU B 33 ? 0.1994 0.1341 0.1638 -0.0187 -0.0223 -0.0250 32  LEU A C   
703  O  O   . LEU B 33 ? 0.2016 0.1244 0.1600 -0.0180 -0.0057 -0.0193 32  LEU A O   
704  C  CB  . LEU B 33 ? 0.2126 0.1428 0.1961 0.0157  -0.0287 -0.0208 32  LEU A CB  
705  C  CG  . LEU B 33 ? 0.2378 0.1551 0.2681 0.0083  -0.0390 0.0035  32  LEU A CG  
706  C  CD1 . LEU B 33 ? 0.2622 0.2019 0.2785 0.0054  -0.0388 0.0043  32  LEU A CD1 
707  C  CD2 . LEU B 33 ? 0.2545 0.1784 0.3267 0.0217  -0.0560 0.0034  32  LEU A CD2 
719  N  N   . THR B 34 ? 0.1762 0.1181 0.1516 -0.0161 -0.0107 -0.0319 33  THR A N   
720  C  CA  . THR B 34 ? 0.1693 0.1160 0.1611 0.0065  0.0064  -0.0336 33  THR A CA  
721  C  C   . THR B 34 ? 0.1839 0.1366 0.1677 -0.0108 0.0124  -0.0436 33  THR A C   
722  O  O   . THR B 34 ? 0.1913 0.1095 0.1920 0.0010  0.0019  -0.0266 33  THR A O   
723  C  CB  . THR B 34 ? 0.1789 0.1351 0.1838 0.0151  0.0081  -0.0302 33  THR A CB  
724  O  OG1 . THR B 34 ? 0.1769 0.1430 0.2066 -0.0223 0.0246  -0.0359 33  THR A OG1 
725  C  CG2 . THR B 34 ? 0.1790 0.1514 0.2000 0.0134  0.0066  -0.0088 33  THR A CG2 
733  N  N   . VAL B 35 ? 0.1721 0.1079 0.1727 -0.0020 0.0025  -0.0174 34  VAL A N   
734  C  CA  . VAL B 35 ? 0.1940 0.1373 0.1779 -0.0022 -0.0224 -0.0166 34  VAL A CA  
735  C  C   . VAL B 35 ? 0.2079 0.1277 0.1849 -0.0006 -0.0224 -0.0131 34  VAL A C   
736  O  O   . VAL B 35 ? 0.2468 0.1346 0.1772 0.0101  -0.0268 0.0005  34  VAL A O   
737  C  CB  . VAL B 35 ? 0.2190 0.1576 0.1725 -0.0038 -0.0087 -0.0115 34  VAL A CB  
738  C  CG1 . VAL B 35 ? 0.2470 0.1742 0.1886 -0.0111 0.0137  -0.0051 34  VAL A CG1 
739  C  CG2 . VAL B 35 ? 0.2063 0.1923 0.1898 -0.0055 0.0030  -0.0348 34  VAL A CG2 
749  N  N   . TRP B 36 ? 0.2137 0.1213 0.1854 -0.0137 -0.0161 -0.0119 35  TRP A N   
750  C  CA  . TRP B 36 ? 0.2246 0.1241 0.1902 -0.0301 -0.0211 -0.0006 35  TRP A CA  
751  C  C   . TRP B 36 ? 0.2320 0.1183 0.1939 -0.0351 -0.0247 -0.0042 35  TRP A C   
752  O  O   . TRP B 36 ? 0.2620 0.1164 0.1692 -0.0343 -0.0368 0.0041  35  TRP A O   
753  C  CB  . TRP B 36 ? 0.2261 0.1517 0.2225 -0.0346 -0.0414 -0.0072 35  TRP A CB  
754  C  CG  . TRP B 36 ? 0.2340 0.1758 0.2267 -0.0608 -0.0540 0.0147  35  TRP A CG  
755  C  CD1 . TRP B 36 ? 0.2387 0.2029 0.2602 -0.0873 -0.0266 -0.0072 35  TRP A CD1 
756  C  CD2 . TRP B 36 ? 0.2455 0.1609 0.2349 -0.0654 -0.0419 0.0242  35  TRP A CD2 
757  N  NE1 . TRP B 36 ? 0.2707 0.2136 0.2865 -0.0963 -0.0275 -0.0031 35  TRP A NE1 
758  C  CE2 . TRP B 36 ? 0.2611 0.1956 0.2464 -0.0738 -0.0314 0.0019  35  TRP A CE2 
759  C  CE3 . TRP B 36 ? 0.2572 0.1825 0.2349 -0.0555 -0.0451 0.0129  35  TRP A CE3 
760  C  CZ2 . TRP B 36 ? 0.2739 0.2012 0.2640 -0.0806 -0.0309 -0.0007 35  TRP A CZ2 
761  C  CZ3 . TRP B 36 ? 0.2727 0.1907 0.2364 -0.0456 -0.0426 0.0293  35  TRP A CZ3 
762  C  CH2 . TRP B 36 ? 0.2785 0.2155 0.2479 -0.0573 -0.0380 -0.0028 35  TRP A CH2 
773  N  N   . GLY B 37 ? 0.2345 0.1111 0.1792 -0.0253 -0.0167 -0.0118 36  GLY A N   
774  C  CA  . GLY B 37 ? 0.2433 0.1215 0.1962 0.0077  -0.0143 -0.0083 36  GLY A CA  
775  C  C   . GLY B 37 ? 0.2636 0.1291 0.1589 0.0076  -0.0136 -0.0128 36  GLY A C   
776  O  O   . GLY B 37 ? 0.2999 0.1203 0.1610 0.0060  0.0030  -0.0193 36  GLY A O   
780  N  N   . ILE B 38 ? 0.2641 0.1049 0.1601 0.0073  -0.0372 0.0023  37  ILE A N   
781  C  CA  . ILE B 38 ? 0.2431 0.1223 0.1849 0.0131  -0.0148 -0.0079 37  ILE A CA  
782  C  C   . ILE B 38 ? 0.2568 0.1180 0.2226 0.0019  -0.0044 0.0032  37  ILE A C   
783  O  O   . ILE B 38 ? 0.2821 0.1415 0.2161 0.0170  -0.0168 -0.0020 37  ILE A O   
784  C  CB  . ILE B 38 ? 0.2483 0.1467 0.1781 0.0115  -0.0206 -0.0217 37  ILE A CB  
785  C  CG1 . ILE B 38 ? 0.2243 0.1573 0.1999 -0.0031 -0.0052 -0.0371 37  ILE A CG1 
786  C  CG2 . ILE B 38 ? 0.2623 0.1898 0.1827 0.0375  -0.0106 -0.0329 37  ILE A CG2 
787  C  CD1 . ILE B 38 ? 0.2087 0.1697 0.2551 0.0070  -0.0091 -0.0670 37  ILE A CD1 
799  N  N   . LYS B 39 ? 0.2705 0.1016 0.1853 0.0074  -0.0279 0.0191  38  LYS A N   
800  C  CA  . LYS B 39 ? 0.3002 0.1428 0.2094 -0.0089 -0.0311 0.0259  38  LYS A CA  
801  C  C   . LYS B 39 ? 0.3277 0.1373 0.2153 -0.0223 -0.0411 0.0117  38  LYS A C   
802  O  O   . LYS B 39 ? 0.3459 0.1090 0.2582 -0.0163 -0.0416 0.0318  38  LYS A O   
803  C  CB  . LYS B 39 ? 0.3141 0.1745 0.2510 -0.0208 -0.0249 0.0390  38  LYS A CB  
804  C  CG  . LYS B 39 ? 0.3181 0.2238 0.3085 -0.0423 -0.0102 0.0442  38  LYS A CG  
805  C  CD  . LYS B 39 ? 0.3274 0.2844 0.3622 -0.0452 0.0101  0.0415  38  LYS A CD  
806  C  CE  . LYS B 39 ? 0.3360 0.3336 0.4323 -0.0460 0.0273  0.0212  38  LYS A CE  
807  N  NZ  . LYS B 39 ? 0.3407 0.3853 0.4799 -0.0455 0.0352  0.0069  38  LYS A NZ  
821  N  N   . GLN B 40 ? 0.3237 0.1231 0.1890 -0.0228 -0.0327 -0.0015 39  GLN A N   
822  C  CA  . GLN B 40 ? 0.3305 0.1343 0.2038 -0.0163 -0.0471 0.0074  39  GLN A CA  
823  C  C   . GLN B 40 ? 0.3511 0.1141 0.2511 -0.0063 -0.0402 0.0038  39  GLN A C   
824  O  O   . GLN B 40 ? 0.3597 0.1157 0.3152 -0.0232 -0.0311 -0.0322 39  GLN A O   
825  C  CB  . GLN B 40 ? 0.3373 0.1791 0.1938 -0.0242 -0.0652 0.0011  39  GLN A CB  
826  C  CG  . GLN B 40 ? 0.3550 0.2162 0.2184 -0.0357 -0.0729 -0.0125 39  GLN A CG  
827  C  CD  . GLN B 40 ? 0.3722 0.2288 0.2681 -0.0536 -0.0572 -0.0149 39  GLN A CD  
828  O  OE1 . GLN B 40 ? 0.3747 0.2543 0.3371 -0.0425 -0.0559 -0.0128 39  GLN A OE1 
829  N  NE2 . GLN B 40 ? 0.3725 0.2569 0.3232 -0.0734 -0.0575 -0.0294 39  GLN A NE2 
838  N  N   . LEU B 41 ? 0.3859 0.1386 0.2454 0.0176  -0.0279 -0.0205 40  LEU A N   
839  C  CA  . LEU B 41 ? 0.4201 0.1168 0.2716 0.0159  -0.0213 0.0021  40  LEU A CA  
840  C  C   . LEU B 41 ? 0.4292 0.1365 0.2879 0.0242  0.0148  -0.0198 40  LEU A C   
841  O  O   . LEU B 41 ? 0.4237 0.1268 0.3504 0.0380  0.0226  -0.0301 40  LEU A O   
842  C  CB  . LEU B 41 ? 0.4437 0.1943 0.3106 0.0158  -0.0300 -0.0217 40  LEU A CB  
843  C  CG  . LEU B 41 ? 0.4595 0.2130 0.3080 0.0654  -0.0503 0.0037  40  LEU A CG  
844  C  CD1 . LEU B 41 ? 0.4575 0.2272 0.3522 0.0629  -0.0390 -0.0049 40  LEU A CD1 
845  C  CD2 . LEU B 41 ? 0.4580 0.2574 0.3013 0.0802  -0.0440 -0.0033 40  LEU A CD2 
857  N  N   . ARG B 42 ? 0.4441 0.1450 0.2346 0.0338  0.0316  0.0054  41  ARG A N   
858  C  CA  . ARG B 42 ? 0.4568 0.1477 0.2593 0.0330  0.0260  0.0312  41  ARG A CA  
859  C  C   . ARG B 42 ? 0.4420 0.1322 0.2588 0.0300  0.0070  0.0522  41  ARG A C   
860  O  O   . ARG B 42 ? 0.4718 0.1498 0.3351 0.0592  0.0042  0.0522  41  ARG A O   
861  C  CB  . ARG B 42 ? 0.4578 0.1535 0.2606 0.0327  0.0371  0.0466  41  ARG A CB  
862  C  CG  . ARG B 42 ? 0.4760 0.1736 0.2869 0.0148  0.0401  0.0250  41  ARG A CG  
863  C  CD  . ARG B 42 ? 0.4973 0.1971 0.2785 -0.0066 0.0219  0.0239  41  ARG A CD  
864  N  NE  . ARG B 42 ? 0.5184 0.2156 0.2884 -0.0240 0.0128  0.0385  41  ARG A NE  
865  C  CZ  . ARG B 42 ? 0.5350 0.2556 0.3003 -0.0321 0.0183  0.0394  41  ARG A CZ  
866  N  NH1 . ARG B 42 ? 0.5351 0.2831 0.3137 -0.0420 0.0214  0.0234  41  ARG A NH1 
867  N  NH2 . ARG B 42 ? 0.5539 0.2646 0.2879 -0.0091 0.0077  0.0632  41  ARG A NH2 
881  N  N   . ALA B 43 ? 0.4652 0.1388 0.3111 0.0072  0.0104  0.0299  42  ALA A N   
882  C  CA  . ALA B 43 ? 0.4503 0.1526 0.3432 0.0053  0.0175  0.0063  42  ALA A CA  
883  C  C   . ALA B 43 ? 0.4458 0.1544 0.3486 -0.0025 -0.0051 -0.0169 42  ALA A C   
884  O  O   . ALA B 43 ? 0.4474 0.1279 0.4205 -0.0112 0.0090  -0.0003 42  ALA A O   
885  C  CB  . ALA B 43 ? 0.4560 0.1768 0.3539 0.0102  0.0168  0.0157  42  ALA A CB  
891  N  N   . ARG B 44 ? 0.4274 0.1794 0.3203 0.0307  -0.0336 -0.0279 43  ARG A N   
892  C  CA  . ARG B 44 ? 0.4325 0.1993 0.3294 0.0566  -0.0439 -0.0504 43  ARG A CA  
893  C  C   . ARG B 44 ? 0.4094 0.1811 0.3513 0.0711  -0.0287 -0.0522 43  ARG A C   
894  O  O   . ARG B 44 ? 0.3948 0.1853 0.3972 0.0617  -0.0222 -0.1075 43  ARG A O   
895  C  CB  . ARG B 44 ? 0.4623 0.2431 0.3571 0.0692  -0.0412 -0.0552 43  ARG A CB  
896  C  CG  . ARG B 44 ? 0.5074 0.3059 0.4160 0.0570  -0.0348 -0.0645 43  ARG A CG  
897  C  CD  . ARG B 44 ? 0.5487 0.3725 0.4992 0.0369  -0.0159 -0.0681 43  ARG A CD  
898  N  NE  . ARG B 44 ? 0.5816 0.4273 0.5894 0.0103  0.0038  -0.0708 43  ARG A NE  
899  C  CZ  . ARG B 44 ? 0.6067 0.4545 0.6336 -0.0123 0.0153  -0.0752 43  ARG A CZ  
900  N  NH1 . ARG B 44 ? 0.6135 0.4595 0.6593 -0.0223 0.0166  -0.0702 43  ARG A NH1 
901  N  NH2 . ARG B 44 ? 0.6158 0.4702 0.6593 -0.0176 0.0232  -0.0792 43  ARG A NH2 
915  N  N   . ILE B 45 ? 0.4046 0.1790 0.3497 0.0747  -0.0266 -0.0154 44  ILE A N   
916  C  CA  . ILE B 45 ? 0.4075 0.2212 0.3719 0.1081  -0.0285 -0.0107 44  ILE A CA  
917  C  C   . ILE B 45 ? 0.4181 0.2187 0.3921 0.1210  -0.0218 -0.0221 44  ILE A C   
918  O  O   . ILE B 45 ? 0.3849 0.2146 0.4119 0.1075  -0.0117 -0.0432 44  ILE A O   
919  C  CB  . ILE B 45 ? 0.4197 0.2543 0.4157 0.0978  -0.0057 -0.0117 44  ILE A CB  
920  C  CG1 . ILE B 45 ? 0.4304 0.2875 0.4443 0.0590  0.0271  -0.0323 44  ILE A CG1 
921  C  CG2 . ILE B 45 ? 0.4146 0.2937 0.4509 0.0925  0.0064  -0.0364 44  ILE A CG2 
922  C  CD1 . ILE B 45 ? 0.4403 0.3208 0.4909 0.0397  0.0459  -0.0383 44  ILE A CD1 
934  N  N   . LEU B 46 ? 0.4661 0.2593 0.3696 0.1194  -0.0311 -0.0308 45  LEU A N   
935  C  CA  . LEU B 46 ? 0.4976 0.2688 0.3943 0.1410  -0.0369 -0.0260 45  LEU A CA  
936  C  C   . LEU B 46 ? 0.5237 0.2517 0.3974 0.1507  -0.0682 -0.0052 45  LEU A C   
937  O  O   . LEU B 46 ? 0.5442 0.2617 0.4163 0.1198  -0.0693 -0.0010 45  LEU A O   
938  C  CB  . LEU B 46 ? 0.5075 0.3174 0.4208 0.1317  -0.0053 -0.0522 45  LEU A CB  
939  C  CG  . LEU B 46 ? 0.5199 0.3672 0.4621 0.1087  0.0274  -0.0833 45  LEU A CG  
940  C  CD1 . LEU B 46 ? 0.5259 0.3913 0.4820 0.0909  0.0381  -0.0920 45  LEU A CD1 
941  C  CD2 . LEU B 46 ? 0.5276 0.3884 0.4643 0.1005  0.0419  -0.0976 45  LEU A CD2 
953  N  N   . NH2 B 47 ? 0.5301 0.2469 0.4170 0.1587  -0.0734 -0.0146 46  NH2 A N   
954  CL CL  . CL  C .  ? 0.2177 0.3652 0.1038 -0.0331 0.0362  -0.0081 101 CL  A CL  
955  CL CL  . CL  D .  ? 0.2822 0.1695 0.3007 -0.0073 0.1114  0.0174  102 CL  A CL  
956  O  O   . HOH E .  ? 0.3472 0.3520 0.4220 0.0316  -0.0221 -0.1129 201 HOH H O   
957  O  O   . HOH E .  ? 0.6483 0.5198 0.3771 -0.0101 -0.0578 -0.1958 202 HOH H O   
958  O  O   . HOH E .  ? 0.5645 0.3833 0.4509 -0.0707 0.0513  0.0684  203 HOH H O   
959  O  O   . HOH E .  ? 0.6976 0.3378 0.4504 -0.0927 -0.1995 0.0189  204 HOH H O   
960  O  O   . HOH E .  ? 0.3083 0.2996 0.4714 0.0087  -0.0190 0.0809  205 HOH H O   
961  O  O   . HOH E .  ? 0.5203 0.5788 0.3789 0.0089  0.0747  -0.0945 206 HOH H O   
962  O  O   . HOH E .  ? 0.4074 0.5523 0.3879 0.0518  -0.0031 -0.0052 207 HOH H O   
963  O  O   . HOH E .  ? 0.3766 0.2958 0.5652 -0.0009 -0.0085 0.1663  208 HOH H O   
964  O  O   . HOH E .  ? 0.5234 0.3942 0.6008 -0.0029 -0.1557 -0.1181 209 HOH H O   
965  O  O   . HOH E .  ? 0.7505 0.5621 0.5995 -0.0390 -0.0628 -0.0580 210 HOH H O   
966  O  O   . HOH E .  ? 0.8162 0.6309 0.5971 0.0079  -0.1020 -0.0081 211 HOH H O   
967  O  O   . HOH E .  ? 0.4561 0.3523 0.3501 0.2071  -0.1312 -0.0914 212 HOH H O   
968  O  O   . HOH E .  ? 0.5650 0.5371 0.5933 -0.2000 -0.1050 0.0443  213 HOH H O   
969  O  O   . HOH E .  ? 0.5247 0.4465 0.2586 0.1158  -0.0489 -0.1003 214 HOH H O   
970  O  O   . HOH E .  ? 0.5311 0.5852 0.3226 0.0583  -0.0622 0.0480  215 HOH H O   
971  O  O   . HOH E .  ? 0.2741 0.5215 0.6558 0.0314  -0.0316 0.0920  216 HOH H O   
972  O  O   . HOH E .  ? 0.5244 0.5051 0.4359 0.0993  0.0449  -0.0159 217 HOH H O   
973  O  O   . HOH E .  ? 0.4499 0.3717 0.4981 -0.0009 -0.0798 -0.0132 218 HOH H O   
974  O  O   . HOH E .  ? 0.5618 0.4136 0.4498 0.0450  -0.0200 0.0863  219 HOH H O   
975  O  O   . HOH E .  ? 0.5615 0.5059 0.5600 0.0789  -0.1313 0.0406  220 HOH H O   
976  O  O   . HOH E .  ? 0.7356 0.4782 0.3851 0.0006  -0.1074 -0.0565 221 HOH H O   
977  O  O   . HOH F .  ? 0.9116 0.4462 0.6478 -0.0083 0.0415  -0.1380 201 HOH A O   
978  O  O   . HOH F .  ? 0.7178 0.4486 0.6363 0.1279  -0.0070 0.1099  202 HOH A O   
979  O  O   . HOH F .  ? 0.9097 0.8421 0.8230 -0.0262 -0.0281 -0.0194 203 HOH A O   
980  O  O   . HOH F .  ? 0.6237 0.5668 0.6705 0.0001  -0.0415 0.0590  204 HOH A O   
981  O  O   . HOH F .  ? 0.8780 0.4224 0.5867 -0.0351 -0.0450 -0.0088 205 HOH A O   
982  O  O   . HOH F .  ? 0.6417 0.5615 0.6576 -0.0036 -0.0076 0.1068  206 HOH A O   
983  O  O   . HOH F .  ? 1.0527 0.5571 0.7764 -0.0022 0.0206  -0.0967 207 HOH A O   
984  O  O   . HOH F .  ? 0.4227 0.6143 0.3853 0.0658  -0.0006 -0.1345 208 HOH A O   
985  O  O   . HOH F .  ? 0.4120 0.3701 0.3467 0.0062  0.0266  -0.0332 209 HOH A O   
986  O  O   . HOH F .  ? 0.6488 0.3807 0.3349 0.0292  -0.0974 -0.0041 210 HOH A O   
987  O  O   . HOH F .  ? 0.7094 0.4813 0.4836 -0.0444 -0.0999 -0.0318 211 HOH A O   
988  O  O   . HOH F .  ? 0.8255 0.5261 0.7224 0.0655  -0.0459 0.0951  212 HOH A O   
989  O  O   . HOH F .  ? 0.3801 0.4118 0.3864 0.0745  -0.0209 -0.1378 213 HOH A O   
990  O  O   . HOH F .  ? 0.6565 0.4487 0.4785 0.0252  0.1172  -0.0886 214 HOH A O   
991  O  O   . HOH F .  ? 0.5340 0.4851 0.4046 0.1739  -0.0732 0.0592  215 HOH A O   
992  O  O   . HOH F .  ? 0.3795 0.6592 0.6603 -0.0091 0.0930  0.0501  216 HOH A O   
993  O  O   . HOH F .  ? 0.7579 0.4731 0.3407 0.0907  -0.0448 -0.0436 217 HOH A O   
994  O  O   . HOH F .  ? 0.6393 0.6683 0.6329 0.0899  -0.0830 0.0367  218 HOH A O   
995  O  O   . HOH F .  ? 0.3656 0.3878 0.5207 -0.0225 -0.0863 0.0474  219 HOH A O   
996  O  O   . HOH F .  ? 0.4533 0.3260 0.3118 0.0944  -0.1401 -0.1107 220 HOH A O   
997  O  O   . HOH F .  ? 0.5816 0.5109 0.2985 0.0734  -0.0273 -0.0069 221 HOH A O   
998  O  O   . HOH F .  ? 0.5822 0.5969 0.6288 0.0614  0.0661  -0.0475 222 HOH A O   
999  O  O   . HOH F .  ? 0.2561 0.3295 0.3652 -0.0111 0.0659  -0.0427 223 HOH A O   
1000 O  O   . HOH F .  ? 0.9958 0.5366 0.6441 0.0032  -0.0256 -0.0012 224 HOH A O   
1001 O  O   . HOH F .  ? 0.3286 0.3452 0.3939 -0.0151 0.0908  0.0158  225 HOH A O   
1002 O  O   . HOH F .  ? 0.7427 0.3413 0.6100 0.0158  -0.0279 0.0679  226 HOH A O   
1003 O  O   . HOH F .  ? 0.5994 0.3204 0.3119 0.1876  0.0218  -0.0672 227 HOH A O   
1004 O  O   . HOH F .  ? 0.5853 0.3918 0.3747 0.1321  0.0274  -0.0114 228 HOH A O   
1005 O  O   . HOH F .  ? 0.4573 0.2149 0.2503 -0.0625 0.0058  0.0394  229 HOH A O   
1006 O  O   . HOH F .  ? 0.4862 0.4662 0.3865 0.0189  -0.0817 -0.0827 230 HOH A O   
1007 O  O   . HOH F .  ? 0.3135 0.3027 0.5182 -0.0718 -0.0017 -0.0293 231 HOH A O   
1008 O  O   . HOH F .  ? 0.3627 0.3659 0.3576 -0.0959 -0.0494 0.0621  232 HOH A O   
1009 O  O   . HOH F .  ? 0.4832 0.3890 0.4118 -0.1115 0.0185  0.0232  233 HOH A O   
1010 O  O   . HOH F .  ? 0.4962 0.4082 0.3365 0.0614  -0.0256 -0.0695 234 HOH A O   
1011 O  O   . HOH F .  ? 0.2483 0.3544 0.4034 0.0422  -0.0051 -0.0781 235 HOH A O   
1012 O  O   . HOH F .  ? 0.6479 0.5217 0.5342 -0.0889 -0.0751 -0.0030 236 HOH A O   
1013 O  O   . HOH F .  ? 0.6986 0.6806 0.4983 -0.0471 -0.0797 -0.0302 237 HOH A O   
1014 O  O   . HOH F .  ? 0.5972 0.5197 0.6439 -0.0657 -0.0903 0.0432  238 HOH A O   
1015 O  O   . HOH F .  ? 0.7161 0.4142 0.6108 -0.0274 -0.0629 0.1416  239 HOH A O   
1016 O  O   . HOH F .  ? 0.7590 0.5612 0.5788 0.0450  -0.0619 0.0268  240 HOH A O   
1017 O  O   . HOH F .  ? 0.4339 0.5527 0.4684 -0.1173 0.0237  -0.1419 241 HOH A O   
1018 O  O   . HOH F .  ? 0.6064 0.5936 0.5889 0.0020  -0.0166 -0.0389 242 HOH A O   
1019 O  O   . HOH F .  ? 0.3873 0.5361 0.3444 -0.0819 0.0249  -0.0249 243 HOH A O   
1020 O  O   . HOH F .  ? 0.4048 0.5482 0.3900 -0.0200 -0.1433 -0.0261 244 HOH A O   
1021 O  O   . HOH F .  ? 0.6374 0.3863 0.6093 0.1383  -0.1271 0.0445  245 HOH A O   
1022 O  O   . HOH F .  ? 0.5574 0.4359 0.4486 -0.2032 -0.0234 0.0483  246 HOH A O   
1023 O  O   . HOH F .  ? 1.0475 0.5195 0.7446 0.0912  -0.0175 -0.0360 247 HOH A O   
1024 O  O   . HOH F .  ? 0.4004 0.4518 0.3754 0.0256  -0.0199 -0.0831 248 HOH A O   
1025 O  O   . HOH F .  ? 0.6376 0.6432 0.5935 -0.0113 0.0767  0.0027  249 HOH A O   
1026 O  O   . HOH F .  ? 0.4286 0.7500 0.4495 0.0194  -0.0006 -0.0309 250 HOH A O   
1027 O  O   . HOH F .  ? 0.6238 0.4608 0.5496 0.2075  0.0451  -0.1532 251 HOH A O   
1028 O  O   . HOH F .  ? 0.6497 0.2627 0.4603 0.0236  0.0217  0.0199  252 HOH A O   
1029 O  O   . HOH F .  ? 0.2726 0.3272 0.5947 0.0444  0.0688  0.0233  253 HOH A O   
# 
